data_9NI9
#
_entry.id   9NI9
#
_cell.length_a   1.00
_cell.length_b   1.00
_cell.length_c   1.00
_cell.angle_alpha   90.00
_cell.angle_beta   90.00
_cell.angle_gamma   90.00
#
_symmetry.space_group_name_H-M   'P 1'
#
loop_
_entity.id
_entity.type
_entity.pdbx_description
1 polymer 'RUu-Base-1 pAb heavy chain'
2 polymer 'RUu-Base-1 pAb light chain'
3 polymer 'BG505-CH505 Envelope glycoprotein gp120'
4 polymer 'BG505-CH505 Transmembrane protein gp41'
5 branched 2-acetamido-2-deoxy-beta-D-glucopyranose-(1-4)-2-acetamido-2-deoxy-beta-D-glucopyranose-(1-4)-2-acetamido-2-deoxy-beta-D-glucopyranose
6 branched beta-D-mannopyranose-(1-4)-2-acetamido-2-deoxy-beta-D-glucopyranose-(1-4)-2-acetamido-2-deoxy-beta-D-glucopyranose
7 non-polymer 2-acetamido-2-deoxy-beta-D-glucopyranose
#
loop_
_entity_poly.entity_id
_entity_poly.type
_entity_poly.pdbx_seq_one_letter_code
_entity_poly.pdbx_strand_id
1 'polypeptide(L)'
;(UNK)(UNK)(UNK)(UNK)(UNK)(UNK)(UNK)(UNK)(UNK)(UNK)(UNK)(UNK)(UNK)(UNK)(UNK)(UNK)
(UNK)(UNK)(UNK)(UNK)(UNK)C(UNK)(UNK)(UNK)(UNK)(UNK)(UNK)(UNK)(UNK)(UNK)(UNK)
(UNK)(UNK)(UNK)(UNK)W(UNK)(UNK)(UNK)(UNK)(UNK)(UNK)(UNK)(UNK)(UNK)(UNK)(UNK)
(UNK)(UNK)(UNK)(UNK)(UNK)(UNK)(UNK)(UNK)(UNK)(UNK)(UNK)(UNK)(UNK)(UNK)(UNK)(UNK)
(UNK)(UNK)(UNK)(UNK)(UNK)(UNK)(UNK)(UNK)(UNK)(UNK)(UNK)(UNK)(UNK)(UNK)(UNK)(UNK)
(UNK)(UNK)(UNK)(UNK)(UNK)(UNK)(UNK)(UNK)(UNK)(UNK)(UNK)(UNK)(UNK)(UNK)(UNK)(UNK)
C(UNK)(UNK)(UNK)(UNK)(UNK)(UNK)(UNK)(UNK)(UNK)(UNK)(UNK)(UNK)(UNK)(UNK)W(UNK)
(UNK)(UNK)(UNK)(UNK)(UNK)(UNK)(UNK)(UNK)(UNK)
;
H
2 'polypeptide(L)'
;(UNK)(UNK)(UNK)(UNK)(UNK)(UNK)(UNK)(UNK)(UNK)(UNK)(UNK)(UNK)(UNK)(UNK)(UNK)(UNK)
(UNK)(UNK)(UNK)(UNK)(UNK)C(UNK)(UNK)(UNK)(UNK)(UNK)(UNK)(UNK)(UNK)(UNK)(UNK)
(UNK)W(UNK)(UNK)(UNK)(UNK)(UNK)(UNK)(UNK)(UNK)(UNK)(UNK)(UNK)(UNK)(UNK)(UNK)
(UNK)(UNK)(UNK)(UNK)(UNK)(UNK)(UNK)(UNK)(UNK)(UNK)(UNK)(UNK)(UNK)(UNK)(UNK)(UNK)
(UNK)(UNK)(UNK)(UNK)(UNK)(UNK)(UNK)(UNK)(UNK)(UNK)(UNK)(UNK)(UNK)(UNK)(UNK)(UNK)
(UNK)(UNK)(UNK)(UNK)(UNK)(UNK)C(UNK)(UNK)(UNK)(UNK)(UNK)(UNK)(UNK)(UNK)(UNK)F
(UNK)(UNK)(UNK)(UNK)(UNK)(UNK)(UNK)(UNK)
;
L
3 'polypeptide(L)'
;MDAMKRGLCCVLLLCGAVFVSPSQEIHARFRRGARAENLWVTVYYGVPVWKDAETTLFCASDAKAYETEKHNVWATHCCV
PTDPNPQEIVLENVTENFNMWKNNMVEQMHEDIISLWDQSLKPCVKLTPLCVTLNCTNATASNSSIIEGMKNCSFNITTE
LRDKREKKNALFYKLDIVQLDGNSSQYRLINCNTSAITQACPKVSFEPIPIHYCAPAGFAILKCNNKTFTGTGPCNNVST
VQCTHGIKPVVSTQLLLNGSLAEGEIIIRSENITDNGKTILVHLNESVKIECTRPNNKTRTSIRIGPGQAFYATGQVIGD
IREAYCNISESTWNETLGKVVKQLRKHFPHKNITFQPSSGGDLEVTTHSFNCGGEFFYCNTSGLFNSTWISNTSVQGSNS
TGSNDSITLPCRIKQIINMWQEVGRAMYAPPIQGNITCVSNITGLILTRDGGKNNTETFRPGGGDMRDNWRSELYKYKVV
KIEPLGVAPTACKRRVVGRRRRRR
;
C,A,E
4 'polypeptide(L)'
;AVGIGAVFLGFLGAAGSTMGAASMTLTVQARNLLSGIVQQQSNLLRAPECQQHLLKDTHWGIKQLQARVLAVEHYLRDQQ
LLGIWGCSGKLICTTNVPWNSTWSNKTLSEIWDNMTWLQWDKEISNYTQIIYGLLEESQNQQEKNETDNLTCD
;
D,B,F
#
# COMPACT_ATOMS: atom_id res chain seq x y z
N UNK A 1 2.25 46.53 -21.37
CA UNK A 1 2.72 47.57 -20.47
C UNK A 1 1.52 48.15 -19.73
N UNK A 2 1.79 48.86 -18.59
CA UNK A 2 0.79 49.54 -17.76
C UNK A 2 0.16 50.68 -18.55
N UNK A 3 -1.11 50.95 -18.29
CA UNK A 3 -1.79 51.99 -19.03
C UNK A 3 -2.78 52.71 -18.17
N UNK A 4 -2.32 53.30 -17.07
CA UNK A 4 -3.25 53.98 -16.21
C UNK A 4 -3.81 55.21 -16.89
N UNK A 5 -5.11 55.42 -16.73
CA UNK A 5 -5.72 56.59 -17.32
C UNK A 5 -6.70 57.21 -16.38
N UNK A 6 -6.72 58.54 -16.41
CA UNK A 6 -7.57 59.36 -15.60
C UNK A 6 -8.91 59.59 -16.28
N UNK A 7 -9.93 59.82 -15.49
CA UNK A 7 -11.27 60.07 -15.98
C UNK A 7 -12.10 60.93 -15.03
N UNK A 8 -13.18 61.49 -15.56
CA UNK A 8 -14.17 62.25 -14.79
C UNK A 8 -13.62 63.46 -14.03
N UNK A 9 -12.66 64.14 -14.61
CA UNK A 9 -12.18 65.36 -13.99
C UNK A 9 -13.23 66.41 -14.32
N UNK A 10 -13.38 67.44 -13.48
CA UNK A 10 -14.37 68.46 -13.80
C UNK A 10 -14.05 69.85 -13.29
N UNK A 11 -14.63 70.83 -13.95
CA UNK A 11 -14.56 72.22 -13.50
C UNK A 11 -15.64 72.45 -12.47
N UNK A 12 -15.48 71.80 -11.34
CA UNK A 12 -16.46 71.78 -10.28
C UNK A 12 -16.69 73.17 -9.69
N UNK A 13 -17.92 73.47 -9.35
CA UNK A 13 -18.18 74.73 -8.70
C UNK A 13 -17.51 74.69 -7.34
N UNK A 14 -17.00 75.80 -6.85
CA UNK A 14 -16.41 75.76 -5.53
C UNK A 14 -17.42 75.18 -4.56
N UNK A 15 -16.90 74.31 -3.69
CA UNK A 15 -17.58 73.53 -2.65
C UNK A 15 -18.40 72.36 -3.19
N UNK A 16 -18.33 72.12 -4.50
CA UNK A 16 -18.98 70.99 -5.13
C UNK A 16 -18.11 69.75 -5.04
N UNK A 17 -18.73 68.59 -5.17
CA UNK A 17 -17.99 67.34 -5.22
C UNK A 17 -17.79 66.93 -6.67
N UNK A 18 -16.72 66.18 -6.94
CA UNK A 18 -16.52 65.63 -8.27
C UNK A 18 -15.86 64.27 -8.17
N UNK A 19 -16.43 63.29 -8.86
CA UNK A 19 -15.94 61.92 -8.78
C UNK A 19 -14.77 61.61 -9.67
N UNK A 20 -13.65 62.25 -9.40
CA UNK A 20 -12.46 61.98 -10.20
C UNK A 20 -12.16 60.51 -10.04
N UNK A 21 -11.75 59.86 -11.11
CA UNK A 21 -11.48 58.44 -11.09
C UNK A 21 -10.41 58.05 -12.10
N CYS A 22 -9.86 56.82 -11.97
CA CYS A 22 -8.88 56.27 -12.91
C CYS A 22 -9.00 54.76 -12.96
N UNK A 23 -8.39 54.19 -13.99
CA UNK A 23 -8.37 52.74 -14.10
C UNK A 23 -7.11 52.31 -14.79
N UNK A 24 -6.68 51.09 -14.50
CA UNK A 24 -5.46 50.61 -15.09
C UNK A 24 -5.50 49.14 -15.31
N UNK A 25 -6.38 48.67 -16.17
CA UNK A 25 -6.58 47.23 -16.35
C UNK A 25 -5.31 46.49 -16.72
N UNK A 26 -4.41 47.14 -17.45
CA UNK A 26 -3.16 46.49 -17.82
C UNK A 26 -2.26 46.15 -16.61
N UNK A 27 -2.35 46.98 -15.56
CA UNK A 27 -1.49 46.77 -14.37
C UNK A 27 -2.02 45.61 -13.52
N UNK A 28 -1.24 45.16 -12.53
CA UNK A 28 -1.67 44.05 -11.65
C UNK A 28 -2.94 44.45 -10.89
N UNK A 29 -3.84 43.50 -10.66
CA UNK A 29 -5.08 43.79 -9.91
C UNK A 29 -4.78 43.75 -8.40
N UNK A 30 -4.23 44.85 -7.86
CA UNK A 30 -3.95 44.95 -6.41
C UNK A 30 -2.92 43.91 -5.94
N UNK A 31 -2.69 42.85 -6.73
CA UNK A 31 -1.76 41.82 -6.25
C UNK A 31 -0.43 42.43 -5.97
N UNK A 32 -0.25 43.63 -6.51
CA UNK A 32 0.97 44.37 -6.43
C UNK A 32 0.66 45.85 -6.51
N UNK A 33 1.59 46.63 -5.97
CA UNK A 33 1.52 48.07 -5.95
C UNK A 33 0.39 48.50 -5.05
N UNK A 34 0.06 49.77 -5.12
CA UNK A 34 -0.94 50.36 -4.28
C UNK A 34 -1.41 51.56 -5.02
N UNK A 35 -2.56 52.06 -4.65
CA UNK A 35 -3.09 53.23 -5.29
C UNK A 35 -2.39 54.43 -4.72
N UNK A 36 -2.16 55.39 -5.57
CA UNK A 36 -1.62 56.65 -5.13
C UNK A 36 -2.07 57.70 -6.09
N TRP A 37 -2.43 58.84 -5.54
CA TRP A 37 -2.82 60.01 -6.31
C TRP A 37 -1.89 61.14 -6.01
N UNK A 38 -1.60 61.91 -7.01
CA UNK A 38 -0.80 63.09 -6.80
C UNK A 38 -1.35 64.15 -7.69
N UNK A 39 -1.16 65.38 -7.28
CA UNK A 39 -1.68 66.46 -8.10
C UNK A 39 -0.80 67.66 -8.11
N UNK A 40 -1.00 68.46 -9.16
CA UNK A 40 -0.26 69.69 -9.27
C UNK A 40 -1.06 70.80 -9.93
N UNK A 41 -1.04 71.92 -9.27
CA UNK A 41 -1.68 73.15 -9.69
C UNK A 41 -0.79 73.77 -10.73
N UNK A 42 -1.29 74.75 -11.45
CA UNK A 42 -0.41 75.41 -12.36
C UNK A 42 0.66 76.05 -11.50
N UNK A 43 1.89 76.13 -12.01
CA UNK A 43 2.98 76.74 -11.26
C UNK A 43 3.15 76.09 -9.89
N UNK A 44 3.16 74.76 -9.88
CA UNK A 44 3.33 73.97 -8.68
C UNK A 44 4.05 72.69 -9.01
N UNK A 45 4.65 72.06 -8.00
CA UNK A 45 5.35 70.80 -8.23
C UNK A 45 4.40 69.63 -8.06
N UNK A 46 4.31 69.05 -6.87
CA UNK A 46 3.40 67.94 -6.68
C UNK A 46 3.08 67.73 -5.22
N UNK A 47 1.95 67.10 -4.96
CA UNK A 47 1.67 66.67 -3.60
C UNK A 47 0.96 65.33 -3.56
N UNK A 48 1.33 64.52 -2.58
CA UNK A 48 0.77 63.18 -2.42
C UNK A 48 -0.54 63.22 -1.69
N UNK A 49 -1.54 63.76 -2.36
CA UNK A 49 -2.86 64.00 -1.81
C UNK A 49 -3.55 62.75 -1.29
N UNK A 50 -3.34 61.60 -1.92
CA UNK A 50 -4.04 60.42 -1.40
C UNK A 50 -3.39 59.10 -1.77
N UNK A 51 -3.67 58.08 -1.00
CA UNK A 51 -3.18 56.74 -1.27
C UNK A 51 -4.05 55.69 -0.63
N UNK A 52 -3.95 54.46 -1.14
CA UNK A 52 -4.65 53.34 -0.53
C UNK A 52 -3.97 52.02 -0.76
N UNK A 53 -3.97 51.20 0.28
CA UNK A 53 -3.44 49.86 0.15
C UNK A 53 -4.51 49.04 -0.50
N UNK A 54 -4.50 49.09 -1.84
CA UNK A 54 -5.51 48.56 -2.78
C UNK A 54 -5.72 47.08 -2.60
N UNK A 55 -4.76 46.39 -2.01
CA UNK A 55 -4.91 44.97 -1.75
C UNK A 55 -6.15 44.76 -0.87
N UNK A 56 -6.41 45.76 -0.04
CA UNK A 56 -7.49 45.83 0.90
C UNK A 56 -8.13 47.19 0.79
N UNK A 57 -8.14 47.92 1.91
CA UNK A 57 -8.67 49.25 1.92
C UNK A 57 -8.02 50.04 3.04
N UNK A 58 -6.70 50.00 3.14
CA UNK A 58 -6.10 50.81 4.20
C UNK A 58 -5.76 52.17 3.61
N UNK A 59 -6.56 53.18 3.94
CA UNK A 59 -6.41 54.52 3.37
C UNK A 59 -5.32 55.30 4.06
N UNK A 60 -4.68 56.21 3.33
CA UNK A 60 -3.67 57.09 3.88
C UNK A 60 -3.72 58.48 3.25
N UNK A 61 -4.84 59.18 3.37
CA UNK A 61 -4.99 60.50 2.75
C UNK A 61 -4.07 61.53 3.41
N UNK A 62 -3.59 62.50 2.62
CA UNK A 62 -2.76 63.58 3.15
C UNK A 62 -3.60 64.55 3.93
N UNK A 63 -3.00 65.21 4.91
CA UNK A 63 -3.69 66.19 5.75
C UNK A 63 -4.35 67.30 4.97
N UNK A 64 -3.74 67.69 3.86
CA UNK A 64 -4.23 68.79 3.05
C UNK A 64 -5.68 68.61 2.62
N UNK A 65 -6.13 67.38 2.41
CA UNK A 65 -7.50 67.16 2.01
C UNK A 65 -8.04 66.04 2.85
N UNK A 66 -7.71 66.05 4.14
CA UNK A 66 -8.16 64.98 5.03
C UNK A 66 -9.66 64.84 5.07
N UNK A 67 -10.36 65.95 4.96
CA UNK A 67 -11.82 65.97 5.03
C UNK A 67 -12.50 65.72 3.69
N UNK A 68 -11.73 65.53 2.61
CA UNK A 68 -12.37 65.39 1.31
C UNK A 68 -11.81 64.28 0.43
N UNK A 69 -10.50 64.05 0.44
CA UNK A 69 -9.91 63.10 -0.51
C UNK A 69 -10.11 61.67 -0.05
N UNK A 70 -11.35 61.22 -0.14
CA UNK A 70 -11.76 59.90 0.29
C UNK A 70 -11.45 58.88 -0.78
N UNK A 71 -10.16 58.63 -0.95
CA UNK A 71 -9.69 57.70 -1.97
C UNK A 71 -10.22 56.33 -1.66
N UNK A 72 -10.56 55.61 -2.71
CA UNK A 72 -11.10 54.27 -2.61
C UNK A 72 -10.72 53.46 -3.81
N UNK A 73 -10.80 52.14 -3.70
CA UNK A 73 -10.47 51.32 -4.85
C UNK A 73 -11.29 50.07 -4.92
N UNK A 74 -11.43 49.57 -6.14
CA UNK A 74 -12.11 48.33 -6.42
C UNK A 74 -11.13 47.38 -7.05
N UNK A 75 -10.57 46.46 -6.27
CA UNK A 75 -9.56 45.57 -6.82
C UNK A 75 -10.15 44.80 -7.96
N UNK A 76 -11.43 44.47 -7.81
CA UNK A 76 -12.20 43.69 -8.75
C UNK A 76 -12.32 44.32 -10.13
N UNK A 77 -12.24 45.64 -10.20
CA UNK A 77 -12.38 46.35 -11.46
C UNK A 77 -11.05 46.89 -11.94
N UNK A 78 -9.96 46.60 -11.21
CA UNK A 78 -8.67 47.17 -11.54
C UNK A 78 -8.84 48.69 -11.67
N UNK A 79 -9.55 49.30 -10.71
CA UNK A 79 -9.86 50.72 -10.79
C UNK A 79 -9.89 51.40 -9.44
N UNK A 80 -9.77 52.74 -9.45
CA UNK A 80 -9.72 53.55 -8.24
C UNK A 80 -10.40 54.91 -8.41
N UNK A 81 -10.75 55.53 -7.28
CA UNK A 81 -11.41 56.83 -7.32
C UNK A 81 -11.04 57.72 -6.15
N UNK A 82 -11.23 59.01 -6.35
CA UNK A 82 -10.98 60.02 -5.34
C UNK A 82 -12.04 61.08 -5.46
N UNK A 83 -13.26 60.72 -5.06
CA UNK A 83 -14.40 61.60 -5.24
C UNK A 83 -14.48 62.63 -4.16
N UNK A 84 -13.57 63.58 -4.23
CA UNK A 84 -13.47 64.61 -3.21
C UNK A 84 -14.70 65.50 -3.20
N UNK A 85 -15.08 65.86 -1.98
CA UNK A 85 -16.21 66.73 -1.67
C UNK A 85 -15.74 68.10 -1.26
N UNK A 86 -16.64 69.09 -1.30
CA UNK A 86 -16.32 70.42 -0.83
C UNK A 86 -15.05 70.97 -1.44
N UNK A 87 -14.92 70.89 -2.77
CA UNK A 87 -13.71 71.37 -3.37
C UNK A 87 -13.42 72.80 -3.01
N UNK A 88 -12.19 73.08 -2.65
CA UNK A 88 -11.85 74.46 -2.39
C UNK A 88 -11.91 75.17 -3.71
N UNK A 89 -12.21 76.46 -3.72
CA UNK A 89 -12.20 77.23 -4.97
C UNK A 89 -10.79 77.26 -5.56
N UNK A 90 -9.81 77.02 -4.70
CA UNK A 90 -8.40 77.00 -5.06
C UNK A 90 -7.94 75.62 -5.52
N UNK A 91 -8.82 74.62 -5.48
CA UNK A 91 -8.44 73.24 -5.80
C UNK A 91 -8.43 72.96 -7.29
N UNK A 92 -7.57 73.66 -8.00
CA UNK A 92 -7.48 73.49 -9.44
C UNK A 92 -6.14 72.90 -9.76
N UNK A 93 -6.15 71.63 -10.14
CA UNK A 93 -4.92 70.90 -10.39
C UNK A 93 -5.13 69.74 -11.30
N UNK A 94 -4.07 69.32 -11.98
CA UNK A 94 -4.13 68.09 -12.72
C UNK A 94 -3.97 67.00 -11.71
N UNK A 95 -4.63 65.87 -11.89
CA UNK A 95 -4.37 64.80 -10.93
C UNK A 95 -4.09 63.53 -11.68
N UNK A 96 -3.15 62.75 -11.16
CA UNK A 96 -2.77 61.52 -11.80
C UNK A 96 -2.58 60.40 -10.80
N CYS A 97 -2.86 59.17 -11.24
CA CYS A 97 -2.67 57.93 -10.52
C CYS A 97 -1.26 57.38 -10.78
N UNK A 98 -0.75 56.64 -9.81
CA UNK A 98 0.55 55.99 -9.95
C UNK A 98 0.57 54.64 -9.25
N UNK A 99 1.49 53.78 -9.67
CA UNK A 99 1.66 52.47 -9.07
C UNK A 99 2.76 52.47 -8.02
N UNK A 100 2.38 52.24 -6.79
CA UNK A 100 3.38 52.27 -5.73
C UNK A 100 4.17 50.97 -5.64
N UNK A 101 4.92 50.68 -6.70
CA UNK A 101 5.73 49.47 -6.77
C UNK A 101 6.85 49.56 -5.77
N UNK A 102 7.15 48.47 -5.08
CA UNK A 102 8.18 48.47 -4.05
C UNK A 102 8.91 47.14 -3.87
N UNK A 103 10.13 47.21 -3.33
CA UNK A 103 10.98 46.05 -3.09
C UNK A 103 11.63 46.06 -1.72
N UNK A 104 10.84 45.92 -0.65
CA UNK A 104 11.32 46.01 0.73
C UNK A 104 12.00 47.36 0.94
N UNK A 105 11.42 48.37 0.34
CA UNK A 105 11.88 49.73 0.32
C UNK A 105 10.72 50.63 -0.03
N UNK A 106 10.91 51.93 0.11
CA UNK A 106 9.87 52.89 -0.25
C UNK A 106 9.53 52.72 -1.72
N UNK A 107 8.26 52.95 -2.04
CA UNK A 107 7.77 52.80 -3.41
C UNK A 107 8.35 53.79 -4.41
N UNK A 108 8.47 53.30 -5.64
CA UNK A 108 8.97 54.04 -6.80
C UNK A 108 7.97 54.97 -7.52
N UNK A 109 6.67 54.90 -7.23
CA UNK A 109 5.67 55.72 -7.96
C UNK A 109 5.81 55.58 -9.49
N UNK A 110 5.74 54.35 -9.96
CA UNK A 110 5.90 53.93 -11.33
C UNK A 110 4.60 54.06 -12.14
N UNK A 111 4.69 54.00 -13.46
CA UNK A 111 3.47 53.96 -14.29
C UNK A 111 2.51 55.10 -14.03
N TRP A 112 2.98 56.32 -14.19
CA TRP A 112 2.13 57.48 -13.99
C TRP A 112 1.06 57.56 -15.06
N UNK A 113 -0.15 57.89 -14.62
CA UNK A 113 -1.33 58.04 -15.44
C UNK A 113 -1.35 59.28 -16.30
N UNK A 114 -2.34 59.27 -17.18
CA UNK A 114 -2.67 60.30 -18.17
C UNK A 114 -2.85 61.72 -17.60
N UNK A 115 -3.10 61.85 -16.30
CA UNK A 115 -3.26 63.13 -15.60
C UNK A 115 -4.39 64.09 -16.05
N UNK A 116 -5.60 63.59 -16.23
CA UNK A 116 -6.72 64.47 -16.61
C UNK A 116 -6.85 65.55 -15.56
N UNK A 117 -7.12 66.79 -15.99
CA UNK A 117 -7.21 67.87 -15.02
C UNK A 117 -8.59 68.40 -14.77
N UNK A 118 -8.77 68.82 -13.52
CA UNK A 118 -9.97 69.42 -12.99
C UNK A 118 -9.77 70.92 -12.90
N UNK A 119 -10.84 71.66 -12.70
CA UNK A 119 -10.69 73.12 -12.59
C UNK A 119 -11.67 73.72 -11.62
N UNK A 120 -11.64 73.30 -10.37
CA UNK A 120 -12.58 73.82 -9.41
C UNK A 120 -12.49 75.32 -9.36
N UNK A 121 -13.65 75.98 -9.30
CA UNK A 121 -13.66 77.43 -9.21
C UNK A 121 -14.98 77.99 -8.64
N UNK A 122 -14.90 79.18 -8.01
CA UNK A 122 -16.06 79.92 -7.48
C UNK A 122 -16.75 80.65 -8.63
N UNK B 1 6.68 65.19 7.24
CA UNK B 1 7.96 65.23 6.55
C UNK B 1 8.01 66.46 5.65
N UNK B 2 9.24 66.89 5.28
CA UNK B 2 9.51 68.04 4.42
C UNK B 2 10.86 67.89 3.76
N UNK B 3 11.02 68.60 2.64
CA UNK B 3 12.28 68.69 1.93
C UNK B 3 12.33 70.03 1.21
N UNK B 4 13.52 70.58 1.13
CA UNK B 4 13.77 71.84 0.47
C UNK B 4 14.21 71.71 -0.97
N UNK B 5 13.78 72.67 -1.76
CA UNK B 5 14.18 72.79 -3.15
C UNK B 5 15.53 73.47 -3.18
N UNK B 6 16.53 72.70 -2.80
CA UNK B 6 17.92 73.10 -2.61
C UNK B 6 18.54 73.60 -3.91
N UNK B 7 17.93 73.25 -5.02
CA UNK B 7 18.35 73.69 -6.33
C UNK B 7 17.13 74.15 -7.10
N UNK B 8 16.37 75.09 -6.55
CA UNK B 8 15.15 75.52 -7.22
C UNK B 8 15.49 76.01 -8.63
N UNK B 9 16.64 76.64 -8.77
CA UNK B 9 17.12 77.05 -10.07
C UNK B 9 18.30 76.14 -10.34
N UNK B 10 18.39 75.55 -11.53
CA UNK B 10 19.49 74.65 -11.78
C UNK B 10 19.84 74.55 -13.25
N UNK B 11 20.00 75.68 -13.91
CA UNK B 11 20.33 75.66 -15.34
C UNK B 11 21.76 75.23 -15.59
N UNK B 12 21.99 74.55 -16.71
CA UNK B 12 23.35 74.20 -17.12
C UNK B 12 23.50 74.18 -18.62
N UNK B 13 24.71 74.52 -19.06
CA UNK B 13 25.08 74.50 -20.47
C UNK B 13 25.15 73.10 -21.02
N UNK B 14 24.76 72.93 -22.27
CA UNK B 14 24.81 71.61 -22.85
C UNK B 14 26.21 71.05 -22.77
N UNK B 15 26.26 69.75 -22.48
CA UNK B 15 27.44 68.91 -22.31
C UNK B 15 28.13 69.13 -20.96
N UNK B 16 27.56 69.97 -20.10
CA UNK B 16 28.10 70.18 -18.77
C UNK B 16 27.54 69.17 -17.78
N UNK B 17 28.38 68.67 -16.88
CA UNK B 17 27.87 67.77 -15.83
C UNK B 17 27.04 68.60 -14.87
N UNK B 18 26.01 68.02 -14.28
CA UNK B 18 25.17 68.78 -13.37
C UNK B 18 24.40 67.91 -12.40
N UNK B 19 23.88 68.51 -11.34
CA UNK B 19 22.97 67.80 -10.45
C UNK B 19 22.03 68.78 -9.79
N UNK B 20 20.79 68.39 -9.65
CA UNK B 20 19.78 69.19 -8.98
C UNK B 20 19.67 68.79 -7.52
N UNK B 21 20.22 69.62 -6.65
CA UNK B 21 20.30 69.36 -5.23
C UNK B 21 18.93 69.29 -4.57
N CYS B 22 18.83 68.49 -3.49
CA CYS B 22 17.67 68.31 -2.62
C CYS B 22 18.17 68.24 -1.17
N UNK B 23 17.48 68.97 -0.29
CA UNK B 23 17.87 68.93 1.12
C UNK B 23 16.70 68.54 1.99
N UNK B 24 16.70 67.32 2.49
CA UNK B 24 15.57 66.82 3.26
C UNK B 24 15.65 67.35 4.67
N UNK B 25 14.51 67.39 5.35
CA UNK B 25 14.49 67.81 6.76
C UNK B 25 14.85 66.65 7.68
N UNK B 26 14.98 65.46 7.10
CA UNK B 26 15.29 64.24 7.82
C UNK B 26 15.93 63.25 6.87
N UNK B 27 16.64 62.27 7.41
CA UNK B 27 17.18 61.24 6.54
C UNK B 27 16.04 60.43 5.92
N UNK B 28 16.19 60.12 4.64
CA UNK B 28 15.19 59.36 3.90
C UNK B 28 15.77 58.82 2.61
N UNK B 29 15.09 57.86 2.01
CA UNK B 29 15.41 57.47 0.65
C UNK B 29 15.03 58.68 -0.18
N UNK B 30 15.56 58.83 -1.38
CA UNK B 30 15.26 60.04 -2.11
C UNK B 30 14.95 59.75 -3.55
N UNK B 31 13.82 59.11 -3.75
CA UNK B 31 13.36 58.79 -5.07
C UNK B 31 13.12 60.12 -5.77
N UNK B 32 13.28 60.14 -7.08
CA UNK B 32 13.10 61.37 -7.83
C UNK B 32 12.56 61.08 -9.20
N UNK B 33 11.90 62.08 -9.80
CA UNK B 33 11.32 61.97 -11.13
C UNK B 33 11.50 63.24 -11.94
N TRP B 34 11.58 63.06 -13.25
CA TRP B 34 11.70 64.19 -14.15
C TRP B 34 10.37 64.60 -14.71
N UNK B 35 10.10 65.90 -14.66
CA UNK B 35 8.89 66.43 -15.23
C UNK B 35 9.12 66.75 -16.69
N UNK B 36 9.46 65.73 -17.45
CA UNK B 36 9.76 65.88 -18.87
C UNK B 36 8.46 65.76 -19.59
N UNK B 37 7.60 66.71 -19.34
CA UNK B 37 6.24 66.60 -19.79
C UNK B 37 5.52 67.91 -19.91
N UNK B 38 4.45 67.85 -20.67
CA UNK B 38 3.50 68.91 -20.83
C UNK B 38 2.73 69.07 -19.54
N UNK B 39 2.06 70.20 -19.39
CA UNK B 39 1.22 70.35 -18.22
C UNK B 39 0.14 69.28 -18.30
N UNK B 40 -0.30 68.76 -17.16
CA UNK B 40 -1.33 67.73 -17.13
C UNK B 40 -0.93 66.53 -17.99
N UNK B 41 0.30 66.06 -17.78
CA UNK B 41 0.86 64.91 -18.47
C UNK B 41 1.77 64.18 -17.50
N UNK B 42 1.97 62.90 -17.74
CA UNK B 42 2.75 62.06 -16.83
C UNK B 42 4.23 62.38 -16.67
N UNK B 43 4.68 62.30 -15.42
CA UNK B 43 6.06 62.42 -14.98
C UNK B 43 6.74 61.06 -15.11
N UNK B 44 8.08 61.02 -15.10
CA UNK B 44 8.75 59.70 -15.11
C UNK B 44 9.88 59.62 -14.12
N UNK B 45 10.01 58.47 -13.46
CA UNK B 45 11.05 58.28 -12.45
C UNK B 45 12.44 58.38 -13.00
N UNK B 46 13.32 58.98 -12.20
CA UNK B 46 14.73 59.12 -12.48
C UNK B 46 15.44 57.95 -11.83
N UNK B 47 15.05 57.71 -10.59
CA UNK B 47 15.58 56.65 -9.74
C UNK B 47 14.62 56.39 -8.59
N UNK B 48 14.68 55.20 -8.03
CA UNK B 48 13.93 54.85 -6.83
C UNK B 48 14.86 54.71 -5.62
N UNK B 49 14.26 54.67 -4.43
CA UNK B 49 15.01 54.49 -3.20
C UNK B 49 16.19 55.47 -3.08
N UNK B 50 17.38 54.99 -2.71
CA UNK B 50 18.53 55.91 -2.63
C UNK B 50 19.31 55.97 -3.94
N UNK B 51 19.32 54.89 -4.72
CA UNK B 51 20.13 54.88 -5.94
C UNK B 51 19.63 53.91 -6.99
N UNK B 52 18.35 53.61 -7.01
CA UNK B 52 17.85 52.60 -7.93
C UNK B 52 17.56 53.24 -9.26
N UNK B 53 18.59 53.41 -10.07
CA UNK B 53 18.41 54.14 -11.32
C UNK B 53 17.24 53.53 -12.04
N UNK B 54 16.39 54.39 -12.60
CA UNK B 54 15.19 53.95 -13.26
C UNK B 54 15.48 53.15 -14.50
N UNK B 55 14.58 52.21 -14.78
CA UNK B 55 14.65 51.43 -15.99
C UNK B 55 14.36 52.36 -17.15
N UNK B 56 14.91 52.05 -18.32
CA UNK B 56 14.66 52.84 -19.53
C UNK B 56 15.03 54.30 -19.32
N UNK B 57 16.15 54.52 -18.66
CA UNK B 57 16.68 55.83 -18.39
C UNK B 57 18.18 55.72 -18.36
N UNK B 58 18.89 56.81 -18.63
CA UNK B 58 20.34 56.69 -18.55
C UNK B 58 20.75 56.39 -17.13
N UNK B 59 21.65 55.42 -16.97
CA UNK B 59 22.17 55.12 -15.64
C UNK B 59 23.25 56.11 -15.28
N UNK B 60 23.88 56.66 -16.32
CA UNK B 60 24.93 57.64 -16.15
C UNK B 60 24.37 58.87 -15.44
N UNK B 61 23.12 59.20 -15.74
CA UNK B 61 22.48 60.35 -15.14
C UNK B 61 21.85 59.98 -13.80
N UNK B 62 22.70 59.60 -12.86
CA UNK B 62 22.22 59.20 -11.54
C UNK B 62 23.31 59.32 -10.49
N UNK B 63 22.90 59.49 -9.24
CA UNK B 63 23.80 59.49 -8.11
C UNK B 63 23.06 58.98 -6.91
N UNK B 64 23.78 58.39 -5.97
CA UNK B 64 23.15 57.90 -4.75
C UNK B 64 22.90 58.99 -3.74
N UNK B 65 21.79 58.87 -3.04
CA UNK B 65 21.43 59.71 -1.92
C UNK B 65 22.01 59.14 -0.64
N UNK B 66 22.21 60.01 0.35
CA UNK B 66 22.64 59.55 1.67
C UNK B 66 22.06 60.43 2.75
N UNK B 67 21.61 59.82 3.84
CA UNK B 67 21.04 60.58 4.93
C UNK B 67 19.98 61.53 4.39
N UNK B 68 20.09 62.83 4.71
CA UNK B 68 19.14 63.85 4.26
C UNK B 68 19.64 64.58 2.99
N UNK B 69 20.78 64.15 2.46
CA UNK B 69 21.38 64.80 1.30
C UNK B 69 21.12 64.05 -0.01
N UNK B 70 20.66 64.74 -1.03
CA UNK B 70 20.42 64.07 -2.30
C UNK B 70 20.50 65.04 -3.46
N UNK B 71 20.66 64.49 -4.66
CA UNK B 71 20.57 65.32 -5.85
C UNK B 71 20.17 64.46 -7.03
N UNK B 72 19.47 65.06 -7.99
CA UNK B 72 19.16 64.37 -9.23
C UNK B 72 20.28 64.69 -10.20
N UNK B 73 21.19 63.73 -10.36
CA UNK B 73 22.39 63.92 -11.15
C UNK B 73 22.12 63.79 -12.62
N UNK B 74 22.99 64.40 -13.41
CA UNK B 74 22.96 64.25 -14.85
C UNK B 74 24.38 64.13 -15.35
N UNK B 75 24.62 63.13 -16.21
CA UNK B 75 25.96 62.96 -16.76
C UNK B 75 26.39 64.18 -17.55
N UNK B 76 25.42 64.73 -18.28
CA UNK B 76 25.62 65.94 -19.04
C UNK B 76 24.27 66.59 -19.31
N UNK B 77 24.25 67.90 -19.29
CA UNK B 77 23.07 68.66 -19.67
C UNK B 77 22.82 68.51 -21.16
N UNK B 78 21.56 68.46 -21.53
CA UNK B 78 21.16 68.42 -22.93
C UNK B 78 19.78 68.99 -23.04
N UNK B 79 19.37 69.45 -24.21
CA UNK B 79 18.01 69.97 -24.33
C UNK B 79 16.99 68.89 -23.96
N UNK B 80 17.32 67.64 -24.28
CA UNK B 80 16.46 66.50 -23.98
C UNK B 80 16.23 66.31 -22.49
N UNK B 81 17.16 66.81 -21.69
CA UNK B 81 17.16 66.70 -20.26
C UNK B 81 16.52 67.91 -19.62
N UNK B 82 16.01 68.84 -20.41
CA UNK B 82 15.48 70.07 -19.85
C UNK B 82 14.09 69.85 -19.27
N UNK B 83 14.08 69.25 -18.10
CA UNK B 83 12.90 68.87 -17.34
C UNK B 83 13.13 69.16 -15.89
N UNK B 84 12.11 69.57 -15.16
CA UNK B 84 12.33 69.84 -13.75
C UNK B 84 12.60 68.58 -12.93
N UNK B 85 13.44 68.70 -11.90
CA UNK B 85 13.78 67.55 -11.03
C UNK B 85 12.99 67.52 -9.74
N UNK B 86 12.03 66.60 -9.61
CA UNK B 86 11.21 66.55 -8.40
C UNK B 86 11.77 65.50 -7.42
N CYS B 87 12.06 65.93 -6.18
CA CYS B 87 12.61 65.12 -5.07
C CYS B 87 11.53 64.74 -4.04
N UNK B 88 11.34 63.43 -3.83
CA UNK B 88 10.30 63.00 -2.87
C UNK B 88 10.91 62.53 -1.56
N UNK B 89 10.23 62.84 -0.45
CA UNK B 89 10.65 62.38 0.88
C UNK B 89 10.16 60.96 1.05
N UNK B 90 10.79 60.10 0.29
CA UNK B 90 10.37 58.72 0.08
C UNK B 90 10.68 57.81 1.22
N UNK B 91 10.03 58.08 2.33
CA UNK B 91 10.13 57.31 3.54
C UNK B 91 8.86 57.58 4.27
N UNK B 92 8.32 58.75 3.98
CA UNK B 92 7.15 59.26 4.64
C UNK B 92 5.88 58.80 3.97
N UNK B 93 4.83 58.61 4.76
CA UNK B 93 3.53 58.33 4.17
C UNK B 93 3.13 59.58 3.46
N UNK B 94 2.50 59.45 2.28
CA UNK B 94 2.10 60.65 1.55
C UNK B 94 3.31 61.55 1.46
N UNK B 95 4.41 60.99 0.97
CA UNK B 95 5.67 61.70 0.95
C UNK B 95 5.60 63.06 0.34
N UNK B 96 6.21 63.98 1.06
CA UNK B 96 6.34 65.37 0.73
C UNK B 96 7.29 65.57 -0.44
N PHE B 97 7.03 66.57 -1.27
CA PHE B 97 7.97 66.84 -2.34
C PHE B 97 8.67 68.17 -2.15
N UNK B 98 9.93 68.21 -2.52
CA UNK B 98 10.65 69.46 -2.59
C UNK B 98 10.17 70.09 -3.89
N UNK B 99 10.10 71.41 -3.98
CA UNK B 99 9.73 71.95 -5.28
C UNK B 99 10.77 71.50 -6.26
N UNK B 100 10.34 71.12 -7.45
CA UNK B 100 11.27 70.64 -8.42
C UNK B 100 12.24 71.70 -8.89
N UNK B 101 13.48 71.28 -9.12
CA UNK B 101 14.52 72.15 -9.65
C UNK B 101 14.18 72.50 -11.04
N UNK B 102 14.41 73.75 -11.45
CA UNK B 102 14.12 74.10 -12.84
C UNK B 102 14.90 73.22 -13.79
N UNK B 103 16.15 72.96 -13.46
CA UNK B 103 17.00 72.07 -14.23
C UNK B 103 16.99 72.39 -15.73
N UNK B 104 17.04 73.66 -16.08
CA UNK B 104 17.01 74.08 -17.47
C UNK B 104 18.27 73.66 -18.25
N UNK B 105 18.13 73.40 -19.57
CA UNK B 105 19.20 73.02 -20.49
C UNK B 105 18.75 73.38 -21.90
N GLU C 37 -9.96 30.20 41.69
CA GLU C 37 -11.38 30.52 41.56
C GLU C 37 -11.82 30.87 40.10
N ASN C 38 -10.88 31.28 39.24
CA ASN C 38 -11.09 31.70 37.84
C ASN C 38 -10.20 30.97 36.87
N LEU C 39 -10.01 29.67 37.05
CA LEU C 39 -9.19 28.96 36.08
C LEU C 39 -10.06 28.20 35.14
N TRP C 40 -9.58 28.11 33.92
CA TRP C 40 -10.28 27.50 32.81
C TRP C 40 -9.50 26.39 32.15
N VAL C 41 -10.21 25.45 31.54
CA VAL C 41 -9.57 24.36 30.83
C VAL C 41 -8.97 24.84 29.50
N THR C 42 -7.70 24.51 29.25
CA THR C 42 -7.06 24.82 27.97
C THR C 42 -6.53 23.54 27.35
N VAL C 43 -6.85 23.38 26.09
CA VAL C 43 -6.43 22.22 25.33
C VAL C 43 -5.17 22.51 24.55
N TYR C 44 -4.17 21.64 24.71
CA TYR C 44 -2.90 21.80 24.03
C TYR C 44 -2.57 20.65 23.10
N TYR C 45 -2.36 20.97 21.84
CA TYR C 45 -2.01 19.94 20.86
C TYR C 45 -0.60 20.17 20.43
N GLY C 46 0.22 19.14 20.48
CA GLY C 46 1.65 19.29 20.22
C GLY C 46 2.44 19.19 21.53
N VAL C 47 1.80 18.67 22.56
CA VAL C 47 2.44 18.51 23.85
C VAL C 47 3.55 17.44 23.79
N PRO C 48 4.79 17.73 24.20
CA PRO C 48 5.93 16.83 24.11
C PRO C 48 5.96 15.70 25.14
N VAL C 49 4.99 14.80 25.06
CA VAL C 49 4.90 13.66 25.98
C VAL C 49 4.75 12.34 25.26
N TRP C 50 4.98 11.25 25.99
CA TRP C 50 4.86 9.91 25.44
C TRP C 50 4.46 8.84 26.42
N LYS C 51 4.09 7.70 25.87
CA LYS C 51 3.78 6.49 26.62
C LYS C 51 4.50 5.31 26.02
N ASP C 52 4.83 4.32 26.83
CA ASP C 52 5.50 3.13 26.31
C ASP C 52 4.64 2.45 25.28
N ALA C 53 5.23 1.93 24.21
CA ALA C 53 4.38 1.28 23.22
C ALA C 53 5.07 0.21 22.42
N GLU C 54 4.26 -0.69 21.90
CA GLU C 54 4.78 -1.73 21.04
C GLU C 54 4.28 -1.55 19.63
N THR C 55 5.18 -1.22 18.73
CA THR C 55 4.81 -1.00 17.35
C THR C 55 5.73 -1.72 16.42
N THR C 56 5.49 -1.55 15.15
CA THR C 56 6.29 -2.17 14.13
C THR C 56 7.37 -1.21 13.68
N LEU C 57 8.61 -1.65 13.75
CA LEU C 57 9.71 -0.82 13.30
C LEU C 57 10.04 -1.25 11.92
N PHE C 58 10.58 -0.37 11.10
CA PHE C 58 10.94 -0.85 9.78
C PHE C 58 12.44 -0.99 9.78
N CYS C 59 12.97 -1.88 8.92
CA CYS C 59 14.41 -2.13 8.83
C CYS C 59 15.00 -1.35 7.65
N ALA C 60 15.96 -0.52 7.97
CA ALA C 60 16.61 0.34 7.00
C ALA C 60 18.06 -0.11 6.75
N SER C 61 18.59 0.23 5.56
CA SER C 61 19.95 -0.07 5.09
C SER C 61 21.01 0.53 6.03
N HIS C 71 22.88 -9.00 -4.25
CA HIS C 71 22.66 -10.41 -3.93
C HIS C 71 22.55 -10.74 -2.42
N ASN C 72 22.88 -9.77 -1.54
CA ASN C 72 22.77 -9.83 -0.07
C ASN C 72 21.32 -9.73 0.38
N VAL C 73 20.92 -10.60 1.29
CA VAL C 73 19.54 -10.60 1.76
C VAL C 73 19.20 -9.41 2.64
N TRP C 74 20.14 -8.99 3.46
CA TRP C 74 19.84 -7.93 4.40
C TRP C 74 19.71 -6.65 3.64
N ALA C 75 20.47 -6.56 2.56
CA ALA C 75 20.51 -5.38 1.71
C ALA C 75 19.33 -5.31 0.75
N THR C 76 18.52 -6.36 0.72
CA THR C 76 17.39 -6.41 -0.18
C THR C 76 16.15 -6.16 0.63
N HIS C 77 16.11 -6.78 1.81
CA HIS C 77 14.99 -6.64 2.71
C HIS C 77 14.95 -5.26 3.42
N CYS C 78 16.10 -4.82 4.00
CA CYS C 78 16.26 -3.57 4.74
C CYS C 78 16.65 -2.54 3.69
N CYS C 79 15.68 -2.30 2.81
CA CYS C 79 15.81 -1.53 1.60
C CYS C 79 15.81 -0.02 1.73
N VAL C 80 15.41 0.50 2.86
CA VAL C 80 15.31 1.94 3.00
C VAL C 80 16.70 2.55 3.13
N PRO C 81 17.11 3.50 2.30
CA PRO C 81 18.41 4.13 2.38
C PRO C 81 18.44 5.04 3.58
N THR C 82 19.61 5.24 4.17
CA THR C 82 19.74 6.20 5.24
C THR C 82 20.96 7.06 5.04
N ASP C 83 20.92 8.28 5.57
CA ASP C 83 22.10 9.14 5.61
C ASP C 83 22.56 9.03 7.06
N PRO C 84 23.69 9.61 7.49
CA PRO C 84 24.13 9.58 8.87
C PRO C 84 23.01 10.02 9.82
N ASN C 85 22.50 11.22 9.58
CA ASN C 85 21.41 11.79 10.35
C ASN C 85 21.40 11.41 11.83
N PRO C 86 22.48 11.68 12.61
CA PRO C 86 22.60 11.28 14.00
C PRO C 86 21.34 11.62 14.79
N GLN C 87 20.95 12.90 14.70
CA GLN C 87 19.78 13.40 15.39
C GLN C 87 19.76 12.98 16.84
N GLU C 88 20.88 13.06 17.52
CA GLU C 88 20.87 12.63 18.89
C GLU C 88 20.45 13.77 19.75
N ILE C 89 19.16 13.86 19.96
CA ILE C 89 18.67 14.99 20.68
C ILE C 89 18.60 14.68 22.14
N VAL C 90 19.41 15.37 22.91
CA VAL C 90 19.47 15.10 24.32
C VAL C 90 18.28 15.79 24.95
N LEU C 91 17.53 15.08 25.78
CA LEU C 91 16.32 15.66 26.35
C LEU C 91 16.57 16.42 27.64
N GLU C 92 17.83 16.42 28.05
CA GLU C 92 18.41 17.12 29.20
C GLU C 92 18.01 16.65 30.57
N ASN C 93 16.71 16.71 30.85
CA ASN C 93 16.19 16.36 32.16
C ASN C 93 15.31 15.14 32.18
N VAL C 94 15.49 14.27 31.21
CA VAL C 94 14.70 13.07 31.18
C VAL C 94 15.43 11.88 31.76
N THR C 95 14.74 11.25 32.71
CA THR C 95 15.18 10.08 33.44
C THR C 95 14.14 9.01 33.23
N GLU C 96 14.34 8.17 32.23
CA GLU C 96 13.30 7.22 31.82
C GLU C 96 13.64 5.80 32.24
N ASN C 97 12.63 4.95 32.37
CA ASN C 97 12.81 3.55 32.73
C ASN C 97 12.99 2.61 31.54
N PHE C 98 14.09 1.90 31.55
CA PHE C 98 14.43 0.96 30.49
C PHE C 98 14.42 -0.46 31.07
N ASN C 99 14.14 -1.47 30.23
CA ASN C 99 14.21 -2.85 30.69
C ASN C 99 14.54 -3.78 29.53
N MET C 100 15.80 -4.17 29.43
CA MET C 100 16.27 -4.95 28.30
C MET C 100 15.70 -6.36 28.25
N TRP C 101 15.17 -6.83 29.36
CA TRP C 101 14.68 -8.18 29.43
C TRP C 101 13.23 -8.27 29.04
N LYS C 102 12.58 -7.12 28.88
CA LYS C 102 11.16 -7.08 28.55
C LYS C 102 10.95 -6.29 27.28
N ASN C 103 12.04 -5.99 26.60
CA ASN C 103 12.07 -5.14 25.43
C ASN C 103 11.55 -5.87 24.21
N ASN C 104 10.43 -5.40 23.67
CA ASN C 104 9.75 -6.06 22.58
C ASN C 104 10.52 -5.98 21.28
N MET C 105 11.51 -5.10 21.20
CA MET C 105 12.30 -5.01 19.99
C MET C 105 13.14 -6.23 19.82
N VAL C 106 13.45 -6.91 20.91
CA VAL C 106 14.30 -8.06 20.80
C VAL C 106 13.51 -9.13 20.10
N GLU C 107 12.27 -9.29 20.55
CA GLU C 107 11.39 -10.27 19.97
C GLU C 107 11.05 -9.91 18.54
N GLN C 108 10.86 -8.62 18.26
CA GLN C 108 10.55 -8.24 16.90
C GLN C 108 11.71 -8.50 15.99
N MET C 109 12.93 -8.22 16.44
CA MET C 109 14.09 -8.47 15.60
C MET C 109 14.16 -9.94 15.28
N HIS C 110 13.91 -10.78 16.27
CA HIS C 110 13.96 -12.21 16.10
C HIS C 110 12.94 -12.68 15.07
N GLU C 111 11.70 -12.21 15.16
CA GLU C 111 10.74 -12.65 14.19
C GLU C 111 11.10 -12.18 12.80
N ASP C 112 11.62 -10.97 12.64
CA ASP C 112 11.96 -10.52 11.32
C ASP C 112 13.14 -11.27 10.74
N ILE C 113 14.11 -11.62 11.58
CA ILE C 113 15.23 -12.38 11.06
C ILE C 113 14.79 -13.74 10.61
N ILE C 114 13.96 -14.42 11.37
CA ILE C 114 13.52 -15.71 10.92
C ILE C 114 12.75 -15.57 9.63
N SER C 115 11.88 -14.57 9.54
CA SER C 115 11.12 -14.38 8.35
C SER C 115 12.03 -14.15 7.15
N LEU C 116 13.08 -13.35 7.31
CA LEU C 116 13.97 -13.13 6.20
C LEU C 116 14.63 -14.40 5.75
N TRP C 117 15.10 -15.22 6.68
CA TRP C 117 15.71 -16.46 6.29
C TRP C 117 14.74 -17.37 5.58
N ASP C 118 13.51 -17.47 6.06
CA ASP C 118 12.59 -18.36 5.39
C ASP C 118 12.24 -17.83 4.02
N GLN C 119 12.12 -16.52 3.88
CA GLN C 119 11.81 -15.95 2.58
C GLN C 119 12.97 -16.11 1.61
N SER C 120 14.18 -15.96 2.11
CA SER C 120 15.39 -16.03 1.31
C SER C 120 15.59 -17.41 0.74
N LEU C 121 15.17 -18.42 1.48
CA LEU C 121 15.32 -19.79 1.05
C LEU C 121 14.17 -20.31 0.21
N LYS C 122 13.14 -19.49 -0.05
CA LYS C 122 12.05 -20.02 -0.85
C LYS C 122 12.46 -20.31 -2.29
N PRO C 123 13.04 -19.38 -3.07
CA PRO C 123 13.38 -19.61 -4.46
C PRO C 123 14.70 -20.36 -4.61
N CYS C 124 14.77 -21.60 -4.07
CA CYS C 124 15.99 -22.42 -4.02
C CYS C 124 15.65 -23.89 -4.21
N VAL C 125 16.69 -24.69 -4.33
CA VAL C 125 16.60 -26.11 -4.60
C VAL C 125 16.09 -26.95 -3.43
N LYS C 126 15.11 -27.81 -3.72
CA LYS C 126 14.55 -28.68 -2.69
C LYS C 126 15.21 -30.04 -2.74
N LEU C 127 15.93 -30.40 -1.69
CA LEU C 127 16.70 -31.62 -1.70
C LEU C 127 15.94 -32.82 -1.20
N THR C 128 14.86 -33.11 -1.89
CA THR C 128 14.01 -34.25 -1.60
C THR C 128 14.38 -35.56 -2.33
N PRO C 129 14.91 -35.56 -3.59
CA PRO C 129 15.20 -36.74 -4.36
C PRO C 129 16.41 -37.46 -3.78
N LEU C 130 17.08 -36.79 -2.86
CA LEU C 130 18.25 -37.31 -2.17
C LEU C 130 17.98 -38.13 -0.90
N CYS C 131 16.69 -38.26 -0.48
CA CYS C 131 16.31 -39.07 0.69
C CYS C 131 16.18 -40.52 0.24
N VAL C 132 17.33 -41.07 -0.12
CA VAL C 132 17.50 -42.41 -0.68
C VAL C 132 18.50 -43.17 0.14
N THR C 133 18.52 -44.49 0.01
CA THR C 133 19.54 -45.21 0.73
C THR C 133 20.90 -44.87 0.15
N LEU C 134 21.84 -44.57 1.02
CA LEU C 134 23.18 -44.28 0.57
C LEU C 134 24.04 -45.49 0.92
N ASN C 135 24.92 -45.94 0.01
CA ASN C 135 25.91 -47.01 0.24
C ASN C 135 27.27 -46.32 0.49
N CYS C 136 27.68 -46.22 1.78
CA CYS C 136 28.82 -45.41 2.20
C CYS C 136 29.99 -46.24 2.71
N THR C 137 31.17 -45.71 2.47
CA THR C 137 32.44 -46.21 2.96
C THR C 137 33.26 -45.10 3.58
N ASN C 138 34.46 -45.42 4.02
CA ASN C 138 35.30 -44.41 4.64
C ASN C 138 35.88 -43.49 3.58
N ALA C 139 35.79 -42.18 3.80
CA ALA C 139 36.28 -41.26 2.81
C ALA C 139 37.78 -41.35 2.67
N THR C 140 38.23 -41.22 1.42
CA THR C 140 39.62 -41.19 1.09
C THR C 140 39.99 -39.93 0.35
N ALA C 141 41.02 -39.27 0.84
CA ALA C 141 41.54 -38.06 0.21
C ALA C 141 42.95 -37.80 0.69
N SER C 142 43.76 -37.10 -0.11
CA SER C 142 45.11 -36.74 0.32
C SER C 142 45.89 -37.96 0.84
N ASN C 143 45.76 -39.08 0.14
CA ASN C 143 46.38 -40.36 0.41
C ASN C 143 46.04 -41.00 1.76
N SER C 144 44.85 -40.71 2.30
CA SER C 144 44.40 -41.35 3.53
C SER C 144 42.95 -41.75 3.45
N SER C 145 42.68 -43.02 3.75
CA SER C 145 41.36 -43.66 3.66
C SER C 145 40.63 -43.73 4.98
N ILE C 146 41.16 -43.06 5.98
CA ILE C 146 40.60 -43.06 7.30
C ILE C 146 40.23 -41.68 7.76
N ILE C 147 39.58 -40.89 6.91
CA ILE C 147 39.36 -39.54 7.35
C ILE C 147 38.25 -39.48 8.37
N GLU C 148 38.60 -39.08 9.57
CA GLU C 148 37.61 -39.03 10.61
C GLU C 148 36.62 -37.95 10.30
N GLY C 149 35.37 -38.30 10.36
CA GLY C 149 34.31 -37.36 10.13
C GLY C 149 33.75 -37.44 8.74
N MET C 150 34.42 -38.13 7.82
CA MET C 150 33.91 -38.18 6.46
C MET C 150 33.60 -39.55 5.90
N LYS C 151 32.50 -39.60 5.18
CA LYS C 151 32.06 -40.79 4.46
C LYS C 151 31.91 -40.51 2.96
N ASN C 152 32.30 -41.52 2.13
CA ASN C 152 32.18 -41.53 0.67
C ASN C 152 30.93 -42.34 0.32
N CYS C 153 29.84 -41.64 -0.05
CA CYS C 153 28.52 -42.23 -0.25
C CYS C 153 28.10 -42.25 -1.70
N SER C 154 27.63 -43.41 -2.11
CA SER C 154 27.12 -43.58 -3.45
C SER C 154 25.62 -43.75 -3.39
N PHE C 155 24.95 -43.26 -4.42
CA PHE C 155 23.50 -43.39 -4.45
C PHE C 155 22.90 -43.30 -5.85
N ASN C 156 21.66 -43.81 -6.02
CA ASN C 156 20.88 -43.77 -7.26
C ASN C 156 19.89 -42.61 -7.25
N ILE C 157 20.12 -41.59 -8.10
CA ILE C 157 19.27 -40.39 -8.19
C ILE C 157 18.74 -40.20 -9.60
N THR C 158 17.46 -39.86 -9.68
CA THR C 158 16.74 -39.64 -10.92
C THR C 158 17.26 -38.40 -11.61
N THR C 159 17.42 -38.45 -12.94
CA THR C 159 17.89 -37.29 -13.70
C THR C 159 16.72 -36.46 -14.22
N GLU C 160 16.99 -35.43 -15.05
CA GLU C 160 15.89 -34.55 -15.48
C GLU C 160 14.79 -35.34 -16.18
N LEU C 161 15.17 -36.42 -16.83
CA LEU C 161 14.28 -37.27 -17.55
C LEU C 161 13.99 -38.41 -16.59
N ARG C 162 12.76 -38.51 -16.12
CA ARG C 162 12.40 -39.48 -15.08
C ARG C 162 12.66 -40.93 -15.38
N ASP C 163 12.63 -41.32 -16.63
CA ASP C 163 12.86 -42.71 -16.95
C ASP C 163 14.32 -43.13 -16.79
N LYS C 164 15.24 -42.18 -16.61
CA LYS C 164 16.64 -42.49 -16.48
C LYS C 164 17.16 -42.12 -15.10
N ARG C 165 18.12 -42.89 -14.62
CA ARG C 165 18.71 -42.63 -13.33
C ARG C 165 20.22 -42.75 -13.43
N GLU C 166 20.93 -42.08 -12.54
CA GLU C 166 22.37 -42.21 -12.50
C GLU C 166 22.91 -42.49 -11.11
N LYS C 167 24.02 -43.21 -11.07
CA LYS C 167 24.70 -43.44 -9.81
C LYS C 167 25.69 -42.31 -9.59
N LYS C 168 25.54 -41.65 -8.47
CA LYS C 168 26.38 -40.52 -8.10
C LYS C 168 27.17 -40.79 -6.85
N ASN C 169 28.24 -40.03 -6.67
CA ASN C 169 29.08 -40.14 -5.49
C ASN C 169 29.38 -38.77 -4.92
N ALA C 170 29.32 -38.67 -3.60
CA ALA C 170 29.66 -37.43 -2.91
C ALA C 170 30.18 -37.70 -1.52
N LEU C 171 30.94 -36.77 -0.98
CA LEU C 171 31.40 -36.96 0.38
C LEU C 171 30.48 -36.20 1.32
N PHE C 172 30.24 -36.80 2.48
CA PHE C 172 29.39 -36.23 3.53
C PHE C 172 30.02 -36.31 4.91
N TYR C 173 29.61 -35.42 5.80
CA TYR C 173 30.06 -35.46 7.19
C TYR C 173 29.26 -36.43 8.04
N LYS C 174 29.92 -37.01 9.03
CA LYS C 174 29.26 -37.90 9.99
C LYS C 174 28.19 -37.22 10.82
N LEU C 175 28.18 -35.89 10.85
CA LEU C 175 27.14 -35.17 11.57
C LEU C 175 25.91 -34.92 10.70
N ASP C 176 26.01 -35.21 9.39
CA ASP C 176 24.91 -35.02 8.45
C ASP C 176 24.22 -36.35 8.16
N ILE C 177 24.98 -37.43 8.29
CA ILE C 177 24.55 -38.80 7.93
C ILE C 177 24.24 -39.72 9.10
N VAL C 178 23.08 -40.40 9.05
CA VAL C 178 22.68 -41.37 10.08
C VAL C 178 22.54 -42.78 9.51
N GLN C 179 23.09 -43.75 10.23
CA GLN C 179 23.08 -45.14 9.80
C GLN C 179 21.69 -45.74 9.90
N LEU C 180 21.28 -46.48 8.87
CA LEU C 180 19.97 -47.13 8.86
C LEU C 180 19.86 -48.39 9.70
N ASP C 181 20.92 -49.18 9.80
CA ASP C 181 20.84 -50.39 10.62
C ASP C 181 22.23 -50.77 11.11
N GLY C 182 22.33 -51.83 11.90
CA GLY C 182 23.62 -52.25 12.40
C GLY C 182 24.38 -53.04 11.34
N ASN C 183 25.70 -53.05 11.46
CA ASN C 183 26.54 -53.84 10.55
C ASN C 183 26.19 -53.58 9.10
N SER C 184 26.00 -52.31 8.75
CA SER C 184 25.61 -51.97 7.40
C SER C 184 26.15 -50.66 6.90
N SER C 185 26.38 -50.65 5.59
CA SER C 185 26.85 -49.50 4.83
C SER C 185 25.70 -48.60 4.43
N GLN C 186 24.48 -49.00 4.76
CA GLN C 186 23.33 -48.23 4.37
C GLN C 186 23.06 -47.06 5.32
N TYR C 187 23.01 -45.88 4.75
CA TYR C 187 22.81 -44.63 5.48
C TYR C 187 21.75 -43.74 4.86
N ARG C 188 21.26 -42.81 5.65
CA ARG C 188 20.28 -41.82 5.24
C ARG C 188 20.68 -40.43 5.71
N LEU C 189 20.19 -39.38 5.05
CA LEU C 189 20.50 -38.05 5.55
C LEU C 189 19.71 -37.86 6.83
N ILE C 190 20.26 -37.17 7.82
CA ILE C 190 19.55 -37.03 9.09
C ILE C 190 18.21 -36.37 9.06
N ASN C 191 18.05 -35.30 8.33
CA ASN C 191 16.74 -34.68 8.44
C ASN C 191 15.65 -35.26 7.54
N CYS C 192 15.93 -36.36 6.75
CA CYS C 192 14.94 -37.04 5.90
C CYS C 192 14.06 -37.87 6.80
N ASN C 193 14.45 -37.95 8.06
CA ASN C 193 13.68 -38.65 9.07
C ASN C 193 12.40 -37.85 9.42
N THR C 194 12.47 -36.46 9.43
CA THR C 194 11.37 -35.59 9.88
C THR C 194 10.90 -34.49 8.95
N SER C 195 11.72 -34.00 8.02
CA SER C 195 11.26 -32.86 7.23
C SER C 195 12.01 -32.64 5.93
N ALA C 196 11.62 -31.58 5.25
CA ALA C 196 12.25 -31.19 4.02
C ALA C 196 13.60 -30.58 4.31
N ILE C 197 14.52 -30.72 3.36
CA ILE C 197 15.82 -30.10 3.42
C ILE C 197 15.91 -29.17 2.21
N THR C 198 16.24 -27.92 2.43
CA THR C 198 16.34 -26.95 1.34
C THR C 198 17.78 -26.50 1.19
N GLN C 199 18.27 -26.50 -0.03
CA GLN C 199 19.63 -26.07 -0.27
C GLN C 199 19.65 -24.59 -0.30
N ALA C 200 20.58 -23.99 0.42
CA ALA C 200 20.67 -22.55 0.34
C ALA C 200 21.18 -22.24 -1.05
N CYS C 201 20.71 -21.15 -1.67
CA CYS C 201 21.17 -20.69 -2.98
C CYS C 201 22.64 -20.20 -2.85
N PRO C 202 23.57 -20.70 -3.68
CA PRO C 202 24.99 -20.37 -3.65
C PRO C 202 25.27 -18.93 -4.04
N LYS C 203 24.29 -18.31 -4.68
CA LYS C 203 24.36 -16.96 -5.16
C LYS C 203 23.83 -15.94 -4.14
N VAL C 204 23.31 -16.42 -3.01
CA VAL C 204 22.73 -15.52 -2.03
C VAL C 204 23.63 -15.28 -0.84
N SER C 205 23.86 -14.02 -0.53
CA SER C 205 24.72 -13.66 0.58
C SER C 205 23.97 -13.36 1.86
N PHE C 206 24.42 -14.01 2.92
CA PHE C 206 23.83 -13.82 4.21
C PHE C 206 24.74 -13.06 5.16
N GLU C 207 25.78 -12.43 4.59
CA GLU C 207 26.73 -11.69 5.39
C GLU C 207 25.97 -10.73 6.30
N PRO C 208 26.26 -10.70 7.61
CA PRO C 208 25.58 -9.89 8.60
C PRO C 208 26.00 -8.43 8.57
N ILE C 209 25.68 -7.77 7.48
CA ILE C 209 25.97 -6.36 7.32
C ILE C 209 25.07 -5.63 8.30
N PRO C 210 25.47 -4.49 8.87
CA PRO C 210 24.67 -3.75 9.83
C PRO C 210 23.32 -3.35 9.26
N ILE C 211 22.30 -3.42 10.08
CA ILE C 211 20.97 -2.99 9.71
C ILE C 211 20.43 -2.01 10.76
N HIS C 212 19.45 -1.19 10.42
CA HIS C 212 18.95 -0.25 11.42
C HIS C 212 17.46 -0.39 11.64
N TYR C 213 17.01 -0.35 12.87
CA TYR C 213 15.56 -0.39 13.08
C TYR C 213 15.12 1.04 13.33
N CYS C 214 14.08 1.48 12.59
CA CYS C 214 13.59 2.87 12.57
C CYS C 214 12.12 2.96 12.98
N ALA C 215 11.82 4.01 13.73
CA ALA C 215 10.45 4.24 14.17
C ALA C 215 9.58 4.79 13.05
N PRO C 216 8.29 4.43 13.00
CA PRO C 216 7.27 5.00 12.13
C PRO C 216 6.88 6.37 12.66
N ALA C 217 6.28 7.20 11.84
CA ALA C 217 5.86 8.50 12.34
C ALA C 217 4.90 8.34 13.51
N GLY C 218 5.08 9.17 14.52
CA GLY C 218 4.25 9.12 15.72
C GLY C 218 4.96 8.38 16.86
N PHE C 219 6.06 7.74 16.52
CA PHE C 219 6.88 6.99 17.46
C PHE C 219 8.31 7.49 17.49
N ALA C 220 8.98 7.22 18.59
CA ALA C 220 10.37 7.63 18.72
C ALA C 220 11.18 6.60 19.47
N ILE C 221 12.49 6.57 19.21
CA ILE C 221 13.32 5.64 19.94
C ILE C 221 14.17 6.39 20.94
N LEU C 222 14.06 6.01 22.19
CA LEU C 222 14.84 6.67 23.21
C LEU C 222 16.08 5.87 23.47
N LYS C 223 17.17 6.55 23.71
CA LYS C 223 18.43 5.89 24.04
C LYS C 223 18.86 6.17 25.46
N CYS C 224 19.37 5.13 26.13
CA CYS C 224 20.00 5.20 27.43
C CYS C 224 21.49 5.46 27.24
N ASN C 225 21.97 6.58 27.75
CA ASN C 225 23.37 6.96 27.57
C ASN C 225 24.24 6.84 28.83
N ASN C 226 23.81 6.03 29.81
CA ASN C 226 24.49 5.73 31.07
C ASN C 226 25.48 4.56 30.82
N LYS C 227 26.79 4.86 30.94
CA LYS C 227 27.93 3.96 30.68
C LYS C 227 27.99 2.76 31.62
N THR C 228 27.26 2.83 32.72
CA THR C 228 27.21 1.73 33.68
C THR C 228 25.82 1.13 33.76
N PHE C 229 24.96 1.41 32.79
CA PHE C 229 23.60 0.86 32.85
C PHE C 229 23.63 -0.67 32.81
N THR C 230 22.89 -1.26 33.74
CA THR C 230 22.82 -2.70 33.96
C THR C 230 21.67 -3.39 33.27
N GLY C 231 20.94 -2.67 32.46
CA GLY C 231 19.83 -3.21 31.69
C GLY C 231 18.44 -2.92 32.21
N THR C 232 18.30 -2.55 33.47
CA THR C 232 16.96 -2.23 33.97
C THR C 232 16.94 -0.98 34.82
N GLY C 233 15.77 -0.37 34.90
CA GLY C 233 15.52 0.73 35.81
C GLY C 233 15.76 2.07 35.14
N PRO C 234 15.66 3.15 35.91
CA PRO C 234 15.78 4.51 35.47
C PRO C 234 17.14 4.69 34.84
N CYS C 235 17.21 5.51 33.78
CA CYS C 235 18.42 5.87 33.08
C CYS C 235 18.35 7.37 32.90
N ASN C 236 19.39 8.02 33.35
CA ASN C 236 19.44 9.45 33.25
C ASN C 236 20.01 9.74 31.89
N ASN C 237 20.14 11.02 31.51
CA ASN C 237 20.75 11.48 30.27
C ASN C 237 20.15 10.81 29.00
N VAL C 238 18.79 10.70 28.92
CA VAL C 238 18.10 10.06 27.78
C VAL C 238 18.06 10.97 26.55
N SER C 239 18.38 10.38 25.39
CA SER C 239 18.35 11.12 24.13
C SER C 239 17.38 10.47 23.15
N THR C 240 16.91 11.23 22.17
CA THR C 240 15.98 10.67 21.20
C THR C 240 16.52 10.59 19.79
N VAL C 241 16.32 9.42 19.16
CA VAL C 241 16.73 9.20 17.78
C VAL C 241 15.61 8.60 16.94
N GLN C 242 15.80 8.67 15.62
CA GLN C 242 14.85 8.01 14.72
C GLN C 242 15.12 6.53 14.42
N CYS C 243 16.42 6.12 14.42
CA CYS C 243 16.89 4.79 14.06
C CYS C 243 17.98 4.35 15.02
N THR C 244 18.16 3.03 15.12
CA THR C 244 19.24 2.44 15.90
C THR C 244 20.57 2.63 15.16
N HIS C 245 21.68 2.38 15.85
CA HIS C 245 23.05 2.61 15.34
C HIS C 245 23.59 1.76 14.21
N GLY C 246 23.00 0.62 13.99
CA GLY C 246 23.46 -0.30 12.97
C GLY C 246 23.93 -1.55 13.68
N ILE C 247 23.06 -2.53 13.69
CA ILE C 247 23.29 -3.75 14.42
C ILE C 247 23.58 -4.87 13.47
N LYS C 248 24.64 -5.61 13.73
CA LYS C 248 24.98 -6.72 12.87
C LYS C 248 24.31 -7.98 13.39
N PRO C 249 23.47 -8.66 12.63
CA PRO C 249 22.74 -9.84 13.04
C PRO C 249 23.64 -11.07 13.02
N VAL C 250 24.64 -11.05 13.89
CA VAL C 250 25.60 -12.13 14.02
C VAL C 250 25.05 -13.15 14.97
N VAL C 251 25.11 -14.40 14.56
CA VAL C 251 24.57 -15.49 15.35
C VAL C 251 25.64 -16.37 15.98
N SER C 252 25.47 -16.66 17.25
CA SER C 252 26.37 -17.52 18.01
C SER C 252 25.61 -18.20 19.15
N THR C 253 26.26 -19.16 19.81
CA THR C 253 25.65 -19.93 20.88
C THR C 253 26.21 -19.80 22.30
N GLN C 254 27.39 -19.22 22.47
CA GLN C 254 27.99 -19.12 23.80
C GLN C 254 28.99 -18.00 23.90
N LEU C 255 29.71 -17.73 22.84
CA LEU C 255 30.54 -16.54 22.88
C LEU C 255 29.78 -15.60 22.01
N LEU C 256 29.76 -14.33 22.37
CA LEU C 256 29.10 -13.33 21.56
C LEU C 256 30.14 -12.73 20.67
N LEU C 257 29.94 -12.87 19.38
CA LEU C 257 30.93 -12.40 18.43
C LEU C 257 30.47 -11.12 17.75
N ASN C 258 31.44 -10.24 17.46
CA ASN C 258 31.34 -8.96 16.77
C ASN C 258 30.41 -8.02 17.52
N GLY C 259 30.21 -6.78 17.02
CA GLY C 259 29.41 -5.76 17.68
C GLY C 259 30.28 -4.86 18.55
N SER C 260 29.64 -3.97 19.30
CA SER C 260 30.36 -2.99 20.11
C SER C 260 30.80 -3.53 21.46
N LEU C 261 31.75 -2.81 22.05
CA LEU C 261 32.27 -3.09 23.38
C LEU C 261 31.70 -2.12 24.37
N ALA C 262 31.68 -2.50 25.63
CA ALA C 262 31.21 -1.61 26.66
C ALA C 262 32.14 -0.41 26.73
N GLU C 263 31.59 0.80 26.91
CA GLU C 263 32.44 1.98 27.03
C GLU C 263 32.93 2.20 28.47
N GLY C 264 32.36 1.43 29.38
CA GLY C 264 32.66 1.45 30.79
C GLY C 264 33.54 0.25 31.09
N GLU C 265 33.42 -0.30 32.28
CA GLU C 265 34.20 -1.47 32.66
C GLU C 265 33.38 -2.67 32.22
N ILE C 266 33.85 -3.89 32.44
CA ILE C 266 33.06 -5.03 31.98
C ILE C 266 31.76 -5.07 32.77
N ILE C 267 30.64 -5.18 32.08
CA ILE C 267 29.35 -5.16 32.75
C ILE C 267 28.65 -6.49 32.76
N ILE C 268 28.23 -6.90 33.94
CA ILE C 268 27.52 -8.15 34.10
C ILE C 268 26.04 -7.81 34.09
N ARG C 269 25.26 -8.38 33.17
CA ARG C 269 23.85 -8.04 33.11
C ARG C 269 22.95 -9.27 33.13
N SER C 270 21.88 -9.21 33.87
CA SER C 270 20.95 -10.33 33.89
C SER C 270 19.61 -9.82 34.28
N GLU C 271 18.57 -10.60 34.04
CA GLU C 271 17.25 -10.25 34.52
C GLU C 271 17.28 -10.31 36.04
N ASN C 272 18.00 -11.30 36.55
CA ASN C 272 18.16 -11.53 37.97
C ASN C 272 19.47 -12.29 38.24
N ILE C 273 20.45 -11.63 38.85
CA ILE C 273 21.77 -12.26 39.11
C ILE C 273 21.67 -13.43 40.09
N THR C 274 20.85 -13.24 41.13
CA THR C 274 20.63 -14.22 42.18
C THR C 274 19.95 -15.48 41.66
N ASP C 275 19.01 -15.31 40.75
CA ASP C 275 18.24 -16.42 40.21
C ASP C 275 19.03 -17.29 39.22
N ASN C 276 19.17 -18.58 39.53
CA ASN C 276 19.96 -19.49 38.70
C ASN C 276 19.23 -19.87 37.41
N GLY C 277 17.98 -19.44 37.30
CA GLY C 277 17.19 -19.72 36.12
C GLY C 277 17.36 -18.66 35.02
N LYS C 278 18.20 -17.65 35.27
CA LYS C 278 18.39 -16.59 34.27
C LYS C 278 19.75 -16.60 33.59
N THR C 279 19.77 -16.08 32.38
CA THR C 279 20.99 -15.89 31.59
C THR C 279 21.76 -14.70 32.10
N ILE C 280 23.07 -14.83 32.23
CA ILE C 280 23.91 -13.71 32.55
C ILE C 280 24.73 -13.34 31.35
N LEU C 281 24.62 -12.12 30.89
CA LEU C 281 25.40 -11.71 29.76
C LEU C 281 26.57 -10.92 30.27
N VAL C 282 27.71 -11.15 29.67
CA VAL C 282 28.87 -10.38 30.05
C VAL C 282 29.28 -9.55 28.90
N HIS C 283 29.31 -8.25 29.10
CA HIS C 283 29.67 -7.37 28.00
C HIS C 283 31.06 -6.82 28.26
N LEU C 284 32.01 -7.23 27.42
CA LEU C 284 33.40 -6.87 27.64
C LEU C 284 33.64 -5.44 27.16
N ASN C 285 34.62 -4.73 27.77
CA ASN C 285 35.08 -3.40 27.36
C ASN C 285 36.31 -3.43 26.44
N GLU C 286 36.90 -4.64 26.20
CA GLU C 286 38.06 -4.93 25.36
C GLU C 286 37.68 -6.20 24.60
N SER C 287 38.03 -6.27 23.34
CA SER C 287 37.72 -7.44 22.55
C SER C 287 38.77 -8.53 22.66
N VAL C 288 38.38 -9.74 22.29
CA VAL C 288 39.34 -10.84 22.19
C VAL C 288 39.38 -11.28 20.74
N LYS C 289 40.55 -11.23 20.12
CA LYS C 289 40.62 -11.59 18.72
C LYS C 289 40.66 -13.08 18.53
N ILE C 290 39.73 -13.61 17.74
CA ILE C 290 39.66 -15.03 17.46
C ILE C 290 39.73 -15.33 15.98
N GLU C 291 40.58 -16.27 15.63
CA GLU C 291 40.74 -16.67 14.23
C GLU C 291 40.42 -18.15 14.05
N CYS C 292 39.57 -18.47 13.03
CA CYS C 292 39.10 -19.80 12.66
C CYS C 292 39.35 -20.09 11.19
N THR C 293 39.72 -21.32 10.88
CA THR C 293 39.98 -21.64 9.49
C THR C 293 39.87 -23.10 9.10
N ARG C 294 39.58 -23.29 7.85
CA ARG C 294 39.63 -24.59 7.24
C ARG C 294 40.65 -24.41 6.14
N PRO C 295 41.95 -24.67 6.41
CA PRO C 295 43.10 -24.38 5.56
C PRO C 295 43.23 -25.34 4.42
N ASN C 296 42.42 -26.37 4.44
CA ASN C 296 42.48 -27.37 3.43
C ASN C 296 41.56 -26.92 2.31
N ASN C 297 41.81 -27.35 1.07
CA ASN C 297 40.99 -27.03 -0.09
C ASN C 297 39.91 -28.09 -0.27
N LYS C 298 38.78 -27.70 -0.88
CA LYS C 298 37.68 -28.61 -1.20
C LYS C 298 37.19 -28.30 -2.59
N THR C 299 36.76 -29.33 -3.29
CA THR C 299 36.17 -29.15 -4.60
C THR C 299 34.70 -29.46 -4.50
N ARG C 300 33.93 -28.95 -5.45
CA ARG C 300 32.50 -29.19 -5.50
C ARG C 300 32.08 -29.91 -6.76
N THR C 301 31.06 -30.75 -6.64
CA THR C 301 30.45 -31.41 -7.79
C THR C 301 29.02 -30.94 -7.92
N SER C 302 28.37 -31.36 -8.99
CA SER C 302 26.99 -30.91 -9.21
C SER C 302 26.10 -31.98 -9.80
N ILE C 303 25.00 -32.22 -9.10
CA ILE C 303 24.04 -33.24 -9.47
C ILE C 303 22.72 -32.65 -9.95
N ARG C 304 22.33 -33.01 -11.15
CA ARG C 304 21.09 -32.46 -11.68
C ARG C 304 19.94 -33.30 -11.17
N ILE C 305 19.39 -32.86 -10.05
CA ILE C 305 18.34 -33.59 -9.36
C ILE C 305 17.01 -33.54 -10.12
N GLY C 306 16.83 -32.54 -10.98
CA GLY C 306 15.60 -32.41 -11.74
C GLY C 306 15.76 -31.23 -12.68
N PRO C 307 14.74 -30.86 -13.46
CA PRO C 307 14.81 -29.77 -14.41
C PRO C 307 15.21 -28.50 -13.72
N GLY C 308 16.18 -27.76 -14.27
CA GLY C 308 16.56 -26.48 -13.65
C GLY C 308 17.44 -26.56 -12.39
N GLN C 309 16.97 -27.33 -11.41
CA GLN C 309 17.59 -27.51 -10.10
C GLN C 309 18.86 -28.34 -10.12
N ALA C 310 19.74 -28.05 -9.16
CA ALA C 310 20.92 -28.86 -8.98
C ALA C 310 21.36 -28.88 -7.54
N PHE C 311 21.91 -30.00 -7.14
CA PHE C 311 22.46 -30.23 -5.84
C PHE C 311 23.95 -30.11 -5.83
N TYR C 312 24.44 -29.35 -4.89
CA TYR C 312 25.87 -29.20 -4.81
C TYR C 312 26.40 -30.07 -3.72
N ALA C 313 27.52 -30.70 -4.00
CA ALA C 313 28.06 -31.58 -3.00
C ALA C 313 29.56 -31.64 -2.99
N THR C 314 30.10 -32.08 -1.89
CA THR C 314 31.54 -32.19 -1.76
C THR C 314 32.10 -33.21 -2.72
N GLY C 315 33.14 -32.79 -3.42
CA GLY C 315 33.88 -33.59 -4.37
C GLY C 315 35.05 -34.23 -3.65
N GLN C 316 36.16 -33.52 -3.58
CA GLN C 316 37.36 -34.03 -2.96
C GLN C 316 37.93 -33.10 -1.90
N VAL C 317 38.65 -33.69 -0.95
CA VAL C 317 39.38 -32.94 0.06
C VAL C 317 40.84 -32.88 -0.35
N ILE C 318 41.40 -31.67 -0.36
CA ILE C 318 42.79 -31.47 -0.73
C ILE C 318 43.60 -30.85 0.42
N GLY C 319 44.41 -31.64 1.12
CA GLY C 319 45.09 -31.04 2.27
C GLY C 319 45.13 -32.00 3.42
N ASP C 320 45.38 -31.53 4.63
CA ASP C 320 45.42 -32.46 5.74
C ASP C 320 43.99 -32.54 6.18
N ILE C 321 43.71 -33.21 7.27
CA ILE C 321 42.32 -33.34 7.67
C ILE C 321 42.00 -32.76 9.03
N ARG C 322 42.82 -31.80 9.48
CA ARG C 322 42.53 -31.15 10.73
C ARG C 322 41.64 -29.96 10.44
N GLU C 323 40.51 -29.88 11.11
CA GLU C 323 39.60 -28.79 10.83
C GLU C 323 39.58 -27.69 11.88
N ALA C 324 39.23 -26.51 11.42
CA ALA C 324 38.96 -25.30 12.17
C ALA C 324 40.15 -24.63 12.81
N TYR C 325 40.90 -25.34 13.64
CA TYR C 325 42.06 -24.67 14.26
C TYR C 325 41.69 -23.29 14.80
N CYS C 326 40.63 -23.17 15.66
CA CYS C 326 40.20 -21.85 16.16
C CYS C 326 41.02 -21.50 17.36
N ASN C 327 41.59 -20.31 17.38
CA ASN C 327 42.38 -19.96 18.54
C ASN C 327 42.34 -18.48 18.89
N ILE C 328 42.62 -18.24 20.20
CA ILE C 328 42.80 -16.94 20.82
C ILE C 328 44.09 -16.99 21.62
N SER C 329 44.72 -15.85 21.83
CA SER C 329 45.97 -15.80 22.60
C SER C 329 45.82 -16.12 24.06
N GLU C 330 46.83 -16.79 24.62
CA GLU C 330 46.84 -17.10 26.06
C GLU C 330 47.05 -15.84 26.87
N SER C 331 47.57 -14.80 26.20
CA SER C 331 47.84 -13.52 26.81
C SER C 331 46.59 -12.65 26.90
N THR C 332 45.51 -13.06 26.23
CA THR C 332 44.30 -12.28 26.23
C THR C 332 43.25 -13.02 27.02
N TRP C 333 43.12 -14.33 26.77
CA TRP C 333 42.17 -15.11 27.53
C TRP C 333 42.85 -15.21 28.85
N ASN C 334 42.25 -15.86 29.83
CA ASN C 334 42.82 -15.98 31.17
C ASN C 334 42.75 -14.64 31.89
N GLU C 335 43.40 -13.61 31.36
CA GLU C 335 43.35 -12.28 31.93
C GLU C 335 41.96 -11.73 31.71
N THR C 336 41.38 -11.95 30.53
CA THR C 336 40.04 -11.46 30.28
C THR C 336 39.09 -12.16 31.21
N LEU C 337 39.29 -13.46 31.38
CA LEU C 337 38.39 -14.21 32.21
C LEU C 337 38.53 -13.74 33.66
N GLY C 338 39.75 -13.45 34.09
CA GLY C 338 39.98 -12.97 35.45
C GLY C 338 39.28 -11.63 35.68
N LYS C 339 39.30 -10.74 34.68
CA LYS C 339 38.63 -9.46 34.80
C LYS C 339 37.13 -9.67 34.97
N VAL C 340 36.58 -10.66 34.25
CA VAL C 340 35.17 -10.98 34.38
C VAL C 340 34.91 -11.44 35.80
N VAL C 341 35.79 -12.26 36.35
CA VAL C 341 35.64 -12.73 37.71
C VAL C 341 35.67 -11.59 38.69
N LYS C 342 36.57 -10.64 38.51
CA LYS C 342 36.59 -9.52 39.44
C LYS C 342 35.24 -8.82 39.46
N GLN C 343 34.58 -8.73 38.30
CA GLN C 343 33.25 -8.13 38.26
C GLN C 343 32.21 -9.10 38.85
N LEU C 344 32.38 -10.42 38.67
CA LEU C 344 31.43 -11.36 39.23
C LEU C 344 31.46 -11.26 40.74
N ARG C 345 32.64 -10.97 41.30
CA ARG C 345 32.83 -10.83 42.74
C ARG C 345 32.01 -9.70 43.36
N LYS C 346 31.46 -8.80 42.54
CA LYS C 346 30.60 -7.75 43.07
C LYS C 346 29.28 -8.35 43.51
N HIS C 347 28.95 -9.52 42.98
CA HIS C 347 27.72 -10.22 43.29
C HIS C 347 28.02 -11.51 44.03
N PHE C 348 29.22 -12.01 43.81
CA PHE C 348 29.65 -13.27 44.37
C PHE C 348 30.99 -13.08 45.08
N PRO C 349 31.01 -12.41 46.25
CA PRO C 349 32.20 -11.89 46.92
C PRO C 349 33.01 -12.94 47.65
N HIS C 350 33.56 -13.87 46.91
CA HIS C 350 34.35 -14.95 47.46
C HIS C 350 35.35 -15.50 46.43
N LYS C 351 36.13 -16.50 46.86
CA LYS C 351 37.18 -17.10 46.03
C LYS C 351 36.89 -18.52 45.57
N ASN C 352 35.60 -18.89 45.55
CA ASN C 352 35.17 -20.21 45.13
C ASN C 352 34.47 -20.19 43.78
N ILE C 353 34.80 -19.19 42.95
CA ILE C 353 34.27 -19.04 41.61
C ILE C 353 35.01 -19.96 40.64
N THR C 354 34.25 -20.71 39.86
CA THR C 354 34.89 -21.58 38.88
C THR C 354 34.14 -21.65 37.58
N PHE C 355 34.88 -21.92 36.52
CA PHE C 355 34.33 -22.09 35.19
C PHE C 355 34.53 -23.50 34.75
N GLN C 356 33.43 -24.10 34.39
CA GLN C 356 33.43 -25.47 33.94
C GLN C 356 32.97 -25.53 32.49
N PRO C 357 33.29 -26.61 31.76
CA PRO C 357 32.82 -26.91 30.43
C PRO C 357 31.32 -26.99 30.39
N SER C 358 30.77 -26.83 29.21
CA SER C 358 29.33 -26.85 29.04
C SER C 358 28.74 -28.21 29.39
N SER C 359 27.44 -28.19 29.62
CA SER C 359 26.68 -29.37 30.01
C SER C 359 26.17 -30.14 28.82
N GLY C 360 25.16 -30.97 29.05
CA GLY C 360 24.63 -31.81 27.99
C GLY C 360 23.62 -31.08 27.13
N GLY C 361 22.99 -31.81 26.24
CA GLY C 361 22.05 -31.25 25.28
C GLY C 361 22.62 -31.52 23.91
N ASP C 362 21.99 -31.03 22.86
CA ASP C 362 22.48 -31.34 21.54
C ASP C 362 23.64 -30.42 21.16
N LEU C 363 24.21 -30.65 19.97
CA LEU C 363 25.37 -29.88 19.54
C LEU C 363 25.09 -28.40 19.51
N GLU C 364 23.90 -28.02 19.14
CA GLU C 364 23.53 -26.63 19.02
C GLU C 364 23.58 -25.85 20.33
N VAL C 365 23.57 -26.53 21.47
CA VAL C 365 23.64 -25.84 22.74
C VAL C 365 24.88 -26.19 23.56
N THR C 366 25.63 -27.23 23.18
CA THR C 366 26.79 -27.59 23.97
C THR C 366 28.08 -27.04 23.41
N THR C 367 28.09 -26.66 22.14
CA THR C 367 29.30 -26.16 21.54
C THR C 367 29.14 -24.75 20.99
N HIS C 368 30.15 -24.23 20.27
CA HIS C 368 30.07 -22.80 19.83
C HIS C 368 29.89 -22.73 18.33
N SER C 369 28.70 -22.40 17.86
CA SER C 369 28.37 -22.34 16.40
C SER C 369 29.06 -21.13 15.76
N PHE C 370 29.70 -21.28 14.64
CA PHE C 370 30.18 -20.05 14.00
C PHE C 370 29.60 -20.11 12.60
N ASN C 371 29.29 -18.99 12.05
CA ASN C 371 28.82 -18.80 10.65
C ASN C 371 30.01 -18.34 9.81
N CYS C 372 31.09 -19.12 9.79
CA CYS C 372 32.31 -18.72 9.03
C CYS C 372 32.06 -18.94 7.54
N GLY C 373 31.88 -17.85 6.79
CA GLY C 373 31.56 -17.97 5.35
C GLY C 373 30.29 -18.77 5.13
N GLY C 374 30.27 -19.62 4.10
CA GLY C 374 29.10 -20.47 3.87
C GLY C 374 29.05 -21.75 4.73
N GLU C 375 29.96 -21.90 5.70
CA GLU C 375 30.00 -23.14 6.50
C GLU C 375 29.78 -22.93 7.99
N PHE C 376 29.23 -23.94 8.63
CA PHE C 376 28.93 -23.82 10.05
C PHE C 376 29.86 -24.64 10.92
N PHE C 377 30.55 -23.85 11.75
CA PHE C 377 31.54 -24.47 12.64
C PHE C 377 30.90 -24.76 13.98
N TYR C 378 31.25 -25.87 14.58
CA TYR C 378 30.82 -26.27 15.91
C TYR C 378 32.04 -26.59 16.79
N CYS C 379 32.55 -25.57 17.55
CA CYS C 379 33.84 -25.58 18.25
C CYS C 379 33.78 -25.97 19.71
N ASN C 380 34.76 -26.75 20.12
CA ASN C 380 34.86 -27.22 21.49
C ASN C 380 35.58 -26.20 22.36
N THR C 381 34.82 -25.53 23.26
CA THR C 381 35.26 -24.46 24.15
C THR C 381 35.57 -24.95 25.55
N SER C 382 35.62 -26.27 25.74
CA SER C 382 35.94 -26.80 27.07
C SER C 382 37.34 -26.41 27.48
N GLY C 383 38.16 -26.07 26.50
CA GLY C 383 39.52 -25.66 26.76
C GLY C 383 39.58 -24.23 27.28
N LEU C 384 38.49 -23.47 27.14
CA LEU C 384 38.49 -22.09 27.59
C LEU C 384 37.86 -21.96 28.97
N PHE C 385 36.75 -22.68 29.16
CA PHE C 385 36.02 -22.57 30.41
C PHE C 385 36.42 -23.63 31.39
N ASN C 386 37.66 -23.54 31.80
CA ASN C 386 38.21 -24.48 32.75
C ASN C 386 39.17 -23.78 33.68
N SER C 387 38.63 -23.24 34.77
CA SER C 387 39.47 -22.50 35.72
C SER C 387 38.85 -22.39 37.10
N THR C 388 39.70 -22.14 38.08
CA THR C 388 39.24 -21.84 39.43
C THR C 388 39.85 -20.52 39.85
N TRP C 389 39.12 -19.70 40.63
CA TRP C 389 39.55 -18.36 41.07
C TRP C 389 39.36 -18.19 42.57
N ASP C 405 52.07 -17.69 22.42
CA ASP C 405 51.33 -18.84 22.91
C ASP C 405 49.82 -18.57 22.79
N SER C 406 49.06 -19.58 22.29
CA SER C 406 47.61 -19.53 22.04
C SER C 406 46.95 -20.85 22.31
N ILE C 407 45.65 -20.78 22.51
CA ILE C 407 44.86 -21.97 22.77
C ILE C 407 44.01 -22.31 21.58
N THR C 408 44.11 -23.57 21.14
CA THR C 408 43.37 -24.04 19.99
C THR C 408 42.21 -24.90 20.35
N LEU C 409 41.13 -24.65 19.67
CA LEU C 409 39.90 -25.35 19.84
C LEU C 409 39.61 -26.16 18.57
N PRO C 410 39.46 -27.49 18.64
CA PRO C 410 39.13 -28.34 17.53
C PRO C 410 37.67 -28.05 17.30
N CYS C 411 37.15 -28.24 16.07
CA CYS C 411 35.74 -28.02 15.77
C CYS C 411 35.32 -29.04 14.73
N ARG C 412 34.01 -29.17 14.57
CA ARG C 412 33.50 -30.02 13.51
C ARG C 412 32.66 -29.17 12.58
N ILE C 413 32.56 -29.60 11.34
CA ILE C 413 31.79 -28.86 10.36
C ILE C 413 30.54 -29.64 10.02
N LYS C 414 29.42 -28.95 10.02
CA LYS C 414 28.13 -29.58 9.72
C LYS C 414 27.50 -28.88 8.52
N GLN C 415 26.84 -29.63 7.63
CA GLN C 415 26.21 -29.02 6.45
C GLN C 415 24.71 -28.98 6.51
N ILE C 416 24.06 -29.97 7.15
CA ILE C 416 22.61 -29.90 7.18
C ILE C 416 22.24 -29.40 8.55
N ILE C 417 21.66 -28.21 8.63
CA ILE C 417 21.37 -27.68 9.94
C ILE C 417 19.94 -27.25 10.16
N ASN C 418 19.53 -27.36 11.40
CA ASN C 418 18.23 -26.89 11.83
C ASN C 418 18.51 -25.55 12.42
N MET C 419 17.96 -24.51 11.85
CA MET C 419 18.32 -23.21 12.34
C MET C 419 17.63 -22.86 13.64
N TRP C 420 18.36 -22.11 14.44
CA TRP C 420 17.93 -21.61 15.73
C TRP C 420 17.51 -22.80 16.56
N GLN C 421 16.30 -22.76 17.09
CA GLN C 421 15.78 -23.84 17.91
C GLN C 421 14.53 -24.40 17.25
N GLU C 422 14.43 -24.21 15.95
CA GLU C 422 13.29 -24.64 15.18
C GLU C 422 13.41 -26.08 14.71
N VAL C 423 12.26 -26.67 14.38
CA VAL C 423 12.25 -28.04 13.89
C VAL C 423 11.74 -28.14 12.46
N GLY C 424 12.54 -28.77 11.63
CA GLY C 424 12.22 -28.97 10.23
C GLY C 424 12.75 -27.82 9.39
N ARG C 425 12.42 -27.85 8.09
CA ARG C 425 12.94 -26.84 7.16
C ARG C 425 14.44 -26.75 7.31
N ALA C 426 15.10 -27.89 7.27
CA ALA C 426 16.53 -27.93 7.46
C ALA C 426 17.18 -27.27 6.30
N MET C 427 18.27 -26.59 6.57
CA MET C 427 19.00 -25.96 5.49
C MET C 427 20.27 -26.69 5.17
N TYR C 428 20.54 -26.84 3.89
CA TYR C 428 21.78 -27.46 3.49
C TYR C 428 22.74 -26.41 2.97
N ALA C 429 23.93 -26.41 3.52
CA ALA C 429 24.95 -25.49 3.13
C ALA C 429 25.86 -26.10 2.06
N PRO C 430 25.90 -25.58 0.81
CA PRO C 430 26.76 -26.07 -0.23
C PRO C 430 28.14 -25.86 0.32
N PRO C 431 29.13 -26.66 -0.07
CA PRO C 431 30.50 -26.54 0.38
C PRO C 431 31.18 -25.33 -0.18
N ILE C 432 32.17 -24.82 0.55
CA ILE C 432 33.03 -23.76 0.03
C ILE C 432 34.17 -24.36 -0.77
N GLN C 433 34.33 -23.94 -2.02
CA GLN C 433 35.45 -24.45 -2.75
C GLN C 433 36.66 -23.66 -2.34
N GLY C 434 37.78 -24.34 -2.24
CA GLY C 434 39.00 -23.68 -1.83
C GLY C 434 39.01 -23.65 -0.30
N ASN C 435 39.99 -22.97 0.33
CA ASN C 435 40.10 -22.86 1.79
C ASN C 435 39.41 -21.58 2.27
N ILE C 436 39.07 -21.53 3.59
CA ILE C 436 38.46 -20.36 4.26
C ILE C 436 39.10 -19.96 5.57
N THR C 437 39.28 -18.65 5.76
CA THR C 437 39.75 -18.09 7.03
C THR C 437 38.78 -16.98 7.46
N CYS C 438 38.33 -17.01 8.74
CA CYS C 438 37.46 -16.02 9.37
C CYS C 438 38.12 -15.45 10.62
N VAL C 439 38.02 -14.14 10.75
CA VAL C 439 38.53 -13.44 11.90
C VAL C 439 37.43 -12.66 12.53
N SER C 440 37.26 -12.81 13.82
CA SER C 440 36.19 -12.10 14.51
C SER C 440 36.62 -11.64 15.90
N ASN C 441 35.83 -10.71 16.48
CA ASN C 441 36.05 -10.09 17.77
C ASN C 441 35.06 -10.60 18.82
N ILE C 442 35.52 -11.27 19.90
CA ILE C 442 34.61 -11.74 20.95
C ILE C 442 34.32 -10.50 21.78
N THR C 443 33.05 -10.16 21.91
CA THR C 443 32.68 -8.96 22.63
C THR C 443 32.01 -9.29 23.92
N GLY C 444 31.60 -10.54 24.08
CA GLY C 444 30.93 -10.90 25.29
C GLY C 444 30.74 -12.39 25.46
N LEU C 445 30.16 -12.75 26.58
CA LEU C 445 29.95 -14.14 26.92
C LEU C 445 28.51 -14.40 27.30
N ILE C 446 28.02 -15.62 27.05
CA ILE C 446 26.73 -15.97 27.60
C ILE C 446 26.98 -16.99 28.69
N LEU C 447 26.70 -16.63 29.93
CA LEU C 447 26.99 -17.56 31.00
C LEU C 447 25.77 -17.96 31.81
N THR C 448 25.76 -19.16 32.34
CA THR C 448 24.72 -19.51 33.29
C THR C 448 25.32 -20.01 34.58
N ARG C 449 24.44 -20.25 35.55
CA ARG C 449 24.84 -20.73 36.89
C ARG C 449 24.17 -22.04 37.27
N ASP C 450 24.82 -23.18 36.95
CA ASP C 450 24.30 -24.54 37.15
C ASP C 450 24.87 -25.06 38.48
N ASN C 455 29.09 -23.11 50.11
CA ASN C 455 29.29 -23.91 48.91
C ASN C 455 30.09 -23.04 47.92
N THR C 456 30.41 -23.61 46.73
CA THR C 456 31.16 -22.97 45.65
C THR C 456 30.20 -22.54 44.55
N GLU C 457 30.68 -21.70 43.61
CA GLU C 457 29.79 -21.27 42.52
C GLU C 457 30.37 -21.48 41.14
N THR C 458 29.68 -22.34 40.38
CA THR C 458 30.11 -22.71 39.05
C THR C 458 29.33 -22.05 37.95
N PHE C 459 30.10 -21.51 37.01
CA PHE C 459 29.58 -20.89 35.81
C PHE C 459 29.81 -21.81 34.62
N ARG C 460 28.86 -21.79 33.70
CA ARG C 460 28.95 -22.61 32.50
C ARG C 460 28.73 -21.76 31.26
N PRO C 461 29.48 -21.99 30.18
CA PRO C 461 29.40 -21.28 28.92
C PRO C 461 28.26 -21.76 28.06
N GLY C 462 27.05 -21.51 28.51
CA GLY C 462 25.91 -21.95 27.75
C GLY C 462 24.60 -21.53 28.37
N GLY C 463 23.50 -22.01 27.79
CA GLY C 463 22.17 -21.66 28.24
C GLY C 463 21.66 -20.49 27.42
N GLY C 464 20.43 -20.08 27.67
CA GLY C 464 19.84 -18.97 26.91
C GLY C 464 19.26 -19.47 25.60
N ASP C 465 18.95 -18.53 24.72
CA ASP C 465 18.33 -18.83 23.45
C ASP C 465 18.98 -17.96 22.38
N MET C 466 18.32 -17.80 21.23
CA MET C 466 18.94 -17.06 20.15
C MET C 466 18.62 -15.58 20.18
N ARG C 467 17.81 -15.13 21.15
CA ARG C 467 17.38 -13.75 21.25
C ARG C 467 18.32 -12.96 22.14
N ASP C 468 18.94 -13.68 23.07
CA ASP C 468 19.89 -13.08 24.01
C ASP C 468 21.05 -12.40 23.28
N ASN C 469 21.31 -12.86 22.07
CA ASN C 469 22.37 -12.33 21.23
C ASN C 469 22.08 -10.91 20.80
N TRP C 470 20.81 -10.53 20.74
CA TRP C 470 20.42 -9.20 20.31
C TRP C 470 20.08 -8.33 21.49
N ARG C 471 19.74 -8.94 22.62
CA ARG C 471 19.45 -8.16 23.82
C ARG C 471 20.70 -7.39 24.16
N SER C 472 21.84 -8.00 23.89
CA SER C 472 23.14 -7.44 24.18
C SER C 472 23.41 -6.13 23.46
N GLU C 473 22.70 -5.83 22.37
CA GLU C 473 22.90 -4.54 21.71
C GLU C 473 21.66 -3.66 21.78
N LEU C 474 20.48 -4.26 21.90
CA LEU C 474 19.26 -3.47 21.93
C LEU C 474 18.88 -3.01 23.33
N TYR C 475 19.61 -3.43 24.34
CA TYR C 475 19.34 -3.05 25.72
C TYR C 475 19.27 -1.56 25.98
N LYS C 476 19.94 -0.77 25.17
CA LYS C 476 19.97 0.67 25.39
C LYS C 476 18.86 1.41 24.67
N TYR C 477 18.04 0.72 23.90
CA TYR C 477 17.00 1.44 23.16
C TYR C 477 15.60 1.09 23.64
N LYS C 478 14.71 2.08 23.62
CA LYS C 478 13.31 1.88 23.96
C LYS C 478 12.36 2.55 22.97
N VAL C 479 11.21 1.95 22.68
CA VAL C 479 10.26 2.60 21.79
C VAL C 479 9.07 3.18 22.52
N VAL C 480 8.81 4.46 22.25
CA VAL C 480 7.67 5.12 22.87
C VAL C 480 6.77 5.75 21.84
N LYS C 481 5.51 5.86 22.18
CA LYS C 481 4.51 6.48 21.35
C LYS C 481 4.32 7.90 21.77
N ILE C 482 4.31 8.81 20.82
CA ILE C 482 4.12 10.18 21.18
C ILE C 482 2.63 10.41 21.32
N GLU C 483 2.25 11.07 22.39
CA GLU C 483 0.84 11.34 22.69
C GLU C 483 0.59 12.82 22.84
N PRO C 484 0.66 13.62 21.76
CA PRO C 484 0.72 15.05 21.77
C PRO C 484 -0.60 15.74 21.99
N LEU C 485 -1.31 15.36 23.01
CA LEU C 485 -2.54 16.04 23.31
C LEU C 485 -2.79 15.98 24.78
N GLY C 486 -2.98 17.13 25.38
CA GLY C 486 -3.24 17.15 26.80
C GLY C 486 -3.95 18.40 27.22
N VAL C 487 -4.23 18.48 28.50
CA VAL C 487 -4.98 19.56 29.06
C VAL C 487 -4.28 20.18 30.26
N ALA C 488 -4.33 21.51 30.37
CA ALA C 488 -3.77 22.22 31.51
C ALA C 488 -4.62 23.47 31.75
N PRO C 489 -4.67 24.00 32.99
CA PRO C 489 -5.40 25.20 33.34
C PRO C 489 -4.78 26.49 32.86
N THR C 490 -5.64 27.46 32.60
CA THR C 490 -5.26 28.83 32.28
C THR C 490 -6.05 29.89 32.98
N ALA C 491 -5.60 31.12 32.80
CA ALA C 491 -6.33 32.28 33.31
C ALA C 491 -7.43 32.82 32.35
N CYS C 492 -7.41 32.39 31.06
CA CYS C 492 -8.29 32.84 29.98
C CYS C 492 -9.49 31.91 29.79
N LYS C 493 -10.67 32.52 29.73
CA LYS C 493 -11.92 31.82 29.42
C LYS C 493 -12.10 31.96 27.92
N ARG C 494 -12.76 31.04 27.26
CA ARG C 494 -13.02 31.29 25.86
C ARG C 494 -13.83 32.58 25.69
N ARG C 495 -13.40 33.46 24.74
CA ARG C 495 -14.03 34.73 24.41
C ARG C 495 -15.38 34.52 23.73
N ALA D 14 12.30 17.60 23.00
CA ALA D 14 12.77 18.36 24.15
C ALA D 14 11.62 18.46 25.20
N ALA D 15 11.38 17.33 25.90
CA ALA D 15 10.35 17.10 26.93
C ALA D 15 10.80 17.50 28.32
N GLY D 16 11.98 18.04 28.42
CA GLY D 16 12.48 18.48 29.71
C GLY D 16 11.92 19.89 29.91
N SER D 17 12.77 20.83 30.27
CA SER D 17 12.32 22.21 30.50
C SER D 17 11.15 22.27 31.46
N THR D 18 10.17 23.12 31.14
CA THR D 18 8.96 23.29 31.91
C THR D 18 7.79 23.23 30.96
N MET D 19 6.59 23.20 31.52
CA MET D 19 5.36 23.19 30.72
C MET D 19 5.20 24.43 29.88
N GLY D 20 5.87 25.52 30.24
CA GLY D 20 5.76 26.78 29.51
C GLY D 20 6.59 26.77 28.22
N ALA D 21 6.34 25.76 27.40
CA ALA D 21 7.02 25.52 26.15
C ALA D 21 6.30 26.20 25.01
N ALA D 22 7.07 26.66 24.04
CA ALA D 22 6.53 27.26 22.84
C ALA D 22 7.20 26.63 21.64
N SER D 23 7.48 25.35 21.76
CA SER D 23 8.15 24.52 20.77
C SER D 23 7.20 23.52 20.14
N MET D 24 5.92 23.73 20.39
CA MET D 24 4.86 22.82 20.00
C MET D 24 4.78 22.51 18.52
N THR D 25 5.20 23.39 17.65
CA THR D 25 5.08 23.06 16.25
C THR D 25 5.98 21.89 15.82
N LEU D 26 7.06 21.66 16.57
CA LEU D 26 8.03 20.64 16.20
C LEU D 26 7.56 19.25 16.54
N THR D 27 6.51 19.15 17.34
CA THR D 27 6.01 17.88 17.78
C THR D 27 4.77 17.54 16.98
N VAL D 28 4.39 18.44 16.08
CA VAL D 28 3.22 18.26 15.24
C VAL D 28 3.64 17.89 13.85
N GLN D 29 4.64 18.59 13.33
CA GLN D 29 5.13 18.34 11.97
C GLN D 29 5.80 16.98 11.86
N ALA D 30 6.09 16.39 13.00
CA ALA D 30 6.71 15.09 13.14
C ALA D 30 5.72 13.98 12.78
N ARG D 31 4.43 14.29 12.82
CA ARG D 31 3.39 13.33 12.55
C ARG D 31 3.19 13.24 11.06
N ASN D 32 2.70 12.12 10.57
CA ASN D 32 2.45 11.95 9.14
C ASN D 32 3.66 12.22 8.25
N LEU D 33 4.88 11.79 8.66
CA LEU D 33 6.15 11.95 7.93
C LEU D 33 6.43 13.44 7.67
N ASP D 57 7.47 -9.36 -1.85
CA ASP D 57 7.39 -9.72 -0.45
C ASP D 57 6.10 -9.10 0.14
N THR D 58 5.00 -9.91 0.19
CA THR D 58 3.69 -9.46 0.69
C THR D 58 3.66 -9.43 2.20
N HIS D 59 4.52 -10.19 2.87
CA HIS D 59 4.51 -10.12 4.31
C HIS D 59 4.97 -8.72 4.72
N TRP D 60 6.09 -8.31 4.13
CA TRP D 60 6.63 -7.00 4.40
C TRP D 60 5.65 -5.92 3.96
N GLY D 61 5.09 -6.06 2.75
CA GLY D 61 4.16 -5.06 2.26
C GLY D 61 2.98 -4.86 3.20
N ILE D 62 2.42 -5.93 3.76
CA ILE D 62 1.32 -5.76 4.69
C ILE D 62 1.79 -5.05 5.93
N LYS D 63 2.94 -5.42 6.49
CA LYS D 63 3.38 -4.74 7.70
C LYS D 63 3.58 -3.25 7.48
N GLN D 64 4.14 -2.86 6.33
CA GLN D 64 4.37 -1.45 6.11
C GLN D 64 3.07 -0.70 5.89
N LEU D 65 2.12 -1.32 5.20
CA LEU D 65 0.86 -0.65 5.04
C LEU D 65 0.17 -0.51 6.36
N GLN D 66 0.27 -1.50 7.23
CA GLN D 66 -0.38 -1.37 8.51
C GLN D 66 0.23 -0.22 9.28
N ALA D 67 1.54 -0.07 9.22
CA ALA D 67 2.18 1.01 9.94
C ALA D 67 1.72 2.37 9.42
N ARG D 68 1.59 2.51 8.10
CA ARG D 68 1.17 3.79 7.55
C ARG D 68 -0.28 4.09 7.88
N VAL D 69 -1.13 3.07 7.78
CA VAL D 69 -2.54 3.27 8.04
C VAL D 69 -2.75 3.64 9.47
N LEU D 70 -2.05 2.98 10.39
CA LEU D 70 -2.21 3.28 11.78
C LEU D 70 -1.73 4.69 12.08
N ALA D 71 -0.62 5.13 11.49
CA ALA D 71 -0.18 6.49 11.77
C ALA D 71 -1.27 7.48 11.35
N VAL D 72 -1.94 7.19 10.23
CA VAL D 72 -3.01 8.05 9.77
C VAL D 72 -4.20 7.98 10.72
N GLU D 73 -4.57 6.79 11.16
CA GLU D 73 -5.69 6.68 12.07
C GLU D 73 -5.46 7.48 13.32
N HIS D 74 -4.27 7.42 13.87
CA HIS D 74 -4.03 8.16 15.09
C HIS D 74 -4.06 9.65 14.84
N TYR D 75 -3.49 10.10 13.73
CA TYR D 75 -3.54 11.51 13.47
C TYR D 75 -4.97 11.99 13.37
N LEU D 76 -5.77 11.27 12.60
CA LEU D 76 -7.14 11.70 12.42
C LEU D 76 -7.93 11.61 13.69
N ARG D 77 -7.65 10.60 14.52
CA ARG D 77 -8.36 10.49 15.78
C ARG D 77 -8.16 11.74 16.62
N ASP D 78 -6.94 12.24 16.70
CA ASP D 78 -6.71 13.43 17.50
C ASP D 78 -7.36 14.63 16.85
N GLN D 79 -7.32 14.72 15.53
CA GLN D 79 -7.93 15.86 14.90
C GLN D 79 -9.43 15.85 15.03
N GLN D 80 -10.04 14.68 14.97
CA GLN D 80 -11.47 14.67 15.14
C GLN D 80 -11.83 15.05 16.54
N LEU D 81 -11.09 14.57 17.52
CA LEU D 81 -11.48 14.89 18.88
C LEU D 81 -11.40 16.38 19.08
N LEU D 82 -10.34 17.01 18.58
CA LEU D 82 -10.20 18.44 18.70
C LEU D 82 -11.29 19.15 17.94
N GLY D 83 -11.65 18.63 16.76
CA GLY D 83 -12.69 19.16 15.89
C GLY D 83 -14.10 19.09 16.48
N ILE D 84 -14.38 18.07 17.30
CA ILE D 84 -15.67 17.94 17.97
C ILE D 84 -15.75 19.01 19.01
N TRP D 85 -14.67 19.17 19.76
CA TRP D 85 -14.56 20.20 20.75
C TRP D 85 -14.49 21.48 19.96
N GLY D 86 -14.41 22.62 20.59
CA GLY D 86 -14.32 23.84 19.78
C GLY D 86 -12.92 24.17 19.20
N CYS D 87 -11.90 23.36 19.53
CA CYS D 87 -10.53 23.61 19.15
C CYS D 87 -10.23 23.06 17.76
N SER D 88 -10.40 23.89 16.77
CA SER D 88 -10.19 23.41 15.41
C SER D 88 -9.25 24.29 14.63
N GLY D 89 -8.12 23.70 14.21
CA GLY D 89 -7.09 24.44 13.48
C GLY D 89 -6.21 25.32 14.37
N LYS D 90 -6.09 24.94 15.64
CA LYS D 90 -5.30 25.70 16.59
C LYS D 90 -4.45 24.76 17.39
N LEU D 91 -3.31 25.21 17.86
CA LEU D 91 -2.53 24.34 18.74
C LEU D 91 -2.93 24.57 20.19
N ILE D 92 -3.34 25.79 20.51
CA ILE D 92 -3.73 26.12 21.87
C ILE D 92 -5.15 26.68 21.87
N CYS D 93 -6.09 26.09 22.65
CA CYS D 93 -7.49 26.57 22.72
C CYS D 93 -8.06 26.64 24.10
N THR D 94 -8.78 27.71 24.37
CA THR D 94 -9.48 27.77 25.62
C THR D 94 -10.92 27.37 25.40
N THR D 95 -11.57 26.99 26.47
CA THR D 95 -12.98 26.63 26.45
C THR D 95 -13.82 27.28 27.53
N ASN D 96 -15.09 26.88 27.55
CA ASN D 96 -16.08 27.38 28.49
C ASN D 96 -16.26 26.44 29.68
N VAL D 97 -15.44 25.43 29.75
CA VAL D 97 -15.43 24.48 30.83
C VAL D 97 -14.43 24.98 31.87
N PRO D 98 -14.86 25.20 33.13
CA PRO D 98 -14.05 25.70 34.22
C PRO D 98 -13.11 24.63 34.65
N TRP D 99 -12.02 25.03 35.24
CA TRP D 99 -11.08 24.09 35.79
C TRP D 99 -11.57 23.67 37.19
N ASN D 100 -11.57 22.34 37.46
CA ASN D 100 -11.94 21.76 38.75
C ASN D 100 -10.73 21.75 39.69
N SER D 101 -10.96 22.16 40.96
CA SER D 101 -9.98 22.24 42.04
C SER D 101 -9.49 20.87 42.48
N THR D 102 -10.21 19.82 42.10
CA THR D 102 -9.82 18.47 42.49
C THR D 102 -9.00 17.74 41.41
N TRP D 103 -8.78 18.34 40.24
CA TRP D 103 -8.00 17.65 39.20
C TRP D 103 -6.48 17.74 39.42
N SER D 104 -6.04 18.81 40.07
CA SER D 104 -4.62 19.09 40.35
C SER D 104 -4.39 19.75 41.72
N ASN D 105 -5.27 20.74 42.06
CA ASN D 105 -5.28 21.64 43.22
C ASN D 105 -3.93 22.43 43.33
N LYS D 106 -3.41 22.91 42.18
CA LYS D 106 -2.16 23.68 42.06
C LYS D 106 -2.41 25.05 41.45
N THR D 107 -1.51 25.99 41.73
CA THR D 107 -1.60 27.34 41.19
C THR D 107 -1.02 27.40 39.78
N LEU D 108 -1.31 28.48 39.05
CA LEU D 108 -0.74 28.55 37.71
C LEU D 108 0.77 28.69 37.69
N SER D 109 1.35 29.37 38.67
CA SER D 109 2.80 29.51 38.61
C SER D 109 3.46 28.18 38.90
N GLU D 110 2.88 27.37 39.78
CA GLU D 110 3.52 26.09 40.01
C GLU D 110 3.44 25.23 38.76
N ILE D 111 2.27 25.22 38.14
CA ILE D 111 2.06 24.37 36.99
C ILE D 111 2.88 24.75 35.81
N TRP D 112 2.93 26.03 35.47
CA TRP D 112 3.66 26.39 34.28
C TRP D 112 5.16 26.53 34.46
N ASP D 113 5.64 26.88 35.66
CA ASP D 113 7.08 27.03 35.85
C ASP D 113 7.82 25.86 36.56
N ASN D 114 7.18 25.11 37.47
CA ASN D 114 7.92 24.10 38.23
C ASN D 114 7.68 22.66 37.79
N MET D 115 6.99 22.48 36.70
CA MET D 115 6.69 21.16 36.18
C MET D 115 6.87 21.14 34.69
N THR D 116 7.17 19.96 34.14
CA THR D 116 7.17 19.77 32.70
C THR D 116 6.00 18.92 32.30
N TRP D 117 5.81 18.76 31.01
CA TRP D 117 4.63 18.06 30.54
C TRP D 117 4.62 16.58 30.85
N LEU D 118 5.77 15.94 30.93
CA LEU D 118 5.77 14.52 31.24
C LEU D 118 5.29 14.28 32.64
N GLN D 119 5.72 15.11 33.57
CA GLN D 119 5.31 14.90 34.94
C GLN D 119 3.87 15.26 35.10
N TRP D 120 3.47 16.34 34.45
CA TRP D 120 2.11 16.77 34.54
C TRP D 120 1.22 15.66 34.08
N ASP D 121 1.47 15.15 32.89
CA ASP D 121 0.60 14.14 32.35
C ASP D 121 0.64 12.83 33.12
N LYS D 122 1.80 12.42 33.60
CA LYS D 122 1.88 11.15 34.31
C LYS D 122 1.30 11.18 35.72
N GLU D 123 1.46 12.29 36.44
CA GLU D 123 1.01 12.30 37.82
C GLU D 123 -0.32 12.97 38.16
N ILE D 124 -0.67 14.06 37.51
CA ILE D 124 -1.87 14.78 37.89
C ILE D 124 -2.73 15.11 36.70
N SER D 125 -4.01 15.47 36.91
CA SER D 125 -4.87 15.78 35.78
C SER D 125 -4.77 14.65 34.76
N ASN D 126 -4.76 13.42 35.28
CA ASN D 126 -4.60 12.20 34.52
C ASN D 126 -5.85 11.35 34.41
N TYR D 127 -6.98 12.03 34.52
CA TYR D 127 -8.30 11.47 34.37
C TYR D 127 -8.96 12.36 33.35
N THR D 128 -8.52 12.21 32.12
CA THR D 128 -8.85 13.12 31.05
C THR D 128 -10.16 12.81 30.37
N GLN D 129 -10.68 11.63 30.63
CA GLN D 129 -11.94 11.20 30.05
C GLN D 129 -13.11 12.04 30.58
N ILE D 130 -12.91 12.63 31.76
CA ILE D 130 -13.91 13.44 32.39
C ILE D 130 -14.00 14.73 31.62
N ILE D 131 -12.83 15.29 31.39
CA ILE D 131 -12.68 16.53 30.69
C ILE D 131 -13.17 16.39 29.27
N TYR D 132 -12.81 15.30 28.62
CA TYR D 132 -13.21 15.15 27.24
C TYR D 132 -14.72 15.13 27.12
N GLY D 133 -15.43 14.45 28.02
CA GLY D 133 -16.88 14.45 27.94
C GLY D 133 -17.45 15.86 28.14
N LEU D 134 -16.87 16.61 29.09
CA LEU D 134 -17.35 17.96 29.35
C LEU D 134 -17.15 18.85 28.16
N LEU D 135 -16.01 18.69 27.49
CA LEU D 135 -15.72 19.51 26.34
C LEU D 135 -16.66 19.23 25.18
N GLU D 136 -17.00 17.96 24.94
CA GLU D 136 -17.89 17.68 23.80
C GLU D 136 -19.28 18.22 24.03
N GLU D 137 -19.78 18.10 25.26
CA GLU D 137 -21.12 18.58 25.53
C GLU D 137 -21.20 20.09 25.49
N SER D 138 -20.21 20.76 26.05
CA SER D 138 -20.25 22.20 26.07
C SER D 138 -20.24 22.73 24.67
N GLN D 139 -19.40 22.14 23.80
CA GLN D 139 -19.34 22.64 22.46
C GLN D 139 -20.60 22.42 21.68
N ASN D 140 -21.27 21.28 21.86
CA ASN D 140 -22.47 21.09 21.06
C ASN D 140 -23.56 22.03 21.53
N GLN D 141 -23.60 22.36 22.82
CA GLN D 141 -24.60 23.29 23.27
C GLN D 141 -24.35 24.66 22.68
N GLN D 142 -23.08 25.05 22.62
CA GLN D 142 -22.76 26.35 22.07
C GLN D 142 -23.17 26.44 20.61
N GLU D 143 -22.82 25.42 19.85
CA GLU D 143 -23.11 25.45 18.43
C GLU D 143 -24.59 25.46 18.18
N LYS D 144 -25.33 24.70 18.97
CA LYS D 144 -26.77 24.70 18.82
C LYS D 144 -27.41 26.06 19.13
N ASN D 145 -26.92 26.78 20.20
CA ASN D 145 -27.43 28.10 20.61
C ASN D 145 -27.27 29.15 19.49
N GLU D 146 -26.18 29.06 18.70
CA GLU D 146 -25.82 29.95 17.60
C GLU D 146 -26.79 29.94 16.43
N THR D 147 -27.61 28.88 16.28
CA THR D 147 -28.55 28.85 15.18
C THR D 147 -29.98 28.80 15.68
N ASP D 148 -30.22 29.18 16.94
CA ASP D 148 -31.58 29.16 17.44
C ASP D 148 -32.40 30.08 16.56
N ASN D 149 -33.54 29.60 16.08
CA ASN D 149 -34.39 30.35 15.15
C ASN D 149 -34.89 31.67 15.74
N LEU D 150 -34.95 31.74 17.06
CA LEU D 150 -35.43 32.97 17.70
C LEU D 150 -34.33 34.02 17.84
N THR D 151 -33.08 33.59 17.89
CA THR D 151 -31.95 34.49 18.11
C THR D 151 -30.76 34.04 17.26
N CYS D 152 -30.72 34.41 15.96
CA CYS D 152 -29.70 33.98 15.00
C CYS D 152 -28.44 34.83 15.20
N ASP D 153 -27.83 34.61 16.36
CA ASP D 153 -26.69 35.37 16.83
C ASP D 153 -25.41 34.68 16.37
N GLU E 37 10.43 45.39 5.72
CA GLU E 37 9.65 46.48 6.29
C GLU E 37 8.21 46.49 5.73
N ASN E 38 8.07 46.57 4.37
CA ASN E 38 6.78 46.64 3.68
C ASN E 38 6.47 45.49 2.73
N LEU E 39 7.16 44.39 2.86
CA LEU E 39 6.82 43.20 2.08
C LEU E 39 6.66 42.04 3.00
N TRP E 40 5.62 41.27 2.77
CA TRP E 40 5.26 40.15 3.62
C TRP E 40 5.11 38.85 2.87
N VAL E 41 5.40 37.76 3.56
CA VAL E 41 5.24 36.45 2.94
C VAL E 41 3.78 36.08 2.89
N THR E 42 3.30 35.72 1.71
CA THR E 42 1.93 35.28 1.55
C THR E 42 1.90 33.89 0.98
N VAL E 43 1.06 33.06 1.58
CA VAL E 43 0.91 31.69 1.20
C VAL E 43 -0.20 31.56 0.19
N TYR E 44 0.09 30.88 -0.90
CA TYR E 44 -0.85 30.65 -1.97
C TYR E 44 -1.09 29.16 -2.16
N TYR E 45 -2.34 28.75 -2.20
CA TYR E 45 -2.59 27.33 -2.40
C TYR E 45 -3.41 27.10 -3.64
N GLY E 46 -2.95 26.19 -4.49
CA GLY E 46 -3.60 25.89 -5.76
C GLY E 46 -2.76 26.43 -6.92
N VAL E 47 -1.49 26.62 -6.64
CA VAL E 47 -0.50 27.15 -7.56
C VAL E 47 -0.16 26.14 -8.66
N PRO E 48 -0.21 26.51 -9.94
CA PRO E 48 -0.01 25.62 -11.08
C PRO E 48 1.42 25.23 -11.39
N VAL E 49 2.05 24.51 -10.46
CA VAL E 49 3.41 24.04 -10.68
C VAL E 49 3.54 22.55 -10.46
N TRP E 50 4.60 21.96 -10.99
CA TRP E 50 4.83 20.53 -10.88
C TRP E 50 6.29 20.13 -10.93
N LYS E 51 6.55 18.89 -10.52
CA LYS E 51 7.90 18.32 -10.50
C LYS E 51 7.96 17.00 -11.26
N ASP E 52 9.12 16.68 -11.84
CA ASP E 52 9.24 15.36 -12.47
C ASP E 52 9.02 14.32 -11.38
N ALA E 53 8.28 13.25 -11.66
CA ALA E 53 8.11 12.27 -10.59
C ALA E 53 7.85 10.87 -11.07
N GLU E 54 8.15 9.90 -10.23
CA GLU E 54 7.83 8.52 -10.54
C GLU E 54 6.80 7.98 -9.59
N THR E 55 5.68 7.54 -10.12
CA THR E 55 4.65 6.97 -9.29
C THR E 55 4.08 5.72 -9.89
N THR E 56 3.14 5.14 -9.19
CA THR E 56 2.46 3.97 -9.67
C THR E 56 1.19 4.39 -10.38
N LEU E 57 1.05 3.96 -11.62
CA LEU E 57 -0.10 4.28 -12.41
C LEU E 57 -1.07 3.14 -12.31
N PHE E 58 -2.34 3.40 -12.53
CA PHE E 58 -3.27 2.30 -12.53
C PHE E 58 -3.71 2.08 -13.95
N CYS E 59 -4.15 0.84 -14.28
CA CYS E 59 -4.59 0.47 -15.62
C CYS E 59 -6.11 0.44 -15.70
N ALA E 60 -6.63 1.17 -16.68
CA ALA E 60 -8.06 1.20 -16.92
C ALA E 60 -8.37 0.52 -18.25
N SER E 61 -9.54 -0.14 -18.35
CA SER E 61 -10.10 -0.85 -19.51
C SER E 61 -9.72 -0.23 -20.88
N HIS E 71 -13.00 -13.84 -18.53
CA HIS E 71 -12.58 -13.96 -19.91
C HIS E 71 -11.43 -12.95 -20.21
N ASN E 72 -10.36 -13.44 -20.87
CA ASN E 72 -9.10 -12.74 -21.25
C ASN E 72 -8.31 -12.44 -19.97
N VAL E 73 -7.16 -11.82 -20.10
CA VAL E 73 -6.38 -11.46 -18.93
C VAL E 73 -6.38 -9.96 -18.78
N TRP E 74 -6.26 -9.28 -19.90
CA TRP E 74 -6.07 -7.84 -19.85
C TRP E 74 -7.30 -7.19 -19.31
N ALA E 75 -8.42 -7.78 -19.65
CA ALA E 75 -9.74 -7.30 -19.31
C ALA E 75 -10.13 -7.59 -17.88
N THR E 76 -9.39 -8.43 -17.18
CA THR E 76 -9.81 -8.76 -15.85
C THR E 76 -8.87 -8.09 -14.89
N HIS E 77 -7.65 -7.85 -15.38
CA HIS E 77 -6.64 -7.17 -14.62
C HIS E 77 -6.91 -5.66 -14.58
N CYS E 78 -7.17 -5.04 -15.76
CA CYS E 78 -7.44 -3.61 -15.93
C CYS E 78 -8.96 -3.46 -15.77
N CYS E 79 -9.38 -3.77 -14.55
CA CYS E 79 -10.78 -3.81 -14.13
C CYS E 79 -11.36 -2.43 -13.90
N VAL E 80 -10.50 -1.45 -13.78
CA VAL E 80 -10.88 -0.09 -13.53
C VAL E 80 -11.49 0.46 -14.82
N PRO E 81 -12.66 1.10 -14.79
CA PRO E 81 -13.32 1.63 -15.96
C PRO E 81 -12.52 2.77 -16.55
N THR E 82 -12.64 2.92 -17.85
CA THR E 82 -12.01 3.96 -18.63
C THR E 82 -12.85 5.21 -18.59
N ASP E 83 -12.19 6.36 -18.46
CA ASP E 83 -12.87 7.63 -18.50
C ASP E 83 -13.51 7.80 -19.87
N PRO E 84 -14.85 7.87 -20.00
CA PRO E 84 -15.57 7.98 -21.24
C PRO E 84 -15.34 9.30 -21.97
N ASN E 85 -14.83 10.31 -21.26
CA ASN E 85 -14.64 11.60 -21.89
C ASN E 85 -13.50 12.40 -21.25
N PRO E 86 -12.23 12.02 -21.50
CA PRO E 86 -11.05 12.64 -20.91
C PRO E 86 -11.01 14.08 -21.31
N GLN E 87 -10.56 14.94 -20.42
CA GLN E 87 -10.45 16.35 -20.76
C GLN E 87 -9.03 16.80 -20.92
N GLU E 88 -8.64 17.01 -22.16
CA GLU E 88 -7.27 17.39 -22.46
C GLU E 88 -7.16 18.90 -22.40
N ILE E 89 -6.25 19.38 -21.57
CA ILE E 89 -6.08 20.82 -21.39
C ILE E 89 -4.78 21.33 -21.93
N VAL E 90 -4.84 22.23 -22.88
CA VAL E 90 -3.61 22.73 -23.45
C VAL E 90 -3.01 23.76 -22.56
N LEU E 91 -1.72 23.66 -22.29
CA LEU E 91 -1.09 24.63 -21.47
C LEU E 91 -0.45 25.63 -22.41
N GLU E 92 -1.03 26.81 -22.48
CA GLU E 92 -0.55 27.83 -23.39
C GLU E 92 0.71 28.45 -22.82
N ASN E 93 1.68 28.81 -23.69
CA ASN E 93 2.96 29.45 -23.34
C ASN E 93 3.77 28.61 -22.30
N VAL E 94 3.74 27.26 -22.46
CA VAL E 94 4.41 26.26 -21.65
C VAL E 94 5.19 25.33 -22.52
N THR E 95 6.41 25.09 -22.12
CA THR E 95 7.27 24.15 -22.80
C THR E 95 7.73 23.21 -21.73
N GLU E 96 8.14 22.01 -22.12
CA GLU E 96 8.66 21.06 -21.14
C GLU E 96 9.64 20.10 -21.77
N ASN E 97 10.53 19.53 -20.96
CA ASN E 97 11.50 18.54 -21.40
C ASN E 97 11.06 17.09 -21.23
N PHE E 98 11.08 16.38 -22.34
CA PHE E 98 10.70 14.98 -22.41
C PHE E 98 11.90 14.12 -22.75
N ASN E 99 11.88 12.86 -22.31
CA ASN E 99 12.93 11.94 -22.70
C ASN E 99 12.41 10.51 -22.72
N MET E 100 12.06 10.03 -23.90
CA MET E 100 11.43 8.73 -24.07
C MET E 100 12.33 7.56 -23.70
N TRP E 101 13.63 7.80 -23.58
CA TRP E 101 14.54 6.71 -23.29
C TRP E 101 14.73 6.50 -21.81
N LYS E 102 14.21 7.42 -20.99
CA LYS E 102 14.35 7.39 -19.54
C LYS E 102 12.98 7.48 -18.90
N ASN E 103 11.97 7.11 -19.67
CA ASN E 103 10.60 7.22 -19.27
C ASN E 103 10.13 6.03 -18.43
N ASN E 104 9.83 6.29 -17.17
CA ASN E 104 9.47 5.23 -16.25
C ASN E 104 8.09 4.67 -16.51
N MET E 105 7.34 5.29 -17.42
CA MET E 105 6.05 4.74 -17.75
C MET E 105 6.28 3.48 -18.56
N VAL E 106 7.40 3.44 -19.30
CA VAL E 106 7.72 2.32 -20.15
C VAL E 106 8.15 1.21 -19.26
N GLU E 107 8.98 1.56 -18.29
CA GLU E 107 9.47 0.53 -17.41
C GLU E 107 8.34 -0.05 -16.59
N GLN E 108 7.42 0.79 -16.13
CA GLN E 108 6.34 0.28 -15.36
C GLN E 108 5.44 -0.61 -16.19
N MET E 109 5.18 -0.23 -17.45
CA MET E 109 4.34 -1.08 -18.28
C MET E 109 4.97 -2.44 -18.45
N HIS E 110 6.28 -2.46 -18.64
CA HIS E 110 6.96 -3.73 -18.81
C HIS E 110 6.77 -4.60 -17.60
N GLU E 111 7.00 -4.05 -16.41
CA GLU E 111 6.83 -4.86 -15.22
C GLU E 111 5.39 -5.35 -15.07
N ASP E 112 4.40 -4.51 -15.35
CA ASP E 112 3.01 -4.94 -15.21
C ASP E 112 2.71 -6.08 -16.15
N ILE E 113 3.23 -6.04 -17.37
CA ILE E 113 2.98 -7.11 -18.30
C ILE E 113 3.58 -8.40 -17.85
N ILE E 114 4.80 -8.38 -17.36
CA ILE E 114 5.39 -9.63 -16.95
C ILE E 114 4.59 -10.20 -15.81
N SER E 115 4.21 -9.36 -14.86
CA SER E 115 3.47 -9.83 -13.72
C SER E 115 2.15 -10.43 -14.13
N LEU E 116 1.42 -9.78 -15.03
CA LEU E 116 0.14 -10.32 -15.43
C LEU E 116 0.30 -11.63 -16.12
N TRP E 117 1.29 -11.73 -16.99
CA TRP E 117 1.51 -12.94 -17.72
C TRP E 117 1.72 -14.10 -16.77
N ASP E 118 2.63 -13.91 -15.81
CA ASP E 118 2.92 -14.99 -14.89
C ASP E 118 1.79 -15.29 -13.96
N GLN E 119 1.03 -14.28 -13.53
CA GLN E 119 -0.07 -14.54 -12.64
C GLN E 119 -1.15 -15.33 -13.37
N SER E 120 -1.37 -14.99 -14.64
CA SER E 120 -2.41 -15.62 -15.44
C SER E 120 -2.15 -17.09 -15.65
N LEU E 121 -0.89 -17.46 -15.72
CA LEU E 121 -0.50 -18.84 -15.93
C LEU E 121 -0.32 -19.64 -14.66
N LYS E 122 -0.52 -19.07 -13.48
CA LYS E 122 -0.31 -19.87 -12.29
C LYS E 122 -1.30 -21.03 -12.17
N PRO E 123 -2.63 -20.83 -12.25
CA PRO E 123 -3.62 -21.88 -12.07
C PRO E 123 -3.82 -22.71 -13.32
N CYS E 124 -2.76 -23.39 -13.80
CA CYS E 124 -2.74 -24.17 -15.05
C CYS E 124 -1.94 -25.45 -14.86
N VAL E 125 -2.03 -26.33 -15.84
CA VAL E 125 -1.38 -27.63 -15.86
C VAL E 125 0.11 -27.60 -16.05
N LYS E 126 0.83 -28.33 -15.22
CA LYS E 126 2.28 -28.39 -15.37
C LYS E 126 2.59 -29.53 -16.32
N LEU E 127 3.56 -29.36 -17.18
CA LEU E 127 3.92 -30.42 -18.11
C LEU E 127 5.20 -31.12 -17.75
N THR E 128 5.68 -30.94 -16.53
CA THR E 128 6.90 -31.58 -16.06
C THR E 128 6.87 -33.11 -16.35
N PRO E 129 5.76 -33.85 -16.16
CA PRO E 129 5.65 -35.27 -16.43
C PRO E 129 6.01 -35.66 -17.88
N LEU E 130 6.03 -34.71 -18.80
CA LEU E 130 6.37 -35.02 -20.20
C LEU E 130 7.87 -34.97 -20.52
N CYS E 131 8.76 -34.74 -19.52
CA CYS E 131 10.21 -34.65 -19.67
C CYS E 131 10.86 -36.02 -19.90
N VAL E 132 10.03 -37.05 -19.89
CA VAL E 132 10.36 -38.43 -20.12
C VAL E 132 10.95 -38.58 -21.52
N THR E 133 11.92 -39.47 -21.69
CA THR E 133 12.53 -39.65 -22.99
C THR E 133 11.49 -39.94 -24.05
N LEU E 134 11.60 -39.24 -25.17
CA LEU E 134 10.70 -39.41 -26.29
C LEU E 134 11.36 -40.24 -27.41
N ASN E 135 10.62 -41.26 -27.93
CA ASN E 135 11.04 -42.13 -29.04
C ASN E 135 10.40 -41.60 -30.33
N CYS E 136 11.20 -40.93 -31.23
CA CYS E 136 10.64 -40.17 -32.35
C CYS E 136 10.97 -40.78 -33.72
N THR E 137 9.97 -40.69 -34.61
CA THR E 137 10.03 -41.08 -36.02
C THR E 137 9.73 -39.85 -36.93
N ASN E 138 9.65 -40.07 -38.27
CA ASN E 138 9.56 -39.04 -39.32
C ASN E 138 8.28 -38.19 -39.36
N ALA E 139 7.08 -38.72 -39.00
CA ALA E 139 5.74 -38.03 -39.07
C ALA E 139 5.27 -37.90 -40.52
N THR E 140 4.21 -38.64 -40.86
CA THR E 140 3.70 -38.66 -42.21
C THR E 140 2.19 -38.39 -42.21
N ALA E 141 1.82 -37.13 -42.01
CA ALA E 141 0.42 -36.72 -41.94
C ALA E 141 -0.19 -36.68 -43.32
N SER E 142 -1.50 -36.94 -43.40
CA SER E 142 -2.22 -36.86 -44.66
C SER E 142 -1.73 -37.88 -45.70
N ASN E 143 -0.99 -37.43 -46.71
CA ASN E 143 -0.52 -38.32 -47.76
C ASN E 143 0.79 -39.04 -47.44
N SER E 144 1.26 -39.82 -48.41
CA SER E 144 2.48 -40.60 -48.23
C SER E 144 3.73 -39.76 -48.45
N SER E 145 3.95 -38.82 -47.54
CA SER E 145 5.08 -37.92 -47.63
C SER E 145 5.62 -37.59 -46.26
N ILE E 146 6.56 -36.67 -46.23
CA ILE E 146 7.22 -36.29 -44.98
C ILE E 146 6.80 -34.91 -44.56
N ILE E 147 6.41 -34.76 -43.31
CA ILE E 147 6.05 -33.43 -42.86
C ILE E 147 7.27 -32.79 -42.29
N GLU E 148 7.88 -31.92 -43.05
CA GLU E 148 9.12 -31.36 -42.57
C GLU E 148 8.78 -30.40 -41.49
N GLY E 149 9.63 -30.35 -40.49
CA GLY E 149 9.44 -29.43 -39.39
C GLY E 149 8.79 -30.11 -38.20
N MET E 150 8.28 -31.32 -38.37
CA MET E 150 7.66 -32.00 -37.25
C MET E 150 8.12 -33.43 -37.10
N LYS E 151 8.02 -33.95 -35.89
CA LYS E 151 8.29 -35.35 -35.60
C LYS E 151 7.15 -36.01 -34.84
N ASN E 152 6.99 -37.33 -35.03
CA ASN E 152 6.00 -38.18 -34.38
C ASN E 152 6.68 -38.93 -33.23
N CYS E 153 6.42 -38.48 -31.98
CA CYS E 153 7.11 -38.95 -30.79
C CYS E 153 6.19 -39.75 -29.90
N SER E 154 6.71 -40.87 -29.43
CA SER E 154 5.96 -41.70 -28.51
C SER E 154 6.62 -41.65 -27.15
N PHE E 155 5.81 -41.79 -26.12
CA PHE E 155 6.36 -41.77 -24.79
C PHE E 155 5.52 -42.52 -23.75
N ASN E 156 6.19 -42.92 -22.64
CA ASN E 156 5.60 -43.60 -21.49
C ASN E 156 5.23 -42.58 -20.40
N ILE E 157 3.90 -42.36 -20.21
CA ILE E 157 3.29 -41.39 -19.29
C ILE E 157 2.43 -42.10 -18.24
N THR E 158 2.54 -41.65 -16.98
CA THR E 158 1.82 -42.23 -15.85
C THR E 158 0.31 -42.07 -16.07
N THR E 159 -0.46 -43.11 -15.76
CA THR E 159 -1.92 -43.07 -15.94
C THR E 159 -2.50 -42.44 -14.68
N GLU E 160 -3.82 -42.31 -14.52
CA GLU E 160 -4.25 -41.64 -13.27
C GLU E 160 -3.75 -42.40 -12.04
N LEU E 161 -3.75 -43.73 -12.12
CA LEU E 161 -3.17 -44.51 -11.06
C LEU E 161 -1.68 -44.24 -11.14
N ARG E 162 -1.04 -44.09 -10.00
CA ARG E 162 0.36 -43.76 -9.98
C ARG E 162 1.31 -44.93 -10.20
N ASP E 163 0.77 -46.14 -10.23
CA ASP E 163 1.57 -47.35 -10.43
C ASP E 163 1.80 -47.71 -11.90
N LYS E 164 0.72 -47.73 -12.67
CA LYS E 164 0.71 -48.11 -14.08
C LYS E 164 1.04 -46.97 -15.02
N ARG E 165 1.51 -47.30 -16.23
CA ARG E 165 1.82 -46.29 -17.24
C ARG E 165 1.20 -46.66 -18.57
N GLU E 166 1.00 -45.68 -19.41
CA GLU E 166 0.48 -45.85 -20.76
C GLU E 166 1.44 -45.30 -21.81
N LYS E 167 1.36 -45.83 -23.01
CA LYS E 167 2.15 -45.29 -24.10
C LYS E 167 1.30 -44.38 -24.96
N LYS E 168 1.72 -43.13 -25.12
CA LYS E 168 0.99 -42.15 -25.89
C LYS E 168 1.81 -41.56 -27.01
N ASN E 169 1.13 -41.11 -28.05
CA ASN E 169 1.80 -40.45 -29.17
C ASN E 169 1.41 -38.99 -29.26
N ALA E 170 2.31 -38.17 -29.78
CA ALA E 170 2.04 -36.77 -30.05
C ALA E 170 2.92 -36.25 -31.17
N LEU E 171 2.45 -35.25 -31.89
CA LEU E 171 3.34 -34.65 -32.85
C LEU E 171 3.91 -33.40 -32.25
N PHE E 172 5.19 -33.17 -32.48
CA PHE E 172 5.88 -31.99 -31.99
C PHE E 172 6.67 -31.31 -33.07
N TYR E 173 6.89 -30.01 -32.92
CA TYR E 173 7.73 -29.31 -33.87
C TYR E 173 9.16 -29.61 -33.56
N LYS E 174 9.97 -29.67 -34.59
CA LYS E 174 11.39 -29.91 -34.42
C LYS E 174 12.05 -28.85 -33.58
N LEU E 175 11.58 -27.62 -33.63
CA LEU E 175 12.22 -26.55 -32.88
C LEU E 175 12.04 -26.67 -31.37
N ASP E 176 11.13 -27.53 -30.92
CA ASP E 176 10.90 -27.73 -29.50
C ASP E 176 11.55 -29.02 -29.00
N ILE E 177 12.19 -29.77 -29.90
CA ILE E 177 12.72 -31.09 -29.57
C ILE E 177 14.23 -31.19 -29.76
N VAL E 178 14.93 -31.70 -28.77
CA VAL E 178 16.38 -31.81 -28.89
C VAL E 178 16.86 -33.24 -28.81
N GLN E 179 17.76 -33.60 -29.71
CA GLN E 179 18.30 -34.96 -29.77
C GLN E 179 19.24 -35.21 -28.60
N LEU E 180 19.05 -36.34 -27.92
CA LEU E 180 19.87 -36.68 -26.77
C LEU E 180 21.29 -37.11 -27.09
N ASP E 181 21.51 -37.80 -28.21
CA ASP E 181 22.87 -38.20 -28.55
C ASP E 181 23.02 -38.36 -30.06
N GLY E 182 24.24 -38.64 -30.50
CA GLY E 182 24.46 -38.76 -31.92
C GLY E 182 23.83 -40.00 -32.48
N ASN E 183 23.19 -39.83 -33.64
CA ASN E 183 22.54 -40.89 -34.39
C ASN E 183 21.43 -41.59 -33.61
N SER E 184 21.02 -41.01 -32.49
CA SER E 184 19.97 -41.60 -31.71
C SER E 184 18.62 -41.18 -32.22
N SER E 185 17.60 -41.92 -31.79
CA SER E 185 16.21 -41.64 -32.07
C SER E 185 15.51 -41.15 -30.82
N GLN E 186 16.33 -40.91 -29.80
CA GLN E 186 15.87 -40.49 -28.50
C GLN E 186 16.01 -39.00 -28.34
N TYR E 187 14.91 -38.38 -28.00
CA TYR E 187 14.79 -36.94 -27.86
C TYR E 187 14.15 -36.51 -26.57
N ARG E 188 14.33 -35.27 -26.19
CA ARG E 188 13.63 -34.72 -25.05
C ARG E 188 13.03 -33.38 -25.39
N LEU E 189 12.10 -32.93 -24.57
CA LEU E 189 11.57 -31.60 -24.78
C LEU E 189 12.76 -30.69 -24.51
N ILE E 190 12.95 -29.72 -25.38
CA ILE E 190 14.13 -28.87 -25.31
C ILE E 190 14.27 -28.05 -24.04
N ASN E 191 13.18 -27.69 -23.38
CA ASN E 191 13.32 -26.90 -22.17
C ASN E 191 13.32 -27.64 -20.81
N CYS E 192 13.32 -29.00 -20.76
CA CYS E 192 13.29 -29.77 -19.48
C CYS E 192 14.65 -29.75 -18.81
N ASN E 193 15.62 -29.31 -19.53
CA ASN E 193 16.97 -29.16 -19.01
C ASN E 193 17.06 -27.96 -18.05
N THR E 194 16.28 -26.85 -18.31
CA THR E 194 16.37 -25.60 -17.56
C THR E 194 15.18 -25.24 -16.69
N SER E 195 13.97 -25.70 -17.02
CA SER E 195 12.85 -25.31 -16.18
C SER E 195 11.58 -26.11 -16.36
N ALA E 196 10.57 -25.74 -15.60
CA ALA E 196 9.27 -26.34 -15.76
C ALA E 196 8.61 -25.73 -16.97
N ILE E 197 7.79 -26.51 -17.65
CA ILE E 197 7.05 -25.97 -18.77
C ILE E 197 5.59 -25.93 -18.36
N THR E 198 4.96 -24.77 -18.40
CA THR E 198 3.57 -24.67 -17.98
C THR E 198 2.66 -24.61 -19.17
N GLN E 199 1.63 -25.42 -19.18
CA GLN E 199 0.71 -25.38 -20.28
C GLN E 199 -0.20 -24.23 -20.08
N ALA E 200 -0.38 -23.42 -21.09
CA ALA E 200 -1.30 -22.33 -20.93
C ALA E 200 -2.68 -22.91 -20.81
N CYS E 201 -3.55 -22.29 -20.00
CA CYS E 201 -4.94 -22.67 -19.87
C CYS E 201 -5.64 -22.37 -21.22
N PRO E 202 -6.32 -23.35 -21.84
CA PRO E 202 -6.95 -23.25 -23.15
C PRO E 202 -8.11 -22.28 -23.17
N LYS E 203 -8.59 -21.95 -21.99
CA LYS E 203 -9.70 -21.05 -21.81
C LYS E 203 -9.25 -19.59 -21.65
N VAL E 204 -7.94 -19.35 -21.59
CA VAL E 204 -7.48 -18.00 -21.36
C VAL E 204 -6.85 -17.37 -22.58
N SER E 205 -7.45 -16.28 -23.01
CA SER E 205 -6.94 -15.54 -24.13
C SER E 205 -5.99 -14.47 -23.63
N PHE E 206 -4.95 -14.23 -24.39
CA PHE E 206 -4.01 -13.17 -24.10
C PHE E 206 -4.08 -12.09 -25.15
N GLU E 207 -5.14 -12.10 -25.95
CA GLU E 207 -5.29 -11.13 -27.02
C GLU E 207 -5.27 -9.70 -26.50
N PRO E 208 -4.38 -8.82 -27.00
CA PRO E 208 -4.25 -7.44 -26.59
C PRO E 208 -5.56 -6.70 -26.78
N ILE E 209 -5.89 -5.86 -25.83
CA ILE E 209 -7.08 -5.03 -25.89
C ILE E 209 -6.47 -3.69 -25.65
N PRO E 210 -7.08 -2.58 -26.01
CA PRO E 210 -6.52 -1.30 -25.68
C PRO E 210 -6.60 -1.13 -24.19
N ILE E 211 -5.56 -0.57 -23.61
CA ILE E 211 -5.55 -0.25 -22.20
C ILE E 211 -5.12 1.18 -22.01
N HIS E 212 -5.45 1.75 -20.87
CA HIS E 212 -5.02 3.11 -20.62
C HIS E 212 -4.28 3.21 -19.32
N TYR E 213 -3.17 3.95 -19.32
CA TYR E 213 -2.52 4.17 -18.04
C TYR E 213 -3.02 5.49 -17.51
N CYS E 214 -3.37 5.53 -16.21
CA CYS E 214 -3.94 6.71 -15.55
C CYS E 214 -3.16 7.08 -14.28
N ALA E 215 -2.94 8.37 -14.12
CA ALA E 215 -2.26 8.85 -12.94
C ALA E 215 -3.20 8.86 -11.75
N PRO E 216 -2.71 8.61 -10.53
CA PRO E 216 -3.41 8.69 -9.27
C PRO E 216 -3.61 10.13 -8.88
N ALA E 217 -4.51 10.38 -7.95
CA ALA E 217 -4.70 11.75 -7.51
C ALA E 217 -3.39 12.32 -6.99
N GLY E 218 -3.15 13.58 -7.34
CA GLY E 218 -1.93 14.29 -6.95
C GLY E 218 -0.93 14.33 -8.09
N PHE E 219 -1.19 13.53 -9.11
CA PHE E 219 -0.34 13.41 -10.29
C PHE E 219 -1.10 13.67 -11.57
N ALA E 220 -0.36 14.04 -12.58
CA ALA E 220 -0.93 14.26 -13.90
C ALA E 220 0.03 13.84 -14.95
N ILE E 221 -0.46 13.59 -16.15
CA ILE E 221 0.42 13.19 -17.21
C ILE E 221 0.51 14.30 -18.23
N LEU E 222 1.71 14.71 -18.55
CA LEU E 222 1.87 15.74 -19.55
C LEU E 222 2.07 15.04 -20.86
N LYS E 223 1.51 15.61 -21.89
CA LYS E 223 1.58 15.03 -23.21
C LYS E 223 2.18 16.00 -24.22
N CYS E 224 3.09 15.51 -25.08
CA CYS E 224 3.72 16.29 -26.14
C CYS E 224 2.89 16.18 -27.42
N ASN E 225 2.41 17.32 -27.90
CA ASN E 225 1.61 17.36 -29.12
C ASN E 225 2.31 17.94 -30.37
N ASN E 226 3.65 17.99 -30.36
CA ASN E 226 4.47 18.44 -31.48
C ASN E 226 4.64 17.25 -32.43
N LYS E 227 4.07 17.38 -33.65
CA LYS E 227 3.96 16.36 -34.68
C LYS E 227 5.29 15.84 -35.21
N THR E 228 6.35 16.61 -34.98
CA THR E 228 7.67 16.21 -35.43
C THR E 228 8.63 15.99 -34.27
N PHE E 229 8.13 15.91 -33.05
CA PHE E 229 9.00 15.69 -31.91
C PHE E 229 9.56 14.29 -31.93
N THR E 230 10.87 14.19 -31.71
CA THR E 230 11.62 12.94 -31.79
C THR E 230 11.72 12.13 -30.52
N GLY E 231 11.17 12.64 -29.43
CA GLY E 231 11.20 11.90 -28.16
C GLY E 231 12.13 12.46 -27.10
N THR E 232 13.06 13.33 -27.47
CA THR E 232 13.91 13.92 -26.46
C THR E 232 14.01 15.42 -26.61
N GLY E 233 14.26 16.08 -25.50
CA GLY E 233 14.48 17.51 -25.51
C GLY E 233 13.17 18.22 -25.29
N PRO E 234 13.13 19.54 -25.46
CA PRO E 234 11.98 20.35 -25.20
C PRO E 234 10.92 20.08 -26.24
N CYS E 235 9.65 20.22 -25.82
CA CYS E 235 8.44 20.14 -26.61
C CYS E 235 7.60 21.32 -26.23
N ASN E 236 7.12 22.02 -27.24
CA ASN E 236 6.24 23.14 -27.05
C ASN E 236 4.85 22.56 -27.12
N ASN E 237 3.78 23.35 -26.94
CA ASN E 237 2.39 22.89 -27.08
C ASN E 237 2.07 21.64 -26.22
N VAL E 238 2.51 21.65 -24.94
CA VAL E 238 2.31 20.56 -23.97
C VAL E 238 0.91 20.62 -23.39
N SER E 239 0.22 19.50 -23.36
CA SER E 239 -1.13 19.46 -22.79
C SER E 239 -1.17 18.55 -21.60
N THR E 240 -2.16 18.73 -20.75
CA THR E 240 -2.32 17.85 -19.59
C THR E 240 -3.49 16.92 -19.72
N VAL E 241 -3.24 15.65 -19.44
CA VAL E 241 -4.26 14.63 -19.45
C VAL E 241 -4.20 13.84 -18.16
N GLN E 242 -5.26 13.13 -17.83
CA GLN E 242 -5.19 12.25 -16.65
C GLN E 242 -4.80 10.80 -17.01
N CYS E 243 -5.23 10.33 -18.22
CA CYS E 243 -5.02 8.99 -18.77
C CYS E 243 -4.40 9.11 -20.15
N THR E 244 -3.63 8.12 -20.53
CA THR E 244 -3.03 8.05 -21.84
C THR E 244 -4.06 7.58 -22.82
N HIS E 245 -3.75 7.69 -24.10
CA HIS E 245 -4.63 7.16 -25.12
C HIS E 245 -4.56 5.67 -24.96
N GLY E 246 -5.52 4.96 -25.55
CA GLY E 246 -5.45 3.52 -25.39
C GLY E 246 -4.31 2.99 -26.22
N ILE E 247 -3.58 2.05 -25.65
CA ILE E 247 -2.49 1.40 -26.36
C ILE E 247 -2.66 -0.08 -26.26
N LYS E 248 -2.07 -0.83 -27.16
CA LYS E 248 -2.20 -2.27 -27.01
C LYS E 248 -0.87 -2.88 -26.64
N PRO E 249 -0.83 -3.84 -25.72
CA PRO E 249 0.35 -4.54 -25.29
C PRO E 249 0.75 -5.61 -26.28
N VAL E 250 1.16 -5.16 -27.45
CA VAL E 250 1.60 -6.01 -28.53
C VAL E 250 3.05 -6.38 -28.29
N VAL E 251 3.36 -7.66 -28.47
CA VAL E 251 4.68 -8.21 -28.21
C VAL E 251 5.46 -8.73 -29.40
N SER E 252 5.30 -8.14 -30.57
CA SER E 252 6.07 -8.55 -31.72
C SER E 252 7.50 -8.01 -31.69
N THR E 253 8.36 -8.60 -32.51
CA THR E 253 9.69 -8.01 -32.67
C THR E 253 9.96 -7.68 -34.11
N GLN E 254 11.06 -6.95 -34.35
CA GLN E 254 11.52 -6.47 -35.68
C GLN E 254 10.57 -5.48 -36.34
N LEU E 255 9.33 -5.90 -36.54
CA LEU E 255 8.29 -5.08 -37.12
C LEU E 255 7.25 -4.85 -36.05
N LEU E 256 6.93 -3.59 -35.78
CA LEU E 256 5.94 -3.30 -34.77
C LEU E 256 4.58 -3.45 -35.38
N LEU E 257 3.67 -4.09 -34.69
CA LEU E 257 2.36 -4.27 -35.25
C LEU E 257 1.27 -3.54 -34.49
N ASN E 258 0.26 -3.06 -35.23
CA ASN E 258 -1.01 -2.45 -34.77
C ASN E 258 -0.83 -1.25 -33.80
N GLY E 259 0.18 -0.39 -34.03
CA GLY E 259 0.43 0.80 -33.20
C GLY E 259 -0.18 2.01 -33.85
N SER E 260 0.15 3.17 -33.32
CA SER E 260 -0.35 4.40 -33.89
C SER E 260 0.60 4.83 -34.98
N LEU E 261 0.14 5.72 -35.85
CA LEU E 261 1.00 6.26 -36.91
C LEU E 261 1.43 7.66 -36.60
N ALA E 262 2.57 8.03 -37.13
CA ALA E 262 3.11 9.36 -36.94
C ALA E 262 2.16 10.38 -37.53
N GLU E 263 1.99 11.50 -36.82
CA GLU E 263 1.14 12.60 -37.29
C GLU E 263 1.70 13.32 -38.50
N GLY E 264 3.01 13.45 -38.52
CA GLY E 264 3.73 14.11 -39.59
C GLY E 264 4.36 13.06 -40.47
N GLU E 265 5.53 13.36 -41.01
CA GLU E 265 6.24 12.46 -41.90
C GLU E 265 6.92 11.38 -41.08
N ILE E 266 7.62 10.46 -41.73
CA ILE E 266 8.24 9.37 -40.98
C ILE E 266 9.26 9.92 -40.02
N ILE E 267 9.19 9.50 -38.76
CA ILE E 267 10.10 10.00 -37.75
C ILE E 267 11.09 8.95 -37.32
N ILE E 268 12.34 9.30 -37.37
CA ILE E 268 13.35 8.36 -36.94
C ILE E 268 13.78 8.77 -35.55
N ARG E 269 13.53 7.88 -34.58
CA ARG E 269 13.75 8.18 -33.18
C ARG E 269 14.87 7.34 -32.61
N SER E 270 15.84 7.98 -32.04
CA SER E 270 16.91 7.20 -31.45
C SER E 270 17.59 8.02 -30.42
N GLU E 271 18.29 7.36 -29.52
CA GLU E 271 19.10 8.07 -28.58
C GLU E 271 20.47 8.19 -29.21
N ASN E 272 21.01 9.40 -29.32
CA ASN E 272 22.36 9.52 -29.89
C ASN E 272 22.53 8.74 -31.19
N ILE E 273 21.75 9.07 -32.22
CA ILE E 273 21.67 8.29 -33.47
C ILE E 273 23.00 7.90 -34.13
N THR E 274 24.08 8.60 -33.86
CA THR E 274 25.35 8.27 -34.49
C THR E 274 26.09 7.13 -33.76
N ASP E 275 25.52 6.71 -32.64
CA ASP E 275 26.00 5.63 -31.76
C ASP E 275 25.50 4.27 -32.23
N ASN E 276 26.40 3.38 -32.62
CA ASN E 276 26.01 2.09 -33.18
C ASN E 276 25.51 1.16 -32.08
N GLY E 277 25.65 1.57 -30.84
CA GLY E 277 25.20 0.80 -29.71
C GLY E 277 23.74 1.08 -29.35
N LYS E 278 23.09 1.99 -30.08
CA LYS E 278 21.70 2.31 -29.77
C LYS E 278 20.75 1.80 -30.83
N THR E 279 19.52 1.53 -30.40
CA THR E 279 18.43 1.06 -31.25
C THR E 279 17.73 2.21 -31.94
N ILE E 280 17.40 2.06 -33.21
CA ILE E 280 16.68 3.08 -33.95
C ILE E 280 15.25 2.68 -34.19
N LEU E 281 14.33 3.50 -33.74
CA LEU E 281 12.93 3.18 -33.94
C LEU E 281 12.41 4.04 -35.06
N VAL E 282 11.94 3.43 -36.12
CA VAL E 282 11.43 4.21 -37.22
C VAL E 282 9.94 4.19 -37.13
N HIS E 283 9.33 5.36 -36.97
CA HIS E 283 7.90 5.42 -36.80
C HIS E 283 7.24 5.88 -38.10
N LEU E 284 6.50 4.99 -38.70
CA LEU E 284 5.90 5.26 -40.00
C LEU E 284 4.66 6.13 -39.83
N ASN E 285 4.33 6.95 -40.88
CA ASN E 285 3.12 7.78 -40.96
C ASN E 285 1.97 7.10 -41.77
N GLU E 286 2.25 5.95 -42.42
CA GLU E 286 1.36 5.15 -43.24
C GLU E 286 1.63 3.72 -42.84
N SER E 287 0.60 2.90 -42.73
CA SER E 287 0.85 1.52 -42.35
C SER E 287 1.07 0.64 -43.56
N VAL E 288 1.67 -0.54 -43.30
CA VAL E 288 1.83 -1.54 -44.35
C VAL E 288 1.02 -2.76 -43.98
N LYS E 289 0.15 -3.21 -44.86
CA LYS E 289 -0.67 -4.36 -44.53
C LYS E 289 0.05 -5.67 -44.78
N ILE E 290 0.06 -6.50 -43.74
CA ILE E 290 0.68 -7.82 -43.77
C ILE E 290 -0.30 -8.92 -43.31
N GLU E 291 -0.34 -10.05 -44.03
CA GLU E 291 -1.20 -11.15 -43.61
C GLU E 291 -0.42 -12.46 -43.53
N CYS E 292 -0.53 -13.21 -42.40
CA CYS E 292 0.18 -14.47 -42.17
C CYS E 292 -0.82 -15.60 -42.02
N THR E 293 -0.57 -16.72 -42.69
CA THR E 293 -1.50 -17.84 -42.66
C THR E 293 -0.86 -19.22 -42.49
N ARG E 294 -1.55 -20.09 -41.77
CA ARG E 294 -1.17 -21.48 -41.64
C ARG E 294 -2.33 -22.33 -42.14
N PRO E 295 -2.41 -22.62 -43.44
CA PRO E 295 -3.55 -23.19 -44.13
C PRO E 295 -3.74 -24.69 -43.94
N ASN E 296 -3.88 -25.11 -42.69
CA ASN E 296 -4.15 -26.50 -42.39
C ASN E 296 -4.87 -26.61 -41.04
N ASN E 297 -5.44 -27.80 -40.74
CA ASN E 297 -6.17 -28.11 -39.52
C ASN E 297 -5.43 -29.12 -38.64
N LYS E 298 -4.94 -28.67 -37.47
CA LYS E 298 -4.24 -29.52 -36.50
C LYS E 298 -5.29 -30.11 -35.58
N THR E 299 -5.33 -31.42 -35.43
CA THR E 299 -6.33 -31.97 -34.55
C THR E 299 -5.80 -31.89 -33.15
N ARG E 300 -6.68 -32.04 -32.17
CA ARG E 300 -6.28 -31.97 -30.77
C ARG E 300 -6.48 -33.27 -30.02
N THR E 301 -5.41 -33.75 -29.41
CA THR E 301 -5.47 -34.97 -28.62
C THR E 301 -5.32 -34.62 -27.15
N SER E 302 -6.25 -35.07 -26.33
CA SER E 302 -6.14 -34.78 -24.91
C SER E 302 -5.54 -35.96 -24.19
N ILE E 303 -4.39 -35.74 -23.60
CA ILE E 303 -3.67 -36.77 -22.89
C ILE E 303 -3.72 -36.52 -21.41
N ARG E 304 -4.38 -37.39 -20.68
CA ARG E 304 -4.50 -37.14 -19.27
C ARG E 304 -3.15 -37.39 -18.62
N ILE E 305 -2.82 -36.53 -17.70
CA ILE E 305 -1.59 -36.58 -16.93
C ILE E 305 -1.81 -37.22 -15.58
N GLY E 306 -2.91 -36.86 -14.95
CA GLY E 306 -3.17 -37.30 -13.60
C GLY E 306 -4.44 -36.70 -12.99
N PRO E 307 -4.44 -36.35 -11.70
CA PRO E 307 -5.59 -35.95 -10.90
C PRO E 307 -6.18 -34.62 -11.31
N GLY E 308 -6.89 -34.64 -12.44
CA GLY E 308 -7.53 -33.44 -12.99
C GLY E 308 -6.58 -32.68 -13.91
N GLN E 309 -5.49 -33.33 -14.26
CA GLN E 309 -4.48 -32.71 -15.09
C GLN E 309 -4.46 -33.31 -16.48
N ALA E 310 -4.39 -32.47 -17.52
CA ALA E 310 -4.29 -32.98 -18.89
C ALA E 310 -3.49 -32.07 -19.82
N PHE E 311 -2.83 -32.72 -20.76
CA PHE E 311 -2.00 -32.14 -21.81
C PHE E 311 -2.65 -32.14 -23.16
N TYR E 312 -2.50 -31.04 -23.88
CA TYR E 312 -3.04 -31.02 -25.22
C TYR E 312 -1.96 -31.17 -26.27
N ALA E 313 -2.03 -32.26 -26.98
CA ALA E 313 -1.06 -32.63 -27.98
C ALA E 313 -1.57 -32.43 -29.38
N THR E 314 -0.66 -32.20 -30.31
CA THR E 314 -1.11 -32.19 -31.69
C THR E 314 -1.36 -33.63 -32.07
N GLY E 315 -2.52 -33.88 -32.64
CA GLY E 315 -2.93 -35.20 -33.06
C GLY E 315 -2.46 -35.54 -34.46
N GLN E 316 -3.10 -34.94 -35.44
CA GLN E 316 -2.82 -35.16 -36.84
C GLN E 316 -2.90 -33.86 -37.61
N VAL E 317 -2.18 -33.72 -38.71
CA VAL E 317 -2.27 -32.48 -39.47
C VAL E 317 -2.81 -32.65 -40.88
N ILE E 318 -3.99 -32.09 -41.13
CA ILE E 318 -4.59 -32.24 -42.45
C ILE E 318 -4.75 -30.90 -43.13
N GLY E 319 -4.25 -30.78 -44.36
CA GLY E 319 -4.36 -29.52 -45.07
C GLY E 319 -3.23 -29.34 -46.04
N ASP E 320 -2.97 -28.08 -46.38
CA ASP E 320 -1.94 -27.74 -47.33
C ASP E 320 -0.62 -27.66 -46.58
N ILE E 321 0.24 -28.63 -46.77
CA ILE E 321 1.41 -28.64 -45.93
C ILE E 321 2.51 -27.79 -46.50
N ARG E 322 2.50 -26.55 -46.06
CA ARG E 322 3.44 -25.51 -46.43
C ARG E 322 3.85 -24.75 -45.18
N GLU E 323 4.96 -24.05 -45.24
CA GLU E 323 5.52 -23.41 -44.05
C GLU E 323 4.89 -22.11 -43.57
N ALA E 324 3.62 -22.17 -43.21
CA ALA E 324 2.90 -21.04 -42.62
C ALA E 324 3.25 -19.73 -43.29
N TYR E 325 3.11 -19.67 -44.60
CA TYR E 325 3.57 -18.53 -45.37
C TYR E 325 2.90 -17.24 -44.94
N CYS E 326 3.61 -16.09 -45.10
CA CYS E 326 3.07 -14.76 -44.82
C CYS E 326 3.33 -13.81 -46.01
N ASN E 327 2.28 -13.08 -46.40
CA ASN E 327 2.24 -12.18 -47.54
C ASN E 327 2.29 -10.69 -47.12
N ILE E 328 3.28 -9.94 -47.63
CA ILE E 328 3.40 -8.48 -47.43
C ILE E 328 3.40 -7.82 -48.80
N SER E 329 2.61 -6.76 -49.00
CA SER E 329 2.57 -6.11 -50.33
C SER E 329 3.94 -5.69 -50.81
N GLU E 330 4.29 -6.08 -52.04
CA GLU E 330 5.62 -5.78 -52.55
C GLU E 330 5.80 -4.34 -52.89
N SER E 331 4.80 -3.75 -53.54
CA SER E 331 4.98 -2.37 -53.95
C SER E 331 4.84 -1.47 -52.74
N THR E 332 4.05 -1.91 -51.76
CA THR E 332 3.87 -1.07 -50.60
C THR E 332 5.18 -1.04 -49.86
N TRP E 333 5.78 -2.21 -49.68
CA TRP E 333 7.02 -2.30 -48.98
C TRP E 333 8.11 -1.55 -49.68
N ASN E 334 8.25 -1.75 -50.99
CA ASN E 334 9.33 -1.08 -51.67
C ASN E 334 9.24 0.42 -51.50
N GLU E 335 8.04 0.98 -51.62
CA GLU E 335 7.92 2.42 -51.50
C GLU E 335 8.16 2.85 -50.06
N THR E 336 7.67 2.08 -49.10
CA THR E 336 7.80 2.45 -47.71
C THR E 336 9.25 2.46 -47.30
N LEU E 337 10.01 1.46 -47.72
CA LEU E 337 11.39 1.40 -47.32
C LEU E 337 12.15 2.54 -47.97
N GLY E 338 11.84 2.86 -49.22
CA GLY E 338 12.53 3.96 -49.88
C GLY E 338 12.30 5.27 -49.13
N LYS E 339 11.06 5.49 -48.65
CA LYS E 339 10.76 6.70 -47.88
C LYS E 339 11.55 6.74 -46.58
N VAL E 340 11.75 5.59 -45.94
CA VAL E 340 12.52 5.57 -44.72
C VAL E 340 13.92 6.00 -45.02
N VAL E 341 14.49 5.49 -46.10
CA VAL E 341 15.84 5.86 -46.45
C VAL E 341 15.93 7.33 -46.72
N LYS E 342 14.96 7.90 -47.43
CA LYS E 342 15.03 9.32 -47.70
C LYS E 342 15.23 10.12 -46.42
N GLN E 343 14.54 9.73 -45.34
CA GLN E 343 14.68 10.45 -44.09
C GLN E 343 15.94 10.02 -43.34
N LEU E 344 16.35 8.78 -43.48
CA LEU E 344 17.51 8.26 -42.79
C LEU E 344 18.76 8.97 -43.31
N ARG E 345 18.75 9.34 -44.59
CA ARG E 345 19.84 10.05 -45.25
C ARG E 345 20.05 11.45 -44.67
N LYS E 346 19.12 11.96 -43.87
CA LYS E 346 19.29 13.26 -43.28
C LYS E 346 20.21 13.17 -42.08
N HIS E 347 20.41 11.95 -41.59
CA HIS E 347 21.26 11.72 -40.45
C HIS E 347 22.57 11.15 -40.95
N PHE E 348 22.49 10.48 -42.08
CA PHE E 348 23.64 9.86 -42.70
C PHE E 348 23.75 10.29 -44.16
N PRO E 349 24.05 11.57 -44.43
CA PRO E 349 24.09 12.16 -45.75
C PRO E 349 25.27 11.69 -46.56
N HIS E 350 25.07 11.63 -47.87
CA HIS E 350 26.10 11.28 -48.84
C HIS E 350 26.74 9.92 -48.57
N LYS E 351 25.89 8.97 -48.18
CA LYS E 351 26.25 7.60 -47.89
C LYS E 351 25.30 6.70 -48.64
N ASN E 352 25.74 5.51 -48.99
CA ASN E 352 24.83 4.57 -49.60
C ASN E 352 24.21 3.73 -48.51
N ILE E 353 22.92 3.93 -48.27
CA ILE E 353 22.25 3.18 -47.21
C ILE E 353 21.73 1.88 -47.74
N THR E 354 22.14 0.80 -47.10
CA THR E 354 21.75 -0.52 -47.51
C THR E 354 21.17 -1.31 -46.35
N PHE E 355 20.50 -2.40 -46.68
CA PHE E 355 19.91 -3.25 -45.68
C PHE E 355 20.32 -4.69 -45.79
N GLN E 356 20.48 -5.31 -44.64
CA GLN E 356 20.79 -6.72 -44.52
C GLN E 356 19.91 -7.38 -43.47
N PRO E 357 19.69 -8.71 -43.53
CA PRO E 357 19.03 -9.53 -42.54
C PRO E 357 19.82 -9.51 -41.24
N SER E 358 19.20 -9.84 -40.13
CA SER E 358 19.91 -9.86 -38.86
C SER E 358 21.14 -10.72 -38.91
N SER E 359 22.19 -10.24 -38.29
CA SER E 359 23.49 -10.88 -38.27
C SER E 359 23.65 -12.03 -37.30
N GLY E 360 22.74 -12.20 -36.35
CA GLY E 360 22.96 -13.27 -35.40
C GLY E 360 22.00 -13.33 -34.24
N GLY E 361 22.24 -14.28 -33.35
CA GLY E 361 21.37 -14.53 -32.21
C GLY E 361 20.49 -15.71 -32.54
N ASP E 362 19.55 -16.03 -31.65
CA ASP E 362 18.69 -17.16 -31.83
C ASP E 362 17.40 -16.81 -32.57
N LEU E 363 16.51 -17.78 -32.74
CA LEU E 363 15.31 -17.52 -33.52
C LEU E 363 14.22 -16.94 -32.65
N GLU E 364 14.53 -15.82 -32.06
CA GLU E 364 13.68 -15.02 -31.24
C GLU E 364 13.95 -13.60 -31.68
N VAL E 365 15.18 -13.43 -32.23
CA VAL E 365 15.64 -12.11 -32.66
C VAL E 365 16.06 -12.04 -34.13
N THR E 366 16.36 -13.18 -34.73
CA THR E 366 16.81 -13.20 -36.12
C THR E 366 15.64 -13.19 -37.06
N THR E 367 14.49 -13.38 -36.47
CA THR E 367 13.23 -13.47 -37.15
C THR E 367 12.19 -12.53 -36.60
N HIS E 368 11.05 -12.50 -37.25
CA HIS E 368 9.92 -11.71 -36.82
C HIS E 368 8.99 -12.57 -36.04
N SER E 369 9.05 -12.39 -34.75
CA SER E 369 8.25 -13.17 -33.85
C SER E 369 7.00 -12.43 -33.49
N PHE E 370 5.88 -13.10 -33.56
CA PHE E 370 4.64 -12.51 -33.12
C PHE E 370 3.63 -13.56 -32.70
N ASN E 371 2.67 -13.15 -31.93
CA ASN E 371 1.64 -14.05 -31.46
C ASN E 371 0.27 -13.48 -31.71
N CYS E 372 -0.37 -13.88 -32.82
CA CYS E 372 -1.64 -13.34 -33.26
C CYS E 372 -2.84 -14.13 -32.72
N GLY E 373 -3.00 -15.39 -33.13
CA GLY E 373 -4.17 -16.16 -32.73
C GLY E 373 -3.90 -17.10 -31.57
N GLY E 374 -2.75 -16.93 -30.95
CA GLY E 374 -2.29 -17.80 -29.87
C GLY E 374 -1.27 -18.76 -30.44
N GLU E 375 -1.11 -18.65 -31.75
CA GLU E 375 -0.16 -19.42 -32.51
C GLU E 375 1.09 -18.58 -32.64
N PHE E 376 2.22 -19.07 -32.14
CA PHE E 376 3.44 -18.28 -32.18
C PHE E 376 4.27 -18.50 -33.43
N PHE E 377 4.36 -17.44 -34.23
CA PHE E 377 5.02 -17.45 -35.52
C PHE E 377 6.39 -16.84 -35.45
N TYR E 378 7.30 -17.41 -36.21
CA TYR E 378 8.67 -16.95 -36.37
C TYR E 378 8.99 -16.80 -37.87
N CYS E 379 8.74 -15.60 -38.47
CA CYS E 379 8.81 -15.35 -39.92
C CYS E 379 10.16 -14.83 -40.37
N ASN E 380 10.58 -15.30 -41.53
CA ASN E 380 11.85 -14.89 -42.13
C ASN E 380 11.69 -13.58 -42.92
N THR E 381 12.33 -12.50 -42.44
CA THR E 381 12.27 -11.13 -42.95
C THR E 381 13.44 -10.79 -43.82
N SER E 382 14.24 -11.80 -44.17
CA SER E 382 15.40 -11.58 -45.03
C SER E 382 14.98 -11.17 -46.42
N GLY E 383 13.72 -11.41 -46.76
CA GLY E 383 13.17 -11.06 -48.04
C GLY E 383 12.79 -9.58 -48.08
N LEU E 384 12.86 -8.91 -46.94
CA LEU E 384 12.51 -7.51 -46.88
C LEU E 384 13.75 -6.67 -46.69
N PHE E 385 14.59 -7.06 -45.75
CA PHE E 385 15.76 -6.27 -45.45
C PHE E 385 16.96 -6.71 -46.25
N ASN E 386 16.84 -6.53 -47.53
CA ASN E 386 17.89 -6.86 -48.48
C ASN E 386 17.81 -5.85 -49.60
N SER E 387 18.60 -4.79 -49.48
CA SER E 387 18.53 -3.70 -50.44
C SER E 387 19.78 -2.89 -50.55
N THR E 388 19.97 -2.30 -51.71
CA THR E 388 21.12 -1.45 -52.01
C THR E 388 20.91 0.07 -52.00
N TRP E 389 19.72 0.59 -51.57
CA TRP E 389 19.33 2.04 -51.53
C TRP E 389 20.53 2.98 -51.24
N ASP E 405 2.84 -9.29 -57.01
CA ASP E 405 2.27 -8.21 -56.21
C ASP E 405 2.63 -8.27 -54.70
N SER E 406 3.21 -9.39 -54.21
CA SER E 406 3.58 -9.58 -52.79
C SER E 406 4.84 -10.38 -52.61
N ILE E 407 5.40 -10.24 -51.43
CA ILE E 407 6.59 -10.92 -50.99
C ILE E 407 6.18 -11.99 -50.03
N THR E 408 6.62 -13.21 -50.28
CA THR E 408 6.27 -14.29 -49.37
C THR E 408 7.39 -14.53 -48.41
N LEU E 409 7.05 -14.49 -47.16
CA LEU E 409 7.97 -14.72 -46.08
C LEU E 409 7.64 -16.10 -45.52
N PRO E 410 8.51 -17.10 -45.54
CA PRO E 410 8.25 -18.41 -44.98
C PRO E 410 8.27 -18.19 -43.49
N CYS E 411 7.53 -19.01 -42.70
CA CYS E 411 7.49 -18.88 -41.25
C CYS E 411 7.55 -20.23 -40.56
N ARG E 412 8.14 -20.26 -39.39
CA ARG E 412 8.13 -21.47 -38.60
C ARG E 412 7.26 -21.28 -37.39
N ILE E 413 6.81 -22.38 -36.84
CA ILE E 413 5.96 -22.35 -35.67
C ILE E 413 6.65 -23.02 -34.50
N LYS E 414 6.58 -22.40 -33.34
CA LYS E 414 7.14 -23.03 -32.15
C LYS E 414 6.02 -23.22 -31.18
N GLN E 415 6.07 -24.27 -30.39
CA GLN E 415 5.04 -24.47 -29.43
C GLN E 415 5.51 -24.14 -27.99
N ILE E 416 6.81 -24.27 -27.71
CA ILE E 416 7.26 -23.94 -26.35
C ILE E 416 7.92 -22.60 -26.42
N ILE E 417 7.35 -21.64 -25.74
CA ILE E 417 7.81 -20.30 -25.87
C ILE E 417 8.46 -19.76 -24.62
N ASN E 418 9.69 -19.30 -24.76
CA ASN E 418 10.39 -18.68 -23.66
C ASN E 418 10.23 -17.19 -23.85
N MET E 419 9.25 -16.59 -23.20
CA MET E 419 9.01 -15.20 -23.49
C MET E 419 9.96 -14.27 -22.78
N TRP E 420 10.17 -13.14 -23.43
CA TRP E 420 11.01 -12.07 -22.97
C TRP E 420 12.38 -12.64 -22.65
N GLN E 421 12.84 -12.36 -21.45
CA GLN E 421 14.12 -12.81 -20.99
C GLN E 421 13.92 -13.48 -19.66
N GLU E 422 12.80 -14.17 -19.49
CA GLU E 422 12.52 -14.77 -18.20
C GLU E 422 13.47 -15.92 -17.88
N VAL E 423 13.89 -16.66 -18.92
CA VAL E 423 14.86 -17.77 -18.85
C VAL E 423 14.44 -19.00 -18.04
N GLY E 424 14.03 -18.79 -16.80
CA GLY E 424 13.65 -19.84 -15.87
C GLY E 424 12.18 -20.22 -15.97
N ARG E 425 11.49 -19.69 -16.96
CA ARG E 425 10.08 -20.00 -17.14
C ARG E 425 9.84 -20.30 -18.60
N ALA E 426 8.84 -21.14 -18.88
CA ALA E 426 8.49 -21.45 -20.25
C ALA E 426 7.01 -21.76 -20.34
N MET E 427 6.40 -21.42 -21.46
CA MET E 427 5.01 -21.73 -21.67
C MET E 427 4.78 -22.66 -22.84
N TYR E 428 3.87 -23.59 -22.69
CA TYR E 428 3.50 -24.44 -23.79
C TYR E 428 2.19 -23.97 -24.36
N ALA E 429 2.18 -23.70 -25.64
CA ALA E 429 0.98 -23.26 -26.32
C ALA E 429 0.18 -24.48 -26.79
N PRO E 430 -1.05 -24.71 -26.32
CA PRO E 430 -1.87 -25.82 -26.74
C PRO E 430 -2.04 -25.65 -28.22
N PRO E 431 -2.22 -26.71 -28.99
CA PRO E 431 -2.41 -26.64 -30.42
C PRO E 431 -3.74 -26.00 -30.69
N ILE E 432 -3.79 -25.27 -31.79
CA ILE E 432 -4.99 -24.61 -32.26
C ILE E 432 -5.49 -25.28 -33.51
N GLN E 433 -6.70 -25.80 -33.44
CA GLN E 433 -7.23 -26.49 -34.58
C GLN E 433 -7.85 -25.50 -35.52
N GLY E 434 -8.34 -25.99 -36.64
CA GLY E 434 -8.92 -25.11 -37.63
C GLY E 434 -7.76 -24.54 -38.44
N ASN E 435 -8.08 -23.80 -39.53
CA ASN E 435 -7.12 -23.15 -40.43
C ASN E 435 -7.07 -21.65 -40.08
N ILE E 436 -5.93 -21.19 -39.54
CA ILE E 436 -5.67 -19.84 -39.01
C ILE E 436 -5.04 -18.85 -39.96
N THR E 437 -5.64 -17.68 -40.04
CA THR E 437 -5.12 -16.56 -40.82
C THR E 437 -5.20 -15.33 -39.92
N CYS E 438 -4.13 -14.50 -39.93
CA CYS E 438 -4.00 -13.28 -39.13
C CYS E 438 -3.70 -12.08 -40.01
N VAL E 439 -4.39 -10.99 -39.72
CA VAL E 439 -4.25 -9.75 -40.47
C VAL E 439 -3.78 -8.65 -39.55
N SER E 440 -2.72 -7.95 -39.93
CA SER E 440 -2.22 -6.88 -39.08
C SER E 440 -1.54 -5.80 -39.93
N ASN E 441 -1.32 -4.59 -39.34
CA ASN E 441 -0.59 -3.51 -40.02
C ASN E 441 0.75 -3.29 -39.32
N ILE E 442 1.79 -2.96 -40.12
CA ILE E 442 3.13 -2.61 -39.63
C ILE E 442 3.15 -1.13 -39.46
N THR E 443 3.41 -0.71 -38.24
CA THR E 443 3.36 0.68 -37.86
C THR E 443 4.64 1.01 -37.16
N GLY E 444 5.74 1.00 -37.90
CA GLY E 444 7.05 1.22 -37.36
C GLY E 444 7.94 0.00 -37.44
N LEU E 445 9.22 0.26 -37.70
CA LEU E 445 10.25 -0.74 -37.88
C LEU E 445 11.33 -0.58 -36.83
N ILE E 446 11.99 -1.66 -36.43
CA ILE E 446 13.11 -1.50 -35.52
C ILE E 446 14.40 -1.83 -36.24
N LEU E 447 15.33 -0.90 -36.25
CA LEU E 447 16.60 -1.10 -36.92
C LEU E 447 17.77 -0.91 -36.00
N THR E 448 18.86 -1.60 -36.31
CA THR E 448 20.10 -1.34 -35.63
C THR E 448 21.10 -0.99 -36.71
N ARG E 449 22.12 -0.24 -36.34
CA ARG E 449 23.12 0.25 -37.27
C ARG E 449 24.50 -0.41 -37.10
N ASP E 450 25.20 -0.72 -38.23
CA ASP E 450 26.58 -1.24 -38.36
C ASP E 450 26.56 -2.76 -38.45
N ASN E 455 31.91 3.43 -48.75
CA ASN E 455 31.01 4.51 -48.37
C ASN E 455 29.55 3.98 -48.16
N THR E 456 29.42 2.78 -47.53
CA THR E 456 28.16 2.09 -47.27
C THR E 456 27.81 2.04 -45.80
N GLU E 457 26.58 2.43 -45.53
CA GLU E 457 26.01 2.44 -44.19
C GLU E 457 24.95 1.34 -44.12
N THR E 458 25.22 0.28 -43.35
CA THR E 458 24.31 -0.86 -43.31
C THR E 458 23.44 -0.91 -42.06
N PHE E 459 22.14 -1.14 -42.29
CA PHE E 459 21.17 -1.30 -41.23
C PHE E 459 20.59 -2.70 -41.27
N ARG E 460 20.23 -3.22 -40.10
CA ARG E 460 19.64 -4.54 -40.00
C ARG E 460 18.40 -4.50 -39.11
N PRO E 461 17.42 -5.38 -39.31
CA PRO E 461 16.23 -5.50 -38.50
C PRO E 461 16.50 -6.20 -37.21
N GLY E 462 17.30 -5.57 -36.39
CA GLY E 462 17.67 -6.11 -35.10
C GLY E 462 16.73 -5.52 -34.09
N GLY E 463 17.13 -5.48 -32.83
CA GLY E 463 16.21 -4.93 -31.84
C GLY E 463 16.71 -5.12 -30.44
N GLY E 464 15.98 -4.57 -29.50
CA GLY E 464 16.29 -4.64 -28.07
C GLY E 464 15.33 -5.56 -27.37
N ASP E 465 15.02 -5.22 -26.13
CA ASP E 465 14.13 -6.01 -25.33
C ASP E 465 12.73 -5.50 -25.65
N MET E 466 11.71 -5.97 -24.97
CA MET E 466 10.37 -5.63 -25.39
C MET E 466 9.92 -4.27 -24.94
N ARG E 467 10.76 -3.57 -24.20
CA ARG E 467 10.43 -2.26 -23.73
C ARG E 467 10.29 -1.35 -24.92
N ASP E 468 11.06 -1.63 -25.98
CA ASP E 468 11.05 -0.78 -27.15
C ASP E 468 9.71 -0.74 -27.84
N ASN E 469 8.89 -1.78 -27.67
CA ASN E 469 7.60 -1.76 -28.33
C ASN E 469 6.67 -0.78 -27.69
N TRP E 470 6.94 -0.42 -26.45
CA TRP E 470 6.04 0.44 -25.75
C TRP E 470 6.62 1.83 -25.73
N ARG E 471 7.95 1.93 -25.89
CA ARG E 471 8.56 3.24 -25.94
C ARG E 471 7.99 3.98 -27.11
N SER E 472 7.70 3.25 -28.18
CA SER E 472 7.15 3.82 -29.40
C SER E 472 5.74 4.40 -29.25
N GLU E 473 5.01 4.05 -28.18
CA GLU E 473 3.68 4.62 -27.96
C GLU E 473 3.69 5.62 -26.82
N LEU E 474 4.55 5.39 -25.84
CA LEU E 474 4.61 6.21 -24.64
C LEU E 474 5.63 7.34 -24.73
N TYR E 475 6.24 7.52 -25.88
CA TYR E 475 7.28 8.52 -26.08
C TYR E 475 6.79 9.93 -25.86
N LYS E 476 5.50 10.15 -25.99
CA LYS E 476 4.96 11.47 -25.84
C LYS E 476 4.41 11.75 -24.46
N TYR E 477 4.54 10.81 -23.51
CA TYR E 477 3.96 11.09 -22.20
C TYR E 477 4.98 11.19 -21.07
N LYS E 478 4.71 12.09 -20.14
CA LYS E 478 5.53 12.25 -18.94
C LYS E 478 4.70 12.34 -17.67
N VAL E 479 5.18 11.76 -16.58
CA VAL E 479 4.44 11.87 -15.32
C VAL E 479 5.01 12.92 -14.40
N VAL E 480 4.15 13.82 -13.91
CA VAL E 480 4.61 14.84 -13.00
C VAL E 480 3.77 14.91 -11.76
N LYS E 481 4.39 15.31 -10.67
CA LYS E 481 3.73 15.50 -9.40
C LYS E 481 3.27 16.92 -9.29
N ILE E 482 2.05 17.12 -8.83
CA ILE E 482 1.54 18.46 -8.70
C ILE E 482 1.89 18.99 -7.32
N GLU E 483 2.42 20.21 -7.27
CA GLU E 483 2.82 20.84 -6.02
C GLU E 483 2.09 22.17 -5.81
N PRO E 484 0.83 22.16 -5.35
CA PRO E 484 -0.05 23.30 -5.26
C PRO E 484 0.30 24.33 -4.21
N LEU E 485 1.19 24.01 -3.28
CA LEU E 485 1.46 24.96 -2.22
C LEU E 485 2.74 25.75 -2.47
N GLY E 486 2.67 27.07 -2.31
CA GLY E 486 3.87 27.87 -2.47
C GLY E 486 3.73 29.26 -1.90
N VAL E 487 4.82 30.02 -1.89
CA VAL E 487 4.80 31.34 -1.32
C VAL E 487 5.39 32.37 -2.25
N ALA E 488 5.05 33.63 -2.01
CA ALA E 488 5.59 34.76 -2.75
C ALA E 488 5.41 36.00 -1.90
N PRO E 489 6.20 37.07 -2.07
CA PRO E 489 6.02 38.34 -1.42
C PRO E 489 4.88 39.13 -1.99
N THR E 490 4.24 39.89 -1.13
CA THR E 490 3.26 40.88 -1.47
C THR E 490 3.37 42.01 -0.48
N ALA E 491 2.40 42.88 -0.44
CA ALA E 491 2.49 44.01 0.47
C ALA E 491 1.24 44.18 1.33
N CYS E 492 0.90 43.12 2.08
CA CYS E 492 -0.25 43.03 2.98
C CYS E 492 0.12 42.12 4.14
N LYS E 493 0.20 42.70 5.32
CA LYS E 493 0.55 42.05 6.57
C LYS E 493 -0.71 41.46 7.17
N ARG E 494 -0.61 40.32 7.84
CA ARG E 494 -1.78 39.78 8.49
C ARG E 494 -2.33 40.81 9.48
N ARG E 495 -3.65 40.98 9.47
CA ARG E 495 -4.32 41.95 10.34
C ARG E 495 -4.20 41.70 11.84
N VAL E 496 -4.27 40.44 12.24
CA VAL E 496 -4.23 40.03 13.65
C VAL E 496 -5.09 40.89 14.60
N VAL E 497 -6.41 41.02 14.30
CA VAL E 497 -7.43 41.73 15.10
C VAL E 497 -6.90 43.08 15.64
N LEU F 9 -8.45 29.05 -18.21
CA LEU F 9 -9.16 28.17 -17.28
C LEU F 9 -8.73 26.72 -17.54
N GLY F 10 -9.04 25.82 -16.57
CA GLY F 10 -8.72 24.38 -16.61
C GLY F 10 -7.61 24.06 -15.61
N PHE F 11 -7.44 22.78 -15.32
CA PHE F 11 -6.41 22.37 -14.41
C PHE F 11 -5.08 22.73 -15.03
N LEU F 12 -4.25 23.47 -14.28
CA LEU F 12 -2.97 23.99 -14.74
C LEU F 12 -3.11 24.92 -15.94
N GLY F 13 -4.30 25.44 -16.18
CA GLY F 13 -4.54 26.30 -17.32
C GLY F 13 -3.68 27.55 -17.30
N ALA F 14 -3.36 28.02 -16.12
CA ALA F 14 -2.57 29.23 -15.96
C ALA F 14 -1.09 28.94 -15.82
N ALA F 15 -0.66 27.72 -16.07
CA ALA F 15 0.75 27.41 -15.88
C ALA F 15 1.68 28.32 -16.67
N GLY F 16 1.28 28.79 -17.84
CA GLY F 16 2.16 29.68 -18.62
C GLY F 16 1.91 31.17 -18.36
N SER F 17 1.02 31.50 -17.44
CA SER F 17 0.66 32.88 -17.17
C SER F 17 1.54 33.51 -16.12
N THR F 18 1.52 34.83 -16.04
CA THR F 18 2.32 35.42 -15.00
C THR F 18 1.67 35.07 -13.70
N MET F 19 2.42 35.20 -12.62
CA MET F 19 1.92 34.88 -11.31
C MET F 19 0.68 35.64 -10.94
N GLY F 20 0.61 36.91 -11.32
CA GLY F 20 -0.53 37.73 -10.98
C GLY F 20 -1.81 37.15 -11.53
N ALA F 21 -1.88 36.98 -12.83
CA ALA F 21 -3.08 36.42 -13.43
C ALA F 21 -3.34 35.01 -12.96
N ALA F 22 -2.29 34.24 -12.76
CA ALA F 22 -2.45 32.86 -12.35
C ALA F 22 -3.08 32.76 -10.97
N SER F 23 -2.84 33.74 -10.11
CA SER F 23 -3.38 33.73 -8.76
C SER F 23 -4.89 33.88 -8.75
N MET F 24 -5.48 34.26 -9.88
CA MET F 24 -6.89 34.49 -9.94
C MET F 24 -7.69 33.20 -10.23
N THR F 25 -6.99 32.08 -10.45
CA THR F 25 -7.65 30.80 -10.74
C THR F 25 -7.32 29.73 -9.70
N LEU F 26 -6.93 30.11 -8.49
CA LEU F 26 -6.53 29.14 -7.47
C LEU F 26 -7.66 28.25 -7.01
N THR F 27 -8.89 28.64 -7.28
CA THR F 27 -10.06 27.87 -6.91
C THR F 27 -10.20 26.54 -7.68
N VAL F 28 -9.45 26.35 -8.80
CA VAL F 28 -9.44 25.17 -9.66
C VAL F 28 -8.66 24.07 -8.91
N ASP F 57 -5.38 -11.64 -6.59
CA ASP F 57 -4.16 -11.03 -7.06
C ASP F 57 -3.63 -10.08 -5.96
N THR F 58 -2.68 -10.59 -5.13
CA THR F 58 -2.08 -9.87 -4.00
C THR F 58 -1.08 -8.85 -4.47
N HIS F 59 -0.49 -9.07 -5.64
CA HIS F 59 0.44 -8.09 -6.18
C HIS F 59 -0.32 -6.81 -6.47
N TRP F 60 -1.43 -6.96 -7.19
CA TRP F 60 -2.25 -5.82 -7.54
C TRP F 60 -2.82 -5.19 -6.28
N GLY F 61 -3.34 -6.02 -5.36
CA GLY F 61 -3.92 -5.48 -4.13
C GLY F 61 -2.94 -4.63 -3.33
N ILE F 62 -1.68 -5.04 -3.22
CA ILE F 62 -0.73 -4.21 -2.49
C ILE F 62 -0.49 -2.91 -3.22
N LYS F 63 -0.32 -2.95 -4.55
CA LYS F 63 -0.09 -1.70 -5.26
C LYS F 63 -1.25 -0.74 -5.09
N GLN F 64 -2.49 -1.25 -5.11
CA GLN F 64 -3.63 -0.36 -4.95
C GLN F 64 -3.70 0.22 -3.56
N LEU F 65 -3.37 -0.57 -2.54
CA LEU F 65 -3.40 -0.02 -1.21
C LEU F 65 -2.32 1.02 -1.05
N GLN F 66 -1.15 0.81 -1.65
CA GLN F 66 -0.11 1.80 -1.51
C GLN F 66 -0.52 3.10 -2.16
N ALA F 67 -1.17 3.01 -3.32
CA ALA F 67 -1.60 4.22 -4.00
C ALA F 67 -2.64 4.99 -3.18
N ARG F 68 -3.58 4.27 -2.56
CA ARG F 68 -4.61 4.94 -1.79
C ARG F 68 -4.04 5.60 -0.55
N VAL F 69 -3.15 4.90 0.11
CA VAL F 69 -2.58 5.41 1.33
C VAL F 69 -1.73 6.62 1.03
N LEU F 70 -0.94 6.57 -0.04
CA LEU F 70 -0.10 7.68 -0.34
C LEU F 70 -0.93 8.92 -0.67
N ALA F 71 -2.04 8.74 -1.40
CA ALA F 71 -2.87 9.89 -1.72
C ALA F 71 -3.40 10.54 -0.46
N VAL F 72 -3.77 9.73 0.53
CA VAL F 72 -4.24 10.29 1.78
C VAL F 72 -3.13 11.04 2.48
N GLU F 73 -1.93 10.47 2.51
CA GLU F 73 -0.86 11.15 3.19
C GLU F 73 -0.58 12.50 2.54
N HIS F 74 -0.62 12.59 1.21
CA HIS F 74 -0.34 13.86 0.58
C HIS F 74 -1.40 14.87 0.93
N TYR F 75 -2.66 14.45 0.95
CA TYR F 75 -3.71 15.36 1.30
C TYR F 75 -3.49 15.93 2.68
N LEU F 76 -3.22 15.06 3.63
CA LEU F 76 -3.06 15.50 4.99
C LEU F 76 -1.84 16.37 5.14
N ARG F 77 -0.75 16.09 4.45
CA ARG F 77 0.42 16.95 4.61
C ARG F 77 0.09 18.39 4.26
N ASP F 78 -0.63 18.62 3.16
CA ASP F 78 -0.92 20.02 2.84
C ASP F 78 -1.88 20.65 3.82
N GLN F 79 -2.87 19.89 4.27
CA GLN F 79 -3.80 20.53 5.16
C GLN F 79 -3.17 20.80 6.49
N GLN F 80 -2.27 19.93 6.92
CA GLN F 80 -1.62 20.11 8.18
C GLN F 80 -0.71 21.31 8.15
N LEU F 81 0.01 21.54 7.03
CA LEU F 81 0.83 22.73 6.99
C LEU F 81 -0.01 24.00 6.97
N LEU F 82 -1.12 23.99 6.27
CA LEU F 82 -1.91 25.20 6.26
C LEU F 82 -2.45 25.44 7.66
N GLY F 83 -2.81 24.39 8.36
CA GLY F 83 -3.31 24.55 9.70
C GLY F 83 -2.25 25.11 10.65
N ILE F 84 -1.05 24.53 10.63
CA ILE F 84 -0.03 24.93 11.57
C ILE F 84 0.45 26.36 11.34
N TRP F 85 0.33 26.88 10.11
CA TRP F 85 0.69 28.26 9.78
C TRP F 85 -0.44 29.26 9.98
N GLY F 86 -1.63 28.78 10.38
CA GLY F 86 -2.81 29.63 10.52
C GLY F 86 -3.52 30.01 9.20
N CYS F 87 -3.38 29.16 8.14
CA CYS F 87 -3.93 29.34 6.80
C CYS F 87 -4.98 28.28 6.49
N SER F 88 -5.55 27.68 7.52
CA SER F 88 -6.55 26.67 7.24
C SER F 88 -7.74 27.32 6.57
N GLY F 89 -8.18 26.72 5.46
CA GLY F 89 -9.35 27.20 4.75
C GLY F 89 -9.09 28.38 3.82
N LYS F 90 -7.84 28.82 3.68
CA LYS F 90 -7.58 29.96 2.85
C LYS F 90 -6.77 29.66 1.60
N LEU F 91 -7.20 30.18 0.45
CA LEU F 91 -6.39 30.01 -0.75
C LEU F 91 -5.30 31.06 -0.75
N ILE F 92 -5.65 32.22 -0.20
CA ILE F 92 -4.73 33.33 -0.04
C ILE F 92 -4.62 33.59 1.45
N CYS F 93 -3.41 33.49 2.03
CA CYS F 93 -3.17 33.67 3.45
C CYS F 93 -2.01 34.60 3.72
N THR F 94 -2.31 35.73 4.33
CA THR F 94 -1.25 36.66 4.66
C THR F 94 -0.69 36.19 5.99
N THR F 95 0.53 36.62 6.28
CA THR F 95 1.21 36.22 7.48
C THR F 95 1.90 37.40 8.12
N ASN F 96 2.55 37.16 9.24
CA ASN F 96 3.32 38.18 9.93
C ASN F 96 4.82 38.01 9.70
N VAL F 97 5.21 37.20 8.72
CA VAL F 97 6.62 37.01 8.45
C VAL F 97 7.02 37.93 7.33
N PRO F 98 7.99 38.84 7.51
CA PRO F 98 8.44 39.79 6.53
C PRO F 98 9.21 39.08 5.46
N TRP F 99 9.22 39.66 4.28
CA TRP F 99 10.01 39.11 3.22
C TRP F 99 11.43 39.57 3.37
N ASN F 100 12.36 38.63 3.30
CA ASN F 100 13.78 38.91 3.39
C ASN F 100 14.35 39.00 1.99
N SER F 101 14.92 40.16 1.68
CA SER F 101 15.45 40.45 0.36
C SER F 101 16.58 39.51 -0.04
N THR F 102 17.11 38.77 0.92
CA THR F 102 18.14 37.80 0.65
C THR F 102 17.56 36.61 -0.11
N TRP F 103 16.27 36.29 0.12
CA TRP F 103 15.66 35.15 -0.55
C TRP F 103 15.47 35.54 -1.98
N SER F 104 15.04 36.78 -2.16
CA SER F 104 14.89 37.40 -3.47
C SER F 104 14.77 38.89 -3.32
N ASN F 105 15.49 39.64 -4.15
CA ASN F 105 15.50 41.08 -4.07
C ASN F 105 14.72 41.79 -5.16
N LYS F 106 13.79 41.09 -5.77
CA LYS F 106 12.98 41.68 -6.84
C LYS F 106 11.80 42.51 -6.36
N THR F 107 11.43 43.47 -7.19
CA THR F 107 10.31 44.37 -6.98
C THR F 107 9.01 43.63 -7.28
N LEU F 108 7.93 43.94 -6.57
CA LEU F 108 6.71 43.20 -6.86
C LEU F 108 6.28 43.34 -8.31
N SER F 109 6.51 44.50 -8.88
CA SER F 109 6.12 44.81 -10.25
C SER F 109 6.89 44.03 -11.32
N GLU F 110 7.99 43.37 -10.95
CA GLU F 110 8.76 42.57 -11.88
C GLU F 110 8.64 41.11 -11.53
N ILE F 111 7.74 40.80 -10.59
CA ILE F 111 7.48 39.42 -10.22
C ILE F 111 6.09 39.08 -10.68
N TRP F 112 5.11 39.78 -10.13
CA TRP F 112 3.73 39.41 -10.34
C TRP F 112 3.25 39.62 -11.76
N ASP F 113 3.84 40.58 -12.44
CA ASP F 113 3.47 40.90 -13.81
C ASP F 113 4.51 40.45 -14.79
N ASN F 114 5.39 39.56 -14.37
CA ASN F 114 6.46 39.19 -15.27
C ASN F 114 6.79 37.72 -15.35
N MET F 115 6.99 37.08 -14.22
CA MET F 115 7.45 35.70 -14.26
C MET F 115 6.32 34.76 -13.90
N THR F 116 6.43 33.52 -14.38
CA THR F 116 5.45 32.48 -14.11
C THR F 116 5.72 31.79 -12.79
N TRP F 117 4.76 31.00 -12.31
CA TRP F 117 4.95 30.31 -11.03
C TRP F 117 6.01 29.22 -11.09
N LEU F 118 6.20 28.62 -12.25
CA LEU F 118 7.22 27.59 -12.38
C LEU F 118 8.59 28.21 -12.18
N GLN F 119 8.77 29.42 -12.71
CA GLN F 119 10.04 30.10 -12.61
C GLN F 119 10.29 30.53 -11.20
N TRP F 120 9.24 31.01 -10.55
CA TRP F 120 9.35 31.47 -9.18
C TRP F 120 9.71 30.33 -8.30
N ASP F 121 9.06 29.19 -8.49
CA ASP F 121 9.34 28.06 -7.65
C ASP F 121 10.82 27.71 -7.76
N LYS F 122 11.40 27.77 -8.96
CA LYS F 122 12.81 27.51 -9.04
C LYS F 122 13.64 28.59 -8.35
N GLU F 123 13.29 29.85 -8.56
CA GLU F 123 14.08 30.97 -8.02
C GLU F 123 14.28 30.93 -6.53
N ILE F 124 13.25 30.56 -5.79
CA ILE F 124 13.39 30.54 -4.35
C ILE F 124 13.32 29.16 -3.76
N SER F 125 13.61 28.13 -4.55
CA SER F 125 13.46 26.77 -4.03
C SER F 125 14.35 26.48 -2.85
N ASN F 126 15.49 27.16 -2.80
CA ASN F 126 16.50 26.95 -1.78
C ASN F 126 16.10 27.49 -0.43
N TYR F 127 15.04 28.26 -0.37
CA TYR F 127 14.65 28.84 0.89
C TYR F 127 13.34 28.25 1.37
N THR F 128 12.86 27.20 0.72
CA THR F 128 11.54 26.68 1.06
C THR F 128 11.41 26.32 2.53
N GLN F 129 12.39 25.63 3.08
CA GLN F 129 12.28 25.21 4.46
C GLN F 129 12.48 26.34 5.43
N ILE F 130 13.22 27.35 5.03
CA ILE F 130 13.42 28.49 5.88
C ILE F 130 12.12 29.20 6.04
N ILE F 131 11.42 29.39 4.93
CA ILE F 131 10.17 30.09 5.00
C ILE F 131 9.20 29.33 5.84
N TYR F 132 9.13 28.02 5.66
CA TYR F 132 8.18 27.27 6.42
C TYR F 132 8.48 27.33 7.90
N GLY F 133 9.75 27.25 8.28
CA GLY F 133 10.06 27.31 9.70
C GLY F 133 9.64 28.64 10.29
N LEU F 134 9.85 29.73 9.55
CA LEU F 134 9.48 31.03 10.06
C LEU F 134 7.99 31.16 10.19
N LEU F 135 7.24 30.59 9.26
CA LEU F 135 5.80 30.69 9.34
C LEU F 135 5.28 29.97 10.56
N GLU F 136 5.86 28.80 10.86
CA GLU F 136 5.42 28.04 12.02
C GLU F 136 5.72 28.79 13.30
N GLU F 137 6.88 29.43 13.36
CA GLU F 137 7.26 30.14 14.56
C GLU F 137 6.35 31.32 14.79
N SER F 138 6.02 32.04 13.74
CA SER F 138 5.18 33.19 13.89
C SER F 138 3.81 32.79 14.39
N GLN F 139 3.25 31.71 13.84
CA GLN F 139 1.93 31.32 14.27
C GLN F 139 1.93 30.87 15.72
N ASN F 140 2.98 30.18 16.14
CA ASN F 140 2.97 29.72 17.51
C ASN F 140 3.08 30.89 18.46
N GLN F 141 3.86 31.92 18.09
CA GLN F 141 3.96 33.07 18.98
C GLN F 141 2.64 33.80 19.07
N GLN F 142 1.92 33.89 17.95
CA GLN F 142 0.64 34.56 17.96
C GLN F 142 -0.31 33.87 18.93
N GLU F 143 -0.31 32.53 18.92
CA GLU F 143 -1.17 31.80 19.85
C GLU F 143 -0.75 32.00 21.30
N LYS F 144 0.55 32.04 21.56
CA LYS F 144 0.96 32.25 22.94
C LYS F 144 0.49 33.60 23.42
N ASN F 145 0.53 34.62 22.55
CA ASN F 145 0.07 35.91 23.00
C ASN F 145 -1.43 35.89 23.26
N GLU F 146 -2.18 35.16 22.44
CA GLU F 146 -3.63 35.06 22.55
C GLU F 146 -4.10 34.60 23.92
N THR F 147 -3.37 33.67 24.52
CA THR F 147 -3.79 33.13 25.81
C THR F 147 -2.88 33.55 26.94
N ASP F 148 -2.13 34.64 26.78
CA ASP F 148 -1.27 35.06 27.87
C ASP F 148 -2.16 35.50 29.00
N ASN F 149 -1.65 35.49 30.21
CA ASN F 149 -2.48 35.83 31.35
C ASN F 149 -2.80 37.32 31.41
N LEU F 150 -1.88 38.14 30.94
CA LEU F 150 -2.09 39.56 30.97
C LEU F 150 -3.02 39.96 29.86
N THR F 151 -3.85 40.96 30.13
CA THR F 151 -4.79 41.54 29.16
C THR F 151 -5.45 40.50 28.25
N CYS F 152 -6.13 39.51 28.86
CA CYS F 152 -6.86 38.42 28.19
C CYS F 152 -8.27 38.41 28.75
N ASP F 153 -8.42 38.03 30.02
CA ASP F 153 -9.72 38.04 30.63
C ASP F 153 -10.03 39.51 30.98
N GLU G 37 -39.97 34.97 3.73
CA GLU G 37 -40.11 33.54 3.98
C GLU G 37 -38.94 32.93 4.80
N ASN G 38 -37.72 33.51 4.71
CA ASN G 38 -36.45 33.03 5.32
C ASN G 38 -36.09 31.65 4.76
N LEU G 39 -35.92 30.64 5.61
CA LEU G 39 -35.63 29.28 5.19
C LEU G 39 -34.38 29.10 4.34
N TRP G 40 -33.22 28.94 4.98
CA TRP G 40 -31.95 28.73 4.26
C TRP G 40 -31.46 27.32 4.47
N VAL G 41 -30.66 26.82 3.54
CA VAL G 41 -30.20 25.44 3.65
C VAL G 41 -29.11 25.29 4.70
N THR G 42 -29.39 24.56 5.76
CA THR G 42 -28.42 24.38 6.83
C THR G 42 -27.82 23.02 6.74
N VAL G 43 -26.50 22.97 6.80
CA VAL G 43 -25.79 21.71 6.71
C VAL G 43 -25.60 21.08 8.06
N TYR G 44 -25.92 19.79 8.15
CA TYR G 44 -25.71 19.06 9.38
C TYR G 44 -24.79 17.88 9.19
N TYR G 45 -23.92 17.67 10.19
CA TYR G 45 -23.04 16.52 10.20
C TYR G 45 -23.15 15.75 11.48
N GLY G 46 -23.36 14.44 11.36
CA GLY G 46 -23.54 13.58 12.52
C GLY G 46 -25.01 13.16 12.62
N VAL G 47 -25.73 13.30 11.53
CA VAL G 47 -27.14 12.96 11.44
C VAL G 47 -27.33 11.44 11.52
N PRO G 48 -28.18 10.91 12.41
CA PRO G 48 -28.39 9.49 12.63
C PRO G 48 -29.23 8.78 11.58
N VAL G 49 -28.72 8.71 10.36
CA VAL G 49 -29.39 8.02 9.27
C VAL G 49 -28.48 7.01 8.60
N TRP G 50 -29.10 6.11 7.82
CA TRP G 50 -28.34 5.07 7.14
C TRP G 50 -28.96 4.58 5.84
N LYS G 51 -28.15 3.83 5.09
CA LYS G 51 -28.56 3.20 3.84
C LYS G 51 -28.13 1.73 3.78
N ASP G 52 -28.85 0.93 2.99
CA ASP G 52 -28.49 -0.48 2.83
C ASP G 52 -27.08 -0.56 2.29
N ALA G 53 -26.25 -1.45 2.81
CA ALA G 53 -24.91 -1.51 2.28
C ALA G 53 -24.25 -2.85 2.45
N GLU G 54 -23.25 -3.12 1.62
CA GLU G 54 -22.51 -4.35 1.76
C GLU G 54 -21.05 -4.07 2.02
N THR G 55 -20.55 -4.60 3.12
CA THR G 55 -19.16 -4.44 3.50
C THR G 55 -18.60 -5.73 4.00
N THR G 56 -17.36 -5.68 4.43
CA THR G 56 -16.71 -6.85 4.97
C THR G 56 -16.79 -6.81 6.49
N LEU G 57 -17.37 -7.84 7.07
CA LEU G 57 -17.50 -7.91 8.51
C LEU G 57 -16.31 -8.66 9.03
N PHE G 58 -15.96 -8.45 10.27
CA PHE G 58 -14.85 -9.21 10.79
C PHE G 58 -15.39 -10.22 11.79
N CYS G 59 -14.64 -11.33 11.98
CA CYS G 59 -15.01 -12.41 12.88
C CYS G 59 -14.26 -12.26 14.21
N ALA G 60 -15.01 -12.40 15.29
CA ALA G 60 -14.46 -12.33 16.63
C ALA G 60 -14.99 -13.49 17.50
N SER G 61 -14.14 -13.97 18.45
CA SER G 61 -14.41 -15.08 19.39
C SER G 61 -14.67 -14.54 20.79
N HIS G 71 -5.19 -27.70 18.75
CA HIS G 71 -5.84 -26.39 18.76
C HIS G 71 -7.13 -26.39 17.89
N ASN G 72 -7.83 -25.23 17.83
CA ASN G 72 -9.09 -25.02 17.10
C ASN G 72 -8.93 -24.02 15.97
N VAL G 73 -9.48 -24.36 14.82
CA VAL G 73 -9.36 -23.55 13.62
C VAL G 73 -10.11 -22.23 13.68
N TRP G 74 -11.26 -22.21 14.33
CA TRP G 74 -12.07 -21.04 14.38
C TRP G 74 -11.47 -20.08 15.34
N ALA G 75 -10.94 -20.62 16.43
CA ALA G 75 -10.33 -19.80 17.46
C ALA G 75 -9.07 -19.14 16.94
N THR G 76 -8.34 -19.88 16.10
CA THR G 76 -7.11 -19.39 15.53
C THR G 76 -7.38 -18.27 14.55
N HIS G 77 -8.36 -18.46 13.68
CA HIS G 77 -8.68 -17.44 12.71
C HIS G 77 -9.38 -16.21 13.28
N CYS G 78 -10.44 -16.42 14.11
CA CYS G 78 -11.27 -15.37 14.71
C CYS G 78 -10.59 -15.03 16.03
N CYS G 79 -9.37 -14.52 15.89
CA CYS G 79 -8.47 -14.19 16.98
C CYS G 79 -8.86 -12.92 17.70
N VAL G 80 -9.73 -12.17 17.06
CA VAL G 80 -10.22 -10.91 17.53
C VAL G 80 -11.18 -11.19 18.68
N PRO G 81 -11.04 -10.54 19.85
CA PRO G 81 -11.89 -10.68 21.00
C PRO G 81 -13.21 -9.99 20.78
N THR G 82 -14.22 -10.42 21.53
CA THR G 82 -15.51 -9.79 21.54
C THR G 82 -15.64 -8.93 22.76
N ASP G 83 -16.69 -8.11 22.77
CA ASP G 83 -17.05 -7.26 23.88
C ASP G 83 -17.56 -8.15 25.02
N PRO G 84 -16.94 -8.19 26.21
CA PRO G 84 -17.38 -8.98 27.36
C PRO G 84 -18.79 -8.60 27.80
N ASN G 85 -19.23 -7.38 27.48
CA ASN G 85 -20.55 -6.91 27.86
C ASN G 85 -21.18 -6.16 26.70
N PRO G 86 -21.61 -6.84 25.64
CA PRO G 86 -22.08 -6.26 24.41
C PRO G 86 -23.23 -5.32 24.67
N GLN G 87 -23.25 -4.23 23.96
CA GLN G 87 -24.31 -3.27 24.12
C GLN G 87 -25.32 -3.42 23.02
N GLU G 88 -26.54 -3.01 23.31
CA GLU G 88 -27.61 -3.01 22.34
C GLU G 88 -28.44 -1.76 22.50
N ILE G 89 -28.68 -1.10 21.39
CA ILE G 89 -29.48 0.12 21.41
C ILE G 89 -30.83 -0.09 20.79
N VAL G 90 -31.86 0.14 21.54
CA VAL G 90 -33.18 -0.06 20.96
C VAL G 90 -33.53 1.17 20.18
N LEU G 91 -33.97 1.00 18.95
CA LEU G 91 -34.34 2.15 18.18
C LEU G 91 -35.83 2.25 18.26
N GLU G 92 -36.30 3.22 18.97
CA GLU G 92 -37.73 3.35 19.15
C GLU G 92 -38.23 4.09 17.94
N ASN G 93 -39.50 3.87 17.56
CA ASN G 93 -40.21 4.58 16.48
C ASN G 93 -39.50 4.51 15.11
N VAL G 94 -38.97 3.33 14.72
CA VAL G 94 -38.34 3.10 13.40
C VAL G 94 -38.96 1.87 12.80
N THR G 95 -38.91 1.75 11.49
CA THR G 95 -39.35 0.56 10.79
C THR G 95 -38.25 0.21 9.83
N GLU G 96 -37.90 -1.07 9.73
CA GLU G 96 -36.85 -1.47 8.79
C GLU G 96 -37.24 -2.71 8.02
N ASN G 97 -36.98 -2.70 6.72
CA ASN G 97 -37.24 -3.86 5.87
C ASN G 97 -36.05 -4.81 5.80
N PHE G 98 -36.28 -6.03 6.25
CA PHE G 98 -35.26 -7.05 6.27
C PHE G 98 -35.58 -8.08 5.19
N ASN G 99 -34.56 -8.65 4.55
CA ASN G 99 -34.79 -9.67 3.53
C ASN G 99 -33.76 -10.76 3.66
N MET G 100 -34.09 -11.86 4.34
CA MET G 100 -33.07 -12.84 4.62
C MET G 100 -32.57 -13.56 3.38
N TRP G 101 -33.42 -13.67 2.39
CA TRP G 101 -33.08 -14.42 1.20
C TRP G 101 -32.07 -13.71 0.33
N LYS G 102 -31.87 -12.43 0.57
CA LYS G 102 -30.96 -11.63 -0.24
C LYS G 102 -29.89 -11.04 0.66
N ASN G 103 -29.76 -11.58 1.86
CA ASN G 103 -28.84 -11.03 2.84
C ASN G 103 -27.42 -11.43 2.52
N ASN G 104 -26.59 -10.44 2.23
CA ASN G 104 -25.23 -10.67 1.79
C ASN G 104 -24.35 -11.23 2.89
N MET G 105 -24.81 -11.21 4.13
CA MET G 105 -24.02 -11.78 5.19
C MET G 105 -24.01 -13.27 5.07
N VAL G 106 -25.05 -13.84 4.47
CA VAL G 106 -25.09 -15.28 4.36
C VAL G 106 -24.01 -15.67 3.40
N GLU G 107 -23.92 -14.93 2.31
CA GLU G 107 -22.93 -15.21 1.29
C GLU G 107 -21.54 -14.93 1.82
N GLN G 108 -21.38 -13.86 2.56
CA GLN G 108 -20.06 -13.56 3.05
C GLN G 108 -19.59 -14.58 4.04
N MET G 109 -20.46 -15.01 4.96
CA MET G 109 -20.00 -15.98 5.91
C MET G 109 -19.66 -17.26 5.19
N HIS G 110 -20.46 -17.62 4.19
CA HIS G 110 -20.24 -18.84 3.43
C HIS G 110 -18.87 -18.83 2.78
N GLU G 111 -18.53 -17.72 2.13
CA GLU G 111 -17.24 -17.66 1.48
C GLU G 111 -16.11 -17.70 2.48
N ASP G 112 -16.25 -17.02 3.61
CA ASP G 112 -15.16 -17.04 4.56
C ASP G 112 -15.00 -18.40 5.22
N ILE G 113 -16.09 -19.12 5.45
CA ILE G 113 -15.96 -20.45 6.02
C ILE G 113 -15.24 -21.36 5.08
N ILE G 114 -15.58 -21.33 3.81
CA ILE G 114 -14.89 -22.20 2.89
C ILE G 114 -13.44 -21.81 2.82
N SER G 115 -13.15 -20.52 2.74
CA SER G 115 -11.77 -20.10 2.65
C SER G 115 -10.99 -20.57 3.84
N LEU G 116 -11.54 -20.45 5.05
CA LEU G 116 -10.82 -20.89 6.22
C LEU G 116 -10.54 -22.36 6.15
N TRP G 117 -11.54 -23.14 5.79
CA TRP G 117 -11.37 -24.57 5.73
C TRP G 117 -10.23 -24.92 4.78
N ASP G 118 -10.28 -24.36 3.56
CA ASP G 118 -9.30 -24.71 2.56
C ASP G 118 -7.90 -24.31 2.98
N GLN G 119 -7.77 -23.16 3.64
CA GLN G 119 -6.48 -22.70 4.11
C GLN G 119 -5.96 -23.60 5.22
N SER G 120 -6.87 -24.06 6.05
CA SER G 120 -6.54 -24.87 7.20
C SER G 120 -6.00 -26.22 6.82
N LEU G 121 -6.39 -26.73 5.65
CA LEU G 121 -5.88 -28.01 5.20
C LEU G 121 -4.56 -27.93 4.46
N LYS G 122 -4.02 -26.74 4.26
CA LYS G 122 -2.79 -26.67 3.51
C LYS G 122 -1.54 -27.25 4.18
N PRO G 123 -1.19 -26.89 5.43
CA PRO G 123 0.05 -27.29 6.08
C PRO G 123 0.05 -28.69 6.68
N CYS G 124 -0.23 -29.73 5.86
CA CYS G 124 -0.27 -31.14 6.28
C CYS G 124 -0.25 -32.09 5.09
N VAL G 125 -0.42 -33.37 5.38
CA VAL G 125 -0.21 -34.50 4.49
C VAL G 125 -1.09 -34.63 3.27
N LYS G 126 -0.45 -34.92 2.14
CA LYS G 126 -1.16 -35.13 0.88
C LYS G 126 -1.19 -36.62 0.64
N LEU G 127 -2.28 -37.14 0.10
CA LEU G 127 -2.37 -38.57 -0.11
C LEU G 127 -2.26 -39.07 -1.55
N THR G 128 -1.80 -38.23 -2.47
CA THR G 128 -1.65 -38.66 -3.87
C THR G 128 -0.96 -40.03 -4.03
N PRO G 129 0.14 -40.35 -3.30
CA PRO G 129 0.88 -41.60 -3.39
C PRO G 129 0.04 -42.84 -3.08
N LEU G 130 -1.18 -42.67 -2.54
CA LEU G 130 -2.01 -43.83 -2.27
C LEU G 130 -2.87 -44.27 -3.48
N CYS G 131 -2.91 -43.49 -4.59
CA CYS G 131 -3.73 -43.77 -5.77
C CYS G 131 -3.09 -44.84 -6.64
N VAL G 132 -3.07 -46.03 -6.10
CA VAL G 132 -2.49 -47.20 -6.74
C VAL G 132 -3.52 -48.30 -6.73
N THR G 133 -3.30 -49.34 -7.50
CA THR G 133 -4.25 -50.42 -7.50
C THR G 133 -4.31 -51.07 -6.13
N LEU G 134 -5.52 -51.26 -5.60
CA LEU G 134 -5.71 -51.88 -4.31
C LEU G 134 -6.21 -53.33 -4.48
N ASN G 135 -5.82 -54.24 -3.53
CA ASN G 135 -6.23 -55.65 -3.49
C ASN G 135 -7.68 -55.89 -3.01
N CYS G 136 -8.11 -55.14 -1.95
CA CYS G 136 -9.41 -55.08 -1.26
C CYS G 136 -10.14 -56.43 -1.10
N THR G 137 -9.67 -57.24 -0.16
CA THR G 137 -10.30 -58.53 0.15
C THR G 137 -11.46 -58.25 1.09
N ASN G 138 -12.33 -59.21 1.32
CA ASN G 138 -13.40 -58.94 2.28
C ASN G 138 -12.79 -58.67 3.64
N ALA G 139 -13.27 -57.64 4.37
CA ALA G 139 -12.70 -57.40 5.70
C ALA G 139 -13.01 -58.56 6.63
N THR G 140 -12.05 -58.86 7.49
CA THR G 140 -12.16 -59.95 8.46
C THR G 140 -12.16 -59.43 9.88
N ALA G 141 -12.41 -58.13 10.04
CA ALA G 141 -12.39 -57.50 11.36
C ALA G 141 -13.42 -58.09 12.34
N SER G 142 -14.60 -58.53 11.87
CA SER G 142 -15.56 -59.10 12.80
C SER G 142 -15.25 -60.57 13.03
N ASN G 143 -15.84 -61.16 14.07
CA ASN G 143 -15.51 -62.54 14.43
C ASN G 143 -15.83 -63.57 13.36
N SER G 144 -16.87 -63.32 12.59
CA SER G 144 -17.27 -64.24 11.53
C SER G 144 -16.91 -63.72 10.14
N SER G 145 -16.14 -62.62 10.06
CA SER G 145 -15.79 -61.95 8.79
C SER G 145 -17.02 -61.58 7.96
N ILE G 146 -18.00 -60.97 8.63
CA ILE G 146 -19.27 -60.59 8.01
C ILE G 146 -19.68 -59.12 8.07
N ILE G 147 -18.75 -58.18 8.15
CA ILE G 147 -19.21 -56.79 8.24
C ILE G 147 -19.87 -56.36 6.94
N GLU G 148 -19.24 -56.70 5.83
CA GLU G 148 -19.70 -56.42 4.47
C GLU G 148 -19.83 -54.94 4.09
N GLY G 149 -19.36 -54.05 4.95
CA GLY G 149 -19.34 -52.63 4.69
C GLY G 149 -17.91 -52.13 4.55
N MET G 150 -16.97 -53.07 4.71
CA MET G 150 -15.55 -52.79 4.74
C MET G 150 -14.73 -53.77 3.93
N LYS G 151 -13.64 -53.26 3.37
CA LYS G 151 -12.67 -54.09 2.66
C LYS G 151 -11.29 -53.94 3.29
N ASN G 152 -10.48 -55.03 3.23
CA ASN G 152 -9.09 -55.08 3.67
C ASN G 152 -8.20 -54.94 2.43
N CYS G 153 -7.69 -53.72 2.20
CA CYS G 153 -7.00 -53.36 0.98
C CYS G 153 -5.51 -53.34 1.23
N SER G 154 -4.80 -54.05 0.38
CA SER G 154 -3.36 -54.06 0.47
C SER G 154 -2.84 -53.40 -0.78
N PHE G 155 -1.69 -52.78 -0.65
CA PHE G 155 -1.08 -52.07 -1.75
C PHE G 155 0.44 -51.91 -1.62
N ASN G 156 1.13 -51.69 -2.76
CA ASN G 156 2.58 -51.45 -2.84
C ASN G 156 2.85 -49.94 -2.84
N ILE G 157 3.40 -49.42 -1.72
CA ILE G 157 3.63 -47.99 -1.48
C ILE G 157 5.06 -47.64 -1.13
N THR G 158 5.54 -46.53 -1.68
CA THR G 158 6.88 -46.04 -1.37
C THR G 158 6.83 -45.51 0.04
N THR G 159 7.81 -45.90 0.85
CA THR G 159 7.86 -45.50 2.25
C THR G 159 8.52 -44.16 2.31
N GLU G 160 8.77 -43.64 3.50
CA GLU G 160 9.35 -42.32 3.57
C GLU G 160 10.74 -42.27 2.95
N LEU G 161 11.38 -43.43 2.83
CA LEU G 161 12.69 -43.50 2.24
C LEU G 161 12.46 -43.85 0.78
N ARG G 162 13.05 -43.09 -0.11
CA ARG G 162 12.87 -43.33 -1.52
C ARG G 162 13.62 -44.58 -1.88
N ASP G 163 13.19 -45.20 -2.99
CA ASP G 163 13.72 -46.44 -3.50
C ASP G 163 13.60 -47.61 -2.54
N LYS G 164 12.49 -47.62 -1.83
CA LYS G 164 12.15 -48.70 -0.93
C LYS G 164 10.65 -48.73 -0.89
N ARG G 165 10.07 -49.86 -1.25
CA ARG G 165 8.63 -49.98 -1.26
C ARG G 165 8.23 -51.16 -0.43
N GLU G 166 7.09 -51.04 0.20
CA GLU G 166 6.56 -52.10 1.04
C GLU G 166 5.10 -52.36 0.77
N LYS G 167 4.68 -53.58 1.07
CA LYS G 167 3.28 -53.91 0.99
C LYS G 167 2.65 -53.53 2.32
N LYS G 168 1.67 -52.65 2.24
CA LYS G 168 0.96 -52.14 3.41
C LYS G 168 -0.50 -52.43 3.25
N ASN G 169 -1.24 -52.38 4.34
CA ASN G 169 -2.67 -52.58 4.22
C ASN G 169 -3.46 -51.78 5.24
N ALA G 170 -4.73 -51.58 4.94
CA ALA G 170 -5.65 -50.89 5.81
C ALA G 170 -7.09 -51.25 5.50
N LEU G 171 -7.96 -51.03 6.48
CA LEU G 171 -9.38 -51.22 6.24
C LEU G 171 -9.98 -49.94 5.71
N PHE G 172 -10.85 -50.09 4.71
CA PHE G 172 -11.58 -48.99 4.09
C PHE G 172 -13.05 -49.25 3.98
N TYR G 173 -13.83 -48.18 4.02
CA TYR G 173 -15.27 -48.29 3.83
C TYR G 173 -15.56 -48.52 2.39
N LYS G 174 -16.57 -49.31 2.09
CA LYS G 174 -16.94 -49.54 0.71
C LYS G 174 -17.32 -48.26 -0.01
N LEU G 175 -17.87 -47.29 0.69
CA LEU G 175 -18.30 -46.05 0.07
C LEU G 175 -17.15 -45.21 -0.48
N ASP G 176 -15.92 -45.49 -0.02
CA ASP G 176 -14.75 -44.76 -0.48
C ASP G 176 -13.96 -45.55 -1.52
N ILE G 177 -14.46 -46.71 -1.93
CA ILE G 177 -13.73 -47.56 -2.86
C ILE G 177 -14.46 -47.84 -4.17
N VAL G 178 -13.76 -47.66 -5.27
CA VAL G 178 -14.33 -47.92 -6.59
C VAL G 178 -13.65 -49.07 -7.29
N GLN G 179 -14.46 -49.96 -7.85
CA GLN G 179 -13.93 -51.09 -8.58
C GLN G 179 -13.47 -50.63 -9.95
N LEU G 180 -12.24 -50.99 -10.31
CA LEU G 180 -11.65 -50.58 -11.59
C LEU G 180 -12.25 -51.22 -12.83
N ASP G 181 -12.69 -52.48 -12.75
CA ASP G 181 -13.29 -53.11 -13.92
C ASP G 181 -14.28 -54.19 -13.49
N GLY G 182 -14.94 -54.82 -14.45
CA GLY G 182 -15.89 -55.86 -14.10
C GLY G 182 -15.21 -57.15 -13.71
N ASN G 183 -15.81 -57.84 -12.74
CA ASN G 183 -15.32 -59.15 -12.32
C ASN G 183 -13.83 -59.14 -12.00
N SER G 184 -13.37 -58.10 -11.34
CA SER G 184 -11.96 -57.99 -11.05
C SER G 184 -11.69 -57.35 -9.71
N SER G 185 -10.88 -58.02 -8.89
CA SER G 185 -10.55 -57.50 -7.58
C SER G 185 -9.39 -56.51 -7.66
N GLN G 186 -9.66 -55.40 -8.32
CA GLN G 186 -8.73 -54.32 -8.54
C GLN G 186 -9.50 -53.05 -8.21
N TYR G 187 -9.07 -52.36 -7.20
CA TYR G 187 -9.79 -51.20 -6.69
C TYR G 187 -8.98 -49.92 -6.54
N ARG G 188 -9.69 -48.80 -6.47
CA ARG G 188 -9.05 -47.50 -6.29
C ARG G 188 -9.83 -46.62 -5.29
N LEU G 189 -9.17 -45.58 -4.79
CA LEU G 189 -9.85 -44.60 -3.96
C LEU G 189 -10.68 -43.78 -4.94
N ILE G 190 -11.76 -43.16 -4.49
CA ILE G 190 -12.62 -42.51 -5.48
C ILE G 190 -11.99 -41.27 -6.11
N ASN G 191 -11.52 -40.37 -5.29
CA ASN G 191 -11.01 -39.11 -5.83
C ASN G 191 -9.53 -39.10 -6.24
N CYS G 192 -9.21 -39.89 -7.29
CA CYS G 192 -7.87 -40.01 -7.88
C CYS G 192 -7.84 -39.64 -9.36
N ASN G 193 -9.00 -39.63 -10.02
CA ASN G 193 -8.96 -39.38 -11.45
C ASN G 193 -9.32 -37.92 -11.82
N THR G 194 -10.07 -37.21 -10.94
CA THR G 194 -10.53 -35.84 -11.17
C THR G 194 -9.80 -34.85 -10.30
N SER G 195 -9.25 -35.34 -9.21
CA SER G 195 -8.57 -34.50 -8.26
C SER G 195 -7.69 -35.31 -7.36
N ALA G 196 -7.29 -34.69 -6.25
CA ALA G 196 -6.39 -35.31 -5.29
C ALA G 196 -6.93 -35.11 -3.88
N ILE G 197 -6.59 -36.06 -3.03
CA ILE G 197 -7.04 -36.12 -1.66
C ILE G 197 -6.00 -35.62 -0.68
N THR G 198 -6.41 -34.71 0.21
CA THR G 198 -5.56 -34.15 1.25
C THR G 198 -6.01 -34.71 2.59
N GLN G 199 -5.08 -35.17 3.41
CA GLN G 199 -5.43 -35.71 4.71
C GLN G 199 -5.72 -34.60 5.66
N ALA G 200 -6.78 -34.73 6.44
CA ALA G 200 -7.08 -33.70 7.39
C ALA G 200 -5.89 -33.56 8.34
N CYS G 201 -5.57 -32.32 8.74
CA CYS G 201 -4.46 -32.00 9.63
C CYS G 201 -4.85 -32.53 11.04
N PRO G 202 -4.07 -33.45 11.62
CA PRO G 202 -4.35 -34.20 12.85
C PRO G 202 -4.44 -33.39 14.12
N LYS G 203 -3.91 -32.17 14.10
CA LYS G 203 -3.92 -31.36 15.29
C LYS G 203 -4.95 -30.25 15.22
N VAL G 204 -5.78 -30.22 14.18
CA VAL G 204 -6.71 -29.13 14.06
C VAL G 204 -8.15 -29.56 14.27
N SER G 205 -8.78 -28.96 15.26
CA SER G 205 -10.17 -29.20 15.52
C SER G 205 -11.03 -28.26 14.72
N PHE G 206 -12.12 -28.78 14.20
CA PHE G 206 -13.07 -27.99 13.46
C PHE G 206 -14.36 -27.80 14.25
N GLU G 207 -14.30 -28.10 15.55
CA GLU G 207 -15.46 -27.98 16.41
C GLU G 207 -16.10 -26.63 16.19
N PRO G 208 -17.41 -26.56 15.95
CA PRO G 208 -18.14 -25.35 15.65
C PRO G 208 -18.41 -24.50 16.87
N ILE G 209 -17.35 -23.97 17.43
CA ILE G 209 -17.44 -23.09 18.57
C ILE G 209 -18.09 -21.84 18.01
N PRO G 210 -18.98 -21.16 18.73
CA PRO G 210 -19.69 -20.03 18.23
C PRO G 210 -18.76 -18.88 17.96
N ILE G 211 -19.06 -18.16 16.89
CA ILE G 211 -18.32 -16.97 16.50
C ILE G 211 -19.27 -15.81 16.31
N HIS G 212 -18.77 -14.58 16.34
CA HIS G 212 -19.62 -13.42 16.16
C HIS G 212 -19.15 -12.58 14.99
N TYR G 213 -20.09 -12.06 14.19
CA TYR G 213 -19.67 -11.16 13.11
C TYR G 213 -19.92 -9.74 13.52
N CYS G 214 -18.91 -8.86 13.33
CA CYS G 214 -18.90 -7.48 13.79
C CYS G 214 -18.69 -6.49 12.65
N ALA G 215 -19.45 -5.39 12.70
CA ALA G 215 -19.31 -4.35 11.70
C ALA G 215 -18.05 -3.53 11.91
N PRO G 216 -17.42 -3.01 10.83
CA PRO G 216 -16.32 -2.07 10.82
C PRO G 216 -16.84 -0.69 11.12
N ALA G 217 -15.97 0.23 11.47
CA ALA G 217 -16.44 1.58 11.69
C ALA G 217 -17.08 2.14 10.44
N GLY G 218 -18.15 2.89 10.64
CA GLY G 218 -18.91 3.51 9.56
C GLY G 218 -20.14 2.68 9.25
N PHE G 219 -20.20 1.49 9.83
CA PHE G 219 -21.28 0.54 9.66
C PHE G 219 -21.89 0.11 10.97
N ALA G 220 -23.09 -0.38 10.88
CA ALA G 220 -23.78 -0.91 12.03
C ALA G 220 -24.64 -2.07 11.62
N ILE G 221 -24.97 -2.95 12.56
CA ILE G 221 -25.83 -4.05 12.22
C ILE G 221 -27.17 -3.87 12.88
N LEU G 222 -28.20 -3.90 12.08
CA LEU G 222 -29.51 -3.75 12.65
C LEU G 222 -30.03 -5.13 12.89
N LYS G 223 -30.73 -5.30 13.98
CA LYS G 223 -31.29 -6.58 14.32
C LYS G 223 -32.80 -6.46 14.47
N CYS G 224 -33.56 -7.45 13.97
CA CYS G 224 -35.01 -7.52 14.09
C CYS G 224 -35.37 -8.26 15.37
N ASN G 225 -36.19 -7.62 16.19
CA ASN G 225 -36.64 -8.21 17.46
C ASN G 225 -38.09 -8.74 17.45
N ASN G 226 -38.66 -8.97 16.25
CA ASN G 226 -40.00 -9.52 16.05
C ASN G 226 -39.94 -11.06 16.06
N LYS G 227 -40.51 -11.66 17.12
CA LYS G 227 -40.51 -13.11 17.41
C LYS G 227 -41.31 -13.88 16.37
N THR G 228 -42.15 -13.16 15.65
CA THR G 228 -43.01 -13.70 14.63
C THR G 228 -42.71 -13.03 13.32
N PHE G 229 -41.45 -12.63 13.09
CA PHE G 229 -41.07 -11.96 11.84
C PHE G 229 -41.51 -12.74 10.58
N THR G 230 -41.19 -14.03 10.53
CA THR G 230 -41.51 -15.00 9.44
C THR G 230 -40.81 -14.83 8.11
N GLY G 231 -40.21 -13.70 7.87
CA GLY G 231 -39.53 -13.55 6.60
C GLY G 231 -39.50 -12.14 6.10
N THR G 232 -39.10 -12.00 4.85
CA THR G 232 -38.92 -10.72 4.22
C THR G 232 -40.12 -9.80 4.38
N GLY G 233 -39.81 -8.59 4.82
CA GLY G 233 -40.80 -7.56 5.04
C GLY G 233 -40.34 -6.64 6.17
N PRO G 234 -41.17 -5.67 6.56
CA PRO G 234 -40.87 -4.71 7.59
C PRO G 234 -40.86 -5.39 8.93
N CYS G 235 -39.97 -4.92 9.82
CA CYS G 235 -39.84 -5.32 11.19
C CYS G 235 -40.11 -4.04 11.98
N ASN G 236 -41.07 -4.12 12.89
CA ASN G 236 -41.46 -2.93 13.65
C ASN G 236 -40.78 -2.71 15.02
N ASN G 237 -39.80 -3.55 15.37
CA ASN G 237 -39.01 -3.48 16.59
C ASN G 237 -37.56 -3.81 16.21
N VAL G 238 -36.71 -2.78 16.07
CA VAL G 238 -35.34 -2.86 15.57
C VAL G 238 -34.35 -2.33 16.58
N SER G 239 -33.25 -3.03 16.75
CA SER G 239 -32.21 -2.57 17.65
C SER G 239 -30.88 -2.60 16.94
N THR G 240 -29.93 -1.81 17.42
CA THR G 240 -28.62 -1.76 16.81
C THR G 240 -27.57 -2.41 17.66
N VAL G 241 -26.79 -3.24 17.02
CA VAL G 241 -25.69 -3.92 17.67
C VAL G 241 -24.44 -3.73 16.86
N GLN G 242 -23.30 -3.93 17.49
CA GLN G 242 -22.07 -3.89 16.70
C GLN G 242 -21.68 -5.30 16.17
N CYS G 243 -22.02 -6.36 16.95
CA CYS G 243 -21.72 -7.77 16.69
C CYS G 243 -23.01 -8.58 16.77
N THR G 244 -23.08 -9.64 15.96
CA THR G 244 -24.19 -10.58 15.97
C THR G 244 -24.05 -11.48 17.16
N HIS G 245 -25.07 -12.27 17.43
CA HIS G 245 -24.98 -13.23 18.50
C HIS G 245 -24.04 -14.30 18.05
N GLY G 246 -23.72 -15.23 18.94
CA GLY G 246 -22.80 -16.27 18.55
C GLY G 246 -23.48 -17.28 17.66
N ILE G 247 -22.85 -17.55 16.54
CA ILE G 247 -23.34 -18.51 15.58
C ILE G 247 -22.39 -19.66 15.45
N LYS G 248 -22.94 -20.86 15.57
CA LYS G 248 -22.12 -22.04 15.46
C LYS G 248 -22.10 -22.50 14.01
N PRO G 249 -20.95 -22.63 13.36
CA PRO G 249 -20.81 -23.02 11.97
C PRO G 249 -20.99 -24.53 11.81
N VAL G 250 -22.23 -24.96 12.03
CA VAL G 250 -22.68 -26.34 11.93
C VAL G 250 -22.90 -26.64 10.46
N VAL G 251 -22.54 -27.86 10.03
CA VAL G 251 -22.62 -28.27 8.63
C VAL G 251 -23.55 -29.43 8.27
N SER G 252 -24.68 -29.54 8.95
CA SER G 252 -25.65 -30.59 8.69
C SER G 252 -26.51 -30.37 7.46
N THR G 253 -27.29 -31.37 7.07
CA THR G 253 -28.21 -31.22 5.97
C THR G 253 -29.51 -31.86 6.36
N GLN G 254 -30.61 -31.46 5.73
CA GLN G 254 -31.98 -31.94 6.00
C GLN G 254 -32.47 -31.48 7.36
N LEU G 255 -31.79 -31.88 8.41
CA LEU G 255 -32.14 -31.40 9.72
C LEU G 255 -31.04 -30.49 10.21
N LEU G 256 -31.45 -29.38 10.79
CA LEU G 256 -30.52 -28.46 11.39
C LEU G 256 -30.21 -29.00 12.75
N LEU G 257 -28.99 -28.83 13.20
CA LEU G 257 -28.66 -29.29 14.52
C LEU G 257 -28.48 -28.08 15.42
N ASN G 258 -27.41 -28.01 16.26
CA ASN G 258 -27.24 -26.99 17.29
C ASN G 258 -27.38 -25.57 16.72
N GLY G 259 -28.24 -24.77 17.37
CA GLY G 259 -28.54 -23.40 16.98
C GLY G 259 -29.62 -22.88 17.88
N SER G 260 -30.07 -21.67 17.62
CA SER G 260 -31.11 -21.07 18.45
C SER G 260 -32.48 -21.62 18.08
N LEU G 261 -33.44 -21.46 18.98
CA LEU G 261 -34.84 -21.84 18.75
C LEU G 261 -35.70 -20.63 18.52
N ALA G 262 -36.81 -20.84 17.85
CA ALA G 262 -37.76 -19.76 17.64
C ALA G 262 -38.27 -19.31 18.99
N GLU G 263 -38.44 -18.00 19.16
CA GLU G 263 -38.94 -17.43 20.42
C GLU G 263 -40.46 -17.36 20.47
N GLY G 264 -41.07 -17.62 19.34
CA GLY G 264 -42.51 -17.60 19.17
C GLY G 264 -42.97 -19.01 18.94
N GLU G 265 -43.91 -19.17 18.03
CA GLU G 265 -44.47 -20.44 17.62
C GLU G 265 -43.59 -20.97 16.52
N ILE G 266 -43.88 -22.14 15.95
CA ILE G 266 -43.00 -22.63 14.91
C ILE G 266 -43.10 -21.67 13.75
N ILE G 267 -41.95 -21.23 13.26
CA ILE G 267 -41.93 -20.27 12.19
C ILE G 267 -41.54 -20.92 10.90
N ILE G 268 -42.36 -20.75 9.88
CA ILE G 268 -42.05 -21.33 8.60
C ILE G 268 -41.59 -20.22 7.69
N ARG G 269 -40.36 -20.30 7.21
CA ARG G 269 -39.84 -19.22 6.40
C ARG G 269 -39.50 -19.72 4.99
N SER G 270 -39.75 -18.89 4.00
CA SER G 270 -39.44 -19.26 2.63
C SER G 270 -39.29 -18.02 1.78
N GLU G 271 -38.68 -18.14 0.61
CA GLU G 271 -38.63 -16.99 -0.30
C GLU G 271 -40.04 -16.71 -0.80
N ASN G 272 -40.73 -17.79 -1.14
CA ASN G 272 -42.12 -17.78 -1.57
C ASN G 272 -42.69 -19.14 -1.28
N ILE G 273 -43.47 -19.25 -0.22
CA ILE G 273 -43.96 -20.55 0.18
C ILE G 273 -44.87 -21.16 -0.87
N THR G 274 -45.52 -20.32 -1.68
CA THR G 274 -46.45 -20.83 -2.67
C THR G 274 -45.79 -21.38 -3.92
N ASP G 275 -44.51 -21.11 -4.13
CA ASP G 275 -43.86 -21.63 -5.33
C ASP G 275 -43.12 -22.91 -4.99
N ASN G 276 -43.06 -23.84 -5.94
CA ASN G 276 -42.24 -24.98 -5.65
C ASN G 276 -40.84 -24.60 -6.08
N GLY G 277 -39.87 -25.47 -5.87
CA GLY G 277 -38.51 -25.15 -6.30
C GLY G 277 -37.80 -24.26 -5.28
N LYS G 278 -38.42 -24.07 -4.13
CA LYS G 278 -37.88 -23.20 -3.09
C LYS G 278 -37.67 -23.96 -1.81
N THR G 279 -36.67 -23.55 -1.05
CA THR G 279 -36.40 -24.14 0.24
C THR G 279 -37.34 -23.56 1.26
N ILE G 280 -37.90 -24.44 2.09
CA ILE G 280 -38.73 -24.03 3.20
C ILE G 280 -38.00 -24.34 4.49
N LEU G 281 -37.75 -23.34 5.29
CA LEU G 281 -37.03 -23.55 6.54
C LEU G 281 -38.01 -23.54 7.68
N VAL G 282 -38.10 -24.66 8.40
CA VAL G 282 -39.03 -24.70 9.51
C VAL G 282 -38.23 -24.58 10.76
N HIS G 283 -38.46 -23.51 11.49
CA HIS G 283 -37.70 -23.23 12.67
C HIS G 283 -38.53 -23.54 13.89
N LEU G 284 -38.09 -24.54 14.64
CA LEU G 284 -38.87 -25.02 15.75
C LEU G 284 -38.65 -24.13 16.96
N ASN G 285 -39.68 -24.03 17.84
CA ASN G 285 -39.62 -23.33 19.14
C ASN G 285 -39.28 -24.28 20.31
N GLU G 286 -39.10 -25.59 20.02
CA GLU G 286 -38.79 -26.69 20.93
C GLU G 286 -37.72 -27.50 20.25
N SER G 287 -36.74 -27.95 20.99
CA SER G 287 -35.72 -28.79 20.41
C SER G 287 -36.10 -30.25 20.44
N VAL G 288 -35.47 -31.04 19.56
CA VAL G 288 -35.62 -32.49 19.63
C VAL G 288 -34.26 -33.09 19.87
N LYS G 289 -34.14 -33.89 20.92
CA LYS G 289 -32.85 -34.48 21.24
C LYS G 289 -32.50 -35.60 20.30
N ILE G 290 -31.30 -35.57 19.75
CA ILE G 290 -30.84 -36.66 18.90
C ILE G 290 -29.51 -37.20 19.40
N GLU G 291 -29.45 -38.50 19.60
CA GLU G 291 -28.21 -39.15 20.04
C GLU G 291 -27.65 -40.05 18.94
N CYS G 292 -26.43 -39.80 18.45
CA CYS G 292 -25.81 -40.56 17.36
C CYS G 292 -24.52 -41.21 17.80
N THR G 293 -24.35 -42.44 17.40
CA THR G 293 -23.15 -43.14 17.82
C THR G 293 -22.62 -44.20 16.89
N ARG G 294 -21.36 -44.47 17.13
CA ARG G 294 -20.56 -45.51 16.52
C ARG G 294 -20.07 -46.43 17.62
N PRO G 295 -20.83 -47.47 17.96
CA PRO G 295 -20.62 -48.34 19.10
C PRO G 295 -19.56 -49.41 18.85
N ASN G 296 -18.37 -49.01 18.46
CA ASN G 296 -17.31 -49.98 18.24
C ASN G 296 -15.98 -49.30 18.51
N ASN G 297 -14.87 -50.06 18.53
CA ASN G 297 -13.53 -49.56 18.87
C ASN G 297 -12.55 -49.65 17.69
N LYS G 298 -12.13 -48.49 17.14
CA LYS G 298 -11.14 -48.46 16.05
C LYS G 298 -9.73 -48.36 16.62
N THR G 299 -8.78 -48.93 15.90
CA THR G 299 -7.38 -48.73 16.20
C THR G 299 -6.73 -48.27 14.92
N ARG G 300 -5.93 -47.23 15.05
CA ARG G 300 -5.28 -46.59 13.92
C ARG G 300 -3.90 -47.13 13.61
N THR G 301 -3.59 -47.25 12.33
CA THR G 301 -2.27 -47.67 11.86
C THR G 301 -1.65 -46.51 11.08
N SER G 302 -0.32 -46.44 11.08
CA SER G 302 0.36 -45.34 10.41
C SER G 302 1.36 -45.77 9.36
N ILE G 303 1.10 -45.33 8.15
CA ILE G 303 1.93 -45.63 7.00
C ILE G 303 2.75 -44.42 6.61
N ARG G 304 4.07 -44.53 6.72
CA ARG G 304 4.89 -43.38 6.44
C ARG G 304 4.87 -43.06 4.95
N ILE G 305 4.79 -41.76 4.64
CA ILE G 305 4.76 -41.26 3.27
C ILE G 305 6.05 -40.57 2.86
N GLY G 306 6.59 -39.75 3.75
CA GLY G 306 7.76 -38.95 3.43
C GLY G 306 8.24 -38.21 4.66
N PRO G 307 9.32 -37.45 4.58
CA PRO G 307 9.80 -36.69 5.70
C PRO G 307 8.65 -35.80 6.09
N GLY G 308 8.23 -35.81 7.34
CA GLY G 308 7.14 -34.95 7.76
C GLY G 308 5.74 -35.45 7.42
N GLN G 309 5.61 -36.62 6.77
CA GLN G 309 4.28 -37.09 6.39
C GLN G 309 3.99 -38.55 6.65
N ALA G 310 2.74 -38.83 7.05
CA ALA G 310 2.24 -40.18 7.23
C ALA G 310 0.76 -40.22 6.96
N PHE G 311 0.34 -41.36 6.44
CA PHE G 311 -1.04 -41.69 6.18
C PHE G 311 -1.64 -42.45 7.31
N TYR G 312 -2.77 -41.98 7.77
CA TYR G 312 -3.39 -42.68 8.86
C TYR G 312 -4.54 -43.47 8.34
N ALA G 313 -4.69 -44.68 8.81
CA ALA G 313 -5.75 -45.51 8.31
C ALA G 313 -6.26 -46.47 9.33
N THR G 314 -7.46 -46.98 9.11
CA THR G 314 -8.00 -47.93 10.03
C THR G 314 -7.13 -49.18 9.99
N GLY G 315 -6.67 -49.61 11.16
CA GLY G 315 -5.85 -50.79 11.25
C GLY G 315 -6.76 -51.98 11.45
N GLN G 316 -7.53 -51.89 12.52
CA GLN G 316 -8.46 -52.92 12.92
C GLN G 316 -9.69 -52.31 13.58
N VAL G 317 -10.80 -53.02 13.51
CA VAL G 317 -12.01 -52.59 14.20
C VAL G 317 -12.54 -53.72 15.05
N ILE G 318 -12.78 -53.47 16.33
CA ILE G 318 -13.32 -54.54 17.15
C ILE G 318 -14.71 -54.14 17.64
N GLY G 319 -15.61 -55.11 17.69
CA GLY G 319 -16.97 -54.83 18.11
C GLY G 319 -17.98 -55.60 17.25
N ASP G 320 -19.22 -55.14 17.30
CA ASP G 320 -20.33 -55.74 16.60
C ASP G 320 -20.46 -55.19 15.17
N ILE G 321 -21.55 -55.53 14.50
CA ILE G 321 -21.71 -55.20 13.09
C ILE G 321 -22.28 -53.81 12.75
N ARG G 322 -23.27 -53.31 13.47
CA ARG G 322 -23.78 -52.01 13.03
C ARG G 322 -22.67 -51.01 13.11
N GLU G 323 -22.46 -50.25 12.03
CA GLU G 323 -21.40 -49.28 12.07
C GLU G 323 -21.79 -48.07 12.88
N ALA G 324 -23.02 -47.62 12.69
CA ALA G 324 -23.49 -46.45 13.38
C ALA G 324 -25.00 -46.38 13.31
N TYR G 325 -25.58 -45.62 14.24
CA TYR G 325 -27.02 -45.35 14.23
C TYR G 325 -27.34 -44.08 15.03
N CYS G 326 -28.56 -43.51 14.83
CA CYS G 326 -29.09 -42.40 15.65
C CYS G 326 -30.40 -42.79 16.35
N ASN G 327 -30.48 -42.34 17.59
CA ASN G 327 -31.56 -42.51 18.57
C ASN G 327 -32.47 -41.25 18.63
N ILE G 328 -33.70 -41.30 18.06
CA ILE G 328 -34.68 -40.18 18.09
C ILE G 328 -35.95 -40.59 18.83
N SER G 329 -36.31 -39.88 19.91
CA SER G 329 -37.47 -40.30 20.68
C SER G 329 -38.69 -40.31 19.78
N GLU G 330 -39.49 -41.37 19.85
CA GLU G 330 -40.61 -41.47 18.94
C GLU G 330 -41.72 -40.51 19.25
N SER G 331 -42.06 -40.36 20.52
CA SER G 331 -43.18 -39.50 20.83
C SER G 331 -42.84 -38.06 20.59
N THR G 332 -41.58 -37.70 20.82
CA THR G 332 -41.17 -36.33 20.64
C THR G 332 -41.23 -36.00 19.18
N TRP G 333 -40.72 -36.90 18.36
CA TRP G 333 -40.73 -36.64 16.94
C TRP G 333 -42.12 -36.55 16.39
N ASN G 334 -43.01 -37.47 16.76
CA ASN G 334 -44.34 -37.40 16.20
C ASN G 334 -45.07 -36.16 16.67
N GLU G 335 -44.84 -35.74 17.91
CA GLU G 335 -45.51 -34.57 18.40
C GLU G 335 -44.96 -33.34 17.70
N THR G 336 -43.65 -33.33 17.45
CA THR G 336 -43.02 -32.22 16.78
C THR G 336 -43.59 -32.06 15.40
N LEU G 337 -43.73 -33.16 14.65
CA LEU G 337 -44.29 -32.98 13.33
C LEU G 337 -45.72 -32.54 13.42
N GLY G 338 -46.48 -33.04 14.39
CA GLY G 338 -47.85 -32.59 14.46
C GLY G 338 -47.90 -31.07 14.62
N LYS G 339 -47.03 -30.51 15.46
CA LYS G 339 -47.00 -29.07 15.64
C LYS G 339 -46.59 -28.35 14.34
N VAL G 340 -45.63 -28.93 13.60
CA VAL G 340 -45.22 -28.33 12.34
C VAL G 340 -46.35 -28.31 11.37
N VAL G 341 -47.09 -29.40 11.29
CA VAL G 341 -48.21 -29.48 10.38
C VAL G 341 -49.29 -28.49 10.78
N LYS G 342 -49.59 -28.35 12.06
CA LYS G 342 -50.62 -27.38 12.42
C LYS G 342 -50.27 -26.01 11.86
N GLN G 343 -48.99 -25.63 11.90
CA GLN G 343 -48.61 -24.35 11.32
C GLN G 343 -48.51 -24.42 9.80
N LEU G 344 -48.12 -25.54 9.24
CA LEU G 344 -47.97 -25.68 7.81
C LEU G 344 -49.32 -25.49 7.12
N ARG G 345 -50.36 -25.98 7.78
CA ARG G 345 -51.72 -25.91 7.29
C ARG G 345 -52.26 -24.49 7.14
N LYS G 346 -51.61 -23.48 7.73
CA LYS G 346 -52.13 -22.14 7.58
C LYS G 346 -51.74 -21.59 6.21
N HIS G 347 -50.78 -22.26 5.56
CA HIS G 347 -50.34 -21.85 4.23
C HIS G 347 -50.86 -22.86 3.23
N PHE G 348 -51.09 -24.07 3.73
CA PHE G 348 -51.56 -25.19 2.96
C PHE G 348 -52.77 -25.87 3.59
N PRO G 349 -53.98 -25.30 3.48
CA PRO G 349 -55.22 -25.71 4.11
C PRO G 349 -55.70 -27.14 3.79
N HIS G 350 -55.20 -27.73 2.71
CA HIS G 350 -55.64 -29.07 2.31
C HIS G 350 -55.19 -30.10 3.36
N LYS G 351 -56.07 -31.03 3.69
CA LYS G 351 -55.76 -32.09 4.64
C LYS G 351 -54.96 -33.19 4.00
N ASN G 352 -54.49 -34.12 4.83
CA ASN G 352 -53.72 -35.27 4.36
C ASN G 352 -52.42 -34.89 3.69
N ILE G 353 -51.72 -33.95 4.30
CA ILE G 353 -50.39 -33.53 3.91
C ILE G 353 -49.49 -34.69 4.19
N THR G 354 -48.60 -35.03 3.26
CA THR G 354 -47.74 -36.17 3.52
C THR G 354 -46.27 -35.82 3.51
N PHE G 355 -45.51 -36.73 4.13
CA PHE G 355 -44.06 -36.66 4.12
C PHE G 355 -43.49 -37.91 3.47
N GLN G 356 -42.45 -37.69 2.69
CA GLN G 356 -41.74 -38.75 2.00
C GLN G 356 -40.24 -38.76 2.25
N PRO G 357 -39.58 -39.91 2.12
CA PRO G 357 -38.17 -40.15 2.37
C PRO G 357 -37.17 -39.65 1.35
N SER G 358 -37.16 -38.33 1.19
CA SER G 358 -36.21 -37.56 0.38
C SER G 358 -36.06 -37.83 -1.11
N SER G 359 -37.12 -38.24 -1.81
CA SER G 359 -36.97 -38.43 -3.25
C SER G 359 -35.84 -39.41 -3.62
N GLY G 360 -34.69 -38.86 -3.98
CA GLY G 360 -33.55 -39.63 -4.41
C GLY G 360 -32.41 -38.68 -4.75
N GLY G 361 -31.25 -39.26 -5.05
CA GLY G 361 -30.06 -38.49 -5.33
C GLY G 361 -28.91 -39.24 -4.69
N ASP G 362 -27.76 -38.61 -4.57
CA ASP G 362 -26.59 -39.28 -4.00
C ASP G 362 -26.48 -39.16 -2.48
N LEU G 363 -25.42 -39.75 -1.91
CA LEU G 363 -25.26 -39.80 -0.46
C LEU G 363 -24.55 -38.57 0.07
N GLU G 364 -25.21 -37.45 -0.15
CA GLU G 364 -24.81 -36.13 0.26
C GLU G 364 -26.11 -35.35 0.37
N VAL G 365 -27.12 -35.87 -0.33
CA VAL G 365 -28.41 -35.23 -0.44
C VAL G 365 -29.53 -35.99 0.24
N THR G 366 -29.59 -37.30 0.02
CA THR G 366 -30.70 -38.11 0.49
C THR G 366 -30.62 -38.43 1.97
N THR G 367 -29.46 -38.29 2.57
CA THR G 367 -29.28 -38.57 3.98
C THR G 367 -28.91 -37.36 4.74
N HIS G 368 -28.83 -37.55 6.03
CA HIS G 368 -28.41 -36.55 6.97
C HIS G 368 -26.89 -36.44 6.77
N SER G 369 -26.24 -35.56 7.51
CA SER G 369 -24.80 -35.39 7.47
C SER G 369 -24.29 -34.86 8.81
N PHE G 370 -23.42 -35.62 9.47
CA PHE G 370 -22.91 -35.17 10.76
C PHE G 370 -21.40 -35.22 10.87
N ASN G 371 -20.80 -34.13 11.27
CA ASN G 371 -19.38 -34.13 11.57
C ASN G 371 -19.20 -34.42 13.06
N CYS G 372 -19.29 -35.72 13.44
CA CYS G 372 -19.30 -36.21 14.82
C CYS G 372 -17.88 -36.54 15.23
N GLY G 373 -17.28 -35.68 16.02
CA GLY G 373 -15.88 -35.84 16.29
C GLY G 373 -15.21 -35.72 14.94
N GLY G 374 -14.39 -36.69 14.58
CA GLY G 374 -13.70 -36.68 13.28
C GLY G 374 -14.36 -37.58 12.23
N GLU G 375 -15.53 -38.14 12.55
CA GLU G 375 -16.19 -39.07 11.64
C GLU G 375 -17.38 -38.42 10.95
N PHE G 376 -17.58 -38.76 9.69
CA PHE G 376 -18.70 -38.21 8.95
C PHE G 376 -19.80 -39.22 8.73
N PHE G 377 -20.92 -38.99 9.40
CA PHE G 377 -22.04 -39.91 9.35
C PHE G 377 -23.04 -39.47 8.30
N TYR G 378 -23.60 -40.45 7.61
CA TYR G 378 -24.64 -40.27 6.60
C TYR G 378 -25.84 -41.15 6.95
N CYS G 379 -26.76 -40.61 7.78
CA CYS G 379 -27.88 -41.30 8.41
C CYS G 379 -29.15 -41.27 7.55
N ASN G 380 -29.81 -42.41 7.51
CA ASN G 380 -31.03 -42.59 6.75
C ASN G 380 -32.25 -42.11 7.53
N THR G 381 -32.84 -41.01 7.05
CA THR G 381 -33.94 -40.29 7.67
C THR G 381 -35.30 -40.69 7.14
N SER G 382 -35.34 -41.78 6.37
CA SER G 382 -36.60 -42.29 5.82
C SER G 382 -37.51 -42.80 6.91
N GLY G 383 -36.95 -43.04 8.08
CA GLY G 383 -37.70 -43.51 9.23
C GLY G 383 -38.44 -42.37 9.91
N LEU G 384 -38.14 -41.13 9.51
CA LEU G 384 -38.78 -39.98 10.10
C LEU G 384 -39.79 -39.41 9.14
N PHE G 385 -39.38 -39.25 7.90
CA PHE G 385 -40.23 -38.63 6.91
C PHE G 385 -41.10 -39.58 6.10
N ASN G 386 -42.02 -40.25 6.81
CA ASN G 386 -43.00 -41.20 6.28
C ASN G 386 -44.30 -41.09 7.08
N SER G 387 -45.24 -40.21 6.62
CA SER G 387 -46.52 -39.96 7.31
C SER G 387 -47.56 -39.29 6.44
N THR G 388 -48.83 -39.42 6.86
CA THR G 388 -49.97 -38.70 6.29
C THR G 388 -50.72 -38.05 7.45
N TRP G 389 -51.06 -36.74 7.33
CA TRP G 389 -51.74 -35.96 8.36
C TRP G 389 -53.15 -35.56 7.88
N ASP G 405 -39.42 -47.19 22.37
CA ASP G 405 -39.66 -45.78 22.69
C ASP G 405 -38.99 -44.77 21.72
N SER G 406 -38.11 -45.24 20.80
CA SER G 406 -37.36 -44.39 19.85
C SER G 406 -37.18 -45.02 18.47
N ILE G 407 -36.93 -44.13 17.51
CA ILE G 407 -36.73 -44.39 16.10
C ILE G 407 -35.27 -44.58 15.80
N THR G 408 -34.92 -45.63 15.07
CA THR G 408 -33.52 -45.88 14.77
C THR G 408 -33.20 -45.40 13.38
N LEU G 409 -32.20 -44.55 13.25
CA LEU G 409 -31.77 -44.18 11.93
C LEU G 409 -30.49 -44.97 11.71
N PRO G 410 -30.39 -45.90 10.77
CA PRO G 410 -29.16 -46.61 10.54
C PRO G 410 -28.26 -45.57 9.92
N CYS G 411 -26.94 -45.61 10.16
CA CYS G 411 -25.98 -44.63 9.63
C CYS G 411 -24.77 -45.27 8.96
N ARG G 412 -24.33 -44.67 7.87
CA ARG G 412 -23.12 -45.11 7.19
C ARG G 412 -22.03 -44.11 7.46
N ILE G 413 -20.79 -44.52 7.33
CA ILE G 413 -19.67 -43.61 7.53
C ILE G 413 -18.72 -43.57 6.35
N LYS G 414 -18.24 -42.37 6.02
CA LYS G 414 -17.26 -42.22 4.94
C LYS G 414 -16.00 -41.56 5.44
N GLN G 415 -14.87 -41.86 4.82
CA GLN G 415 -13.64 -41.15 5.14
C GLN G 415 -13.21 -40.15 4.07
N ILE G 416 -13.64 -40.30 2.81
CA ILE G 416 -13.21 -39.31 1.83
C ILE G 416 -14.39 -38.39 1.67
N ILE G 417 -14.19 -37.17 2.10
CA ILE G 417 -15.25 -36.23 2.19
C ILE G 417 -15.08 -35.15 1.15
N ASN G 418 -16.13 -34.88 0.41
CA ASN G 418 -16.06 -33.81 -0.55
C ASN G 418 -16.36 -32.55 0.21
N MET G 419 -15.63 -31.49 -0.05
CA MET G 419 -15.90 -30.24 0.63
C MET G 419 -16.98 -29.49 -0.09
N TRP G 420 -18.06 -29.22 0.65
CA TRP G 420 -19.21 -28.54 0.11
C TRP G 420 -19.59 -29.18 -1.20
N GLN G 421 -19.64 -28.39 -2.25
CA GLN G 421 -19.99 -28.87 -3.57
C GLN G 421 -18.91 -28.46 -4.54
N GLU G 422 -17.69 -28.42 -4.04
CA GLU G 422 -16.54 -28.07 -4.82
C GLU G 422 -16.13 -29.27 -5.62
N VAL G 423 -15.43 -29.03 -6.71
CA VAL G 423 -14.91 -30.15 -7.47
C VAL G 423 -13.50 -30.39 -7.00
N GLY G 424 -13.24 -31.61 -6.55
CA GLY G 424 -11.94 -31.90 -6.00
C GLY G 424 -11.92 -31.37 -4.59
N ARG G 425 -10.74 -31.04 -4.09
CA ARG G 425 -10.56 -30.61 -2.72
C ARG G 425 -11.09 -31.66 -1.77
N ALA G 426 -10.84 -32.92 -2.10
CA ALA G 426 -11.30 -34.00 -1.27
C ALA G 426 -10.46 -34.03 -0.03
N MET G 427 -11.10 -34.35 1.08
CA MET G 427 -10.40 -34.46 2.33
C MET G 427 -10.49 -35.87 2.86
N TYR G 428 -9.42 -36.36 3.42
CA TYR G 428 -9.48 -37.67 4.05
C TYR G 428 -9.52 -37.54 5.55
N ALA G 429 -10.51 -38.15 6.15
CA ALA G 429 -10.69 -38.13 7.59
C ALA G 429 -10.05 -39.36 8.23
N PRO G 430 -8.99 -39.23 9.06
CA PRO G 430 -8.32 -40.31 9.74
C PRO G 430 -9.38 -40.92 10.61
N PRO G 431 -9.27 -42.19 10.96
CA PRO G 431 -10.20 -42.87 11.82
C PRO G 431 -10.05 -42.34 13.21
N ILE G 432 -11.13 -42.35 13.97
CA ILE G 432 -11.00 -41.96 15.36
C ILE G 432 -11.00 -43.16 16.28
N GLN G 433 -9.90 -43.29 17.01
CA GLN G 433 -9.66 -44.42 17.89
C GLN G 433 -10.70 -44.55 18.97
N GLY G 434 -11.06 -45.80 19.27
CA GLY G 434 -12.04 -46.06 20.30
C GLY G 434 -13.44 -45.88 19.75
N ASN G 435 -14.43 -45.65 20.66
CA ASN G 435 -15.86 -45.51 20.39
C ASN G 435 -16.28 -44.04 20.51
N ILE G 436 -17.35 -43.63 19.78
CA ILE G 436 -17.86 -42.23 19.82
C ILE G 436 -19.37 -42.06 19.88
N THR G 437 -19.81 -41.13 20.72
CA THR G 437 -21.21 -40.72 20.79
C THR G 437 -21.29 -39.19 20.78
N CYS G 438 -22.22 -38.63 19.96
CA CYS G 438 -22.53 -37.20 19.87
C CYS G 438 -23.99 -37.02 20.21
N VAL G 439 -24.27 -35.99 20.99
CA VAL G 439 -25.64 -35.65 21.31
C VAL G 439 -25.87 -34.23 20.90
N SER G 440 -26.90 -34.00 20.13
CA SER G 440 -27.17 -32.66 19.64
C SER G 440 -28.66 -32.32 19.65
N ASN G 441 -28.96 -31.02 19.48
CA ASN G 441 -30.31 -30.46 19.48
C ASN G 441 -30.80 -30.17 18.05
N ILE G 442 -31.89 -30.83 17.59
CA ILE G 442 -32.48 -30.55 16.26
C ILE G 442 -33.29 -29.28 16.44
N THR G 443 -33.03 -28.29 15.61
CA THR G 443 -33.70 -26.99 15.74
C THR G 443 -34.63 -26.69 14.59
N GLY G 444 -34.60 -27.49 13.56
CA GLY G 444 -35.42 -27.21 12.41
C GLY G 444 -35.22 -28.16 11.27
N LEU G 445 -36.17 -28.11 10.39
CA LEU G 445 -36.20 -28.97 9.22
C LEU G 445 -36.02 -28.18 7.95
N ILE G 446 -35.34 -28.77 6.98
CA ILE G 446 -35.25 -28.13 5.69
C ILE G 446 -36.05 -28.94 4.72
N LEU G 447 -37.15 -28.37 4.26
CA LEU G 447 -38.06 -29.09 3.40
C LEU G 447 -38.21 -28.47 2.03
N THR G 448 -38.53 -29.30 1.07
CA THR G 448 -38.90 -28.79 -0.24
C THR G 448 -40.31 -29.31 -0.48
N ARG G 449 -41.01 -28.71 -1.43
CA ARG G 449 -42.38 -29.11 -1.69
C ARG G 449 -42.60 -29.50 -3.16
N ASP G 450 -43.52 -30.47 -3.40
CA ASP G 450 -43.96 -30.90 -4.71
C ASP G 450 -45.41 -31.39 -4.64
N ASN G 455 -55.51 -31.29 -4.80
CA ASN G 455 -54.88 -32.49 -4.26
C ASN G 455 -54.05 -32.06 -3.05
N THR G 456 -53.39 -33.04 -2.37
CA THR G 456 -52.57 -32.84 -1.17
C THR G 456 -51.18 -32.36 -1.54
N GLU G 457 -50.47 -31.85 -0.55
CA GLU G 457 -49.09 -31.42 -0.74
C GLU G 457 -48.14 -32.48 -0.24
N THR G 458 -46.99 -32.63 -0.91
CA THR G 458 -45.97 -33.57 -0.46
C THR G 458 -44.71 -32.85 -0.05
N PHE G 459 -44.23 -33.16 1.14
CA PHE G 459 -43.02 -32.56 1.65
C PHE G 459 -41.91 -33.57 1.78
N ARG G 460 -40.72 -33.14 1.42
CA ARG G 460 -39.55 -33.99 1.50
C ARG G 460 -38.38 -33.22 2.09
N PRO G 461 -37.50 -33.86 2.86
CA PRO G 461 -36.25 -33.31 3.30
C PRO G 461 -35.43 -32.98 2.09
N GLY G 462 -34.69 -31.90 2.19
CA GLY G 462 -33.81 -31.49 1.11
C GLY G 462 -32.88 -30.41 1.61
N GLY G 463 -32.50 -29.50 0.72
CA GLY G 463 -31.63 -28.43 1.12
C GLY G 463 -30.78 -27.89 0.00
N GLY G 464 -30.22 -26.72 0.25
CA GLY G 464 -29.36 -26.03 -0.69
C GLY G 464 -27.92 -26.27 -0.30
N ASP G 465 -27.02 -25.53 -0.92
CA ASP G 465 -25.62 -25.71 -0.68
C ASP G 465 -25.11 -24.93 0.52
N MET G 466 -25.51 -25.39 1.70
CA MET G 466 -25.15 -24.81 3.00
C MET G 466 -25.63 -23.43 3.36
N ARG G 467 -25.72 -22.53 2.40
CA ARG G 467 -26.17 -21.19 2.69
C ARG G 467 -27.51 -21.24 3.42
N ASP G 468 -28.38 -22.17 3.03
CA ASP G 468 -29.68 -22.27 3.65
C ASP G 468 -29.62 -22.61 5.14
N ASN G 469 -28.54 -23.22 5.63
CA ASN G 469 -28.50 -23.47 7.05
C ASN G 469 -28.13 -22.20 7.75
N TRP G 470 -27.23 -21.47 7.13
CA TRP G 470 -26.72 -20.25 7.73
C TRP G 470 -27.75 -19.13 7.73
N ARG G 471 -28.69 -19.21 6.79
CA ARG G 471 -29.78 -18.27 6.72
C ARG G 471 -30.65 -18.37 7.96
N SER G 472 -30.62 -19.50 8.68
CA SER G 472 -31.47 -19.67 9.84
C SER G 472 -30.97 -18.89 11.06
N GLU G 473 -29.72 -18.43 11.05
CA GLU G 473 -29.25 -17.64 12.19
C GLU G 473 -29.11 -16.16 11.81
N LEU G 474 -28.81 -15.89 10.55
CA LEU G 474 -28.57 -14.53 10.11
C LEU G 474 -29.82 -13.81 9.62
N TYR G 475 -30.97 -14.47 9.70
CA TYR G 475 -32.22 -13.93 9.19
C TYR G 475 -32.67 -12.65 9.84
N LYS G 476 -32.24 -12.42 11.05
CA LYS G 476 -32.67 -11.26 11.79
C LYS G 476 -31.68 -10.12 11.71
N TYR G 477 -30.60 -10.26 10.94
CA TYR G 477 -29.64 -9.16 10.93
C TYR G 477 -29.48 -8.52 9.56
N LYS G 478 -29.24 -7.21 9.56
CA LYS G 478 -28.98 -6.45 8.34
C LYS G 478 -27.80 -5.49 8.48
N VAL G 479 -27.00 -5.32 7.44
CA VAL G 479 -25.90 -4.35 7.52
C VAL G 479 -26.24 -3.03 6.85
N VAL G 480 -26.02 -1.94 7.57
CA VAL G 480 -26.29 -0.64 6.99
C VAL G 480 -25.09 0.28 7.13
N LYS G 481 -24.96 1.18 6.17
CA LYS G 481 -23.92 2.19 6.15
C LYS G 481 -24.44 3.44 6.77
N ILE G 482 -23.64 4.04 7.62
CA ILE G 482 -24.03 5.27 8.28
C ILE G 482 -23.72 6.43 7.36
N GLU G 483 -24.69 7.32 7.19
CA GLU G 483 -24.55 8.49 6.32
C GLU G 483 -24.78 9.81 7.08
N PRO G 484 -23.77 10.35 7.77
CA PRO G 484 -23.80 11.51 8.64
C PRO G 484 -24.18 12.85 8.04
N LEU G 485 -24.13 13.01 6.72
CA LEU G 485 -24.48 14.31 6.15
C LEU G 485 -25.88 14.43 5.62
N GLY G 486 -26.41 15.62 5.77
CA GLY G 486 -27.70 15.97 5.20
C GLY G 486 -27.95 17.45 5.40
N VAL G 487 -29.05 17.93 4.85
CA VAL G 487 -29.37 19.34 4.95
C VAL G 487 -30.80 19.54 5.38
N ALA G 488 -31.12 20.71 5.92
CA ALA G 488 -32.50 21.02 6.28
C ALA G 488 -32.72 22.53 6.31
N PRO G 489 -33.93 23.05 6.05
CA PRO G 489 -34.21 24.47 6.15
C PRO G 489 -34.18 24.96 7.58
N THR G 490 -33.62 26.13 7.79
CA THR G 490 -33.61 26.80 9.10
C THR G 490 -33.91 28.29 8.97
N ALA G 491 -34.15 28.97 10.09
CA ALA G 491 -34.44 30.40 10.03
C ALA G 491 -33.21 31.34 10.01
N CYS G 492 -31.97 30.81 10.11
CA CYS G 492 -30.76 31.62 10.20
C CYS G 492 -29.94 31.60 8.92
N LYS G 493 -29.67 32.78 8.41
CA LYS G 493 -28.83 32.96 7.22
C LYS G 493 -27.42 33.15 7.74
N ARG G 494 -26.38 32.82 6.94
CA ARG G 494 -24.98 33.09 7.27
C ARG G 494 -24.76 34.61 7.36
N GLY H 10 -24.48 5.68 22.69
CA GLY H 10 -25.84 5.85 22.21
C GLY H 10 -25.93 6.18 20.71
N PHE H 11 -25.11 5.49 19.89
CA PHE H 11 -25.00 5.64 18.43
C PHE H 11 -26.33 5.28 17.78
N LEU H 12 -26.85 6.17 16.95
CA LEU H 12 -28.18 6.04 16.35
C LEU H 12 -29.30 6.00 17.38
N GLY H 13 -29.04 6.35 18.64
CA GLY H 13 -30.08 6.32 19.64
C GLY H 13 -31.21 7.25 19.29
N ALA H 14 -30.87 8.35 18.65
CA ALA H 14 -31.82 9.37 18.25
C ALA H 14 -32.43 9.09 16.89
N ALA H 15 -32.16 7.95 16.28
CA ALA H 15 -32.66 7.70 14.94
C ALA H 15 -34.18 7.86 14.85
N GLY H 16 -34.91 7.48 15.88
CA GLY H 16 -36.37 7.62 15.84
C GLY H 16 -36.86 8.94 16.43
N SER H 17 -35.94 9.81 16.84
CA SER H 17 -36.29 11.06 17.47
C SER H 17 -36.53 12.09 16.41
N THR H 18 -37.12 13.21 16.76
CA THR H 18 -37.38 14.19 15.75
C THR H 18 -36.09 14.81 15.30
N MET H 19 -36.14 15.46 14.16
CA MET H 19 -34.94 16.07 13.62
C MET H 19 -34.32 17.06 14.56
N GLY H 20 -35.16 17.85 15.22
CA GLY H 20 -34.69 18.82 16.16
C GLY H 20 -34.02 18.15 17.34
N ALA H 21 -34.70 17.17 17.94
CA ALA H 21 -34.15 16.51 19.12
C ALA H 21 -32.83 15.82 18.85
N ALA H 22 -32.70 15.27 17.66
CA ALA H 22 -31.54 14.50 17.23
C ALA H 22 -30.32 15.37 17.05
N SER H 23 -30.48 16.68 17.00
CA SER H 23 -29.36 17.56 16.80
C SER H 23 -28.45 17.57 18.03
N MET H 24 -28.93 17.03 19.15
CA MET H 24 -28.08 17.03 20.31
C MET H 24 -27.19 15.79 20.39
N THR H 25 -27.28 14.89 19.41
CA THR H 25 -26.48 13.68 19.42
C THR H 25 -25.50 13.62 18.27
N LEU H 26 -25.27 14.77 17.62
CA LEU H 26 -24.40 14.81 16.46
C LEU H 26 -22.97 14.40 16.81
N THR H 27 -22.51 14.73 18.02
CA THR H 27 -21.16 14.41 18.42
C THR H 27 -20.98 12.92 18.62
N VAL H 28 -22.03 12.27 19.10
CA VAL H 28 -22.01 10.85 19.37
C VAL H 28 -21.96 10.08 18.09
N GLN H 29 -22.77 10.52 17.15
CA GLN H 29 -22.83 9.84 15.90
C GLN H 29 -21.51 10.01 15.13
N ALA H 30 -20.89 11.20 15.22
CA ALA H 30 -19.65 11.51 14.53
C ALA H 30 -18.38 10.89 15.14
N ARG H 31 -18.32 10.77 16.45
CA ARG H 31 -17.10 10.31 17.12
C ARG H 31 -16.87 8.83 16.94
N ASN H 32 -17.85 8.12 16.40
CA ASN H 32 -17.74 6.70 16.18
C ASN H 32 -17.50 6.35 14.71
N LEU H 33 -17.14 7.34 13.89
CA LEU H 33 -16.87 7.06 12.49
C LEU H 33 -15.44 6.59 12.25
N LEU H 34 -14.50 6.95 13.12
CA LEU H 34 -13.12 6.50 12.97
C LEU H 34 -12.81 5.46 14.02
N SER H 35 -12.90 4.19 13.64
CA SER H 35 -12.67 3.03 14.53
C SER H 35 -13.63 2.88 15.74
N GLY H 36 -13.64 3.89 16.62
CA GLY H 36 -14.43 3.99 17.84
C GLY H 36 -13.79 5.05 18.72
N ASP H 57 -2.95 -15.73 5.84
CA ASP H 57 -2.85 -14.43 6.49
C ASP H 57 -2.81 -13.24 5.51
N THR H 58 -2.23 -13.42 4.29
CA THR H 58 -2.06 -12.36 3.28
C THR H 58 -3.37 -11.82 2.76
N HIS H 59 -4.31 -12.69 2.42
CA HIS H 59 -5.56 -12.20 1.88
C HIS H 59 -6.39 -11.57 2.96
N TRP H 60 -6.30 -12.11 4.16
CA TRP H 60 -7.04 -11.58 5.28
C TRP H 60 -6.51 -10.16 5.56
N GLY H 61 -5.18 -10.03 5.58
CA GLY H 61 -4.54 -8.74 5.82
C GLY H 61 -4.95 -7.73 4.78
N ILE H 62 -5.08 -8.15 3.51
CA ILE H 62 -5.52 -7.21 2.50
C ILE H 62 -6.95 -6.81 2.74
N LYS H 63 -7.84 -7.75 3.05
CA LYS H 63 -9.22 -7.33 3.28
C LYS H 63 -9.31 -6.33 4.42
N GLN H 64 -8.55 -6.54 5.50
CA GLN H 64 -8.66 -5.61 6.60
C GLN H 64 -8.04 -4.27 6.28
N LEU H 65 -6.94 -4.24 5.52
CA LEU H 65 -6.40 -2.95 5.14
C LEU H 65 -7.37 -2.25 4.24
N GLN H 66 -8.04 -2.95 3.34
CA GLN H 66 -8.97 -2.26 2.49
C GLN H 66 -10.10 -1.68 3.30
N ALA H 67 -10.59 -2.41 4.29
CA ALA H 67 -11.67 -1.89 5.11
C ALA H 67 -11.25 -0.65 5.87
N ARG H 68 -10.03 -0.66 6.42
CA ARG H 68 -9.59 0.50 7.18
C ARG H 68 -9.33 1.69 6.28
N VAL H 69 -8.74 1.45 5.12
CA VAL H 69 -8.43 2.54 4.23
C VAL H 69 -9.71 3.17 3.75
N LEU H 70 -10.70 2.38 3.38
CA LEU H 70 -11.93 2.98 2.94
C LEU H 70 -12.61 3.73 4.07
N ALA H 71 -12.57 3.22 5.30
CA ALA H 71 -13.21 3.99 6.34
C ALA H 71 -12.58 5.38 6.43
N VAL H 72 -11.26 5.44 6.27
CA VAL H 72 -10.58 6.71 6.26
C VAL H 72 -11.00 7.55 5.07
N GLU H 73 -11.06 6.96 3.89
CA GLU H 73 -11.44 7.76 2.75
C GLU H 73 -12.84 8.31 2.90
N HIS H 74 -13.77 7.55 3.44
CA HIS H 74 -15.12 8.07 3.57
C HIS H 74 -15.14 9.23 4.54
N TYR H 75 -14.40 9.10 5.63
CA TYR H 75 -14.33 10.18 6.59
C TYR H 75 -13.80 11.43 5.92
N LEU H 76 -12.70 11.28 5.20
CA LEU H 76 -12.11 12.43 4.58
C LEU H 76 -12.97 13.01 3.50
N ARG H 77 -13.68 12.21 2.71
CA ARG H 77 -14.49 12.82 1.68
C ARG H 77 -15.58 13.67 2.30
N ASP H 78 -16.15 13.26 3.44
CA ASP H 78 -17.15 14.11 4.05
C ASP H 78 -16.49 15.38 4.55
N GLN H 79 -15.27 15.28 5.09
CA GLN H 79 -14.63 16.49 5.56
C GLN H 79 -14.27 17.43 4.42
N GLN H 80 -13.88 16.87 3.27
CA GLN H 80 -13.55 17.71 2.15
C GLN H 80 -14.78 18.43 1.66
N LEU H 81 -15.92 17.73 1.63
CA LEU H 81 -17.13 18.33 1.16
C LEU H 81 -17.59 19.43 2.10
N LEU H 82 -17.46 19.19 3.39
CA LEU H 82 -17.83 20.22 4.32
C LEU H 82 -16.94 21.43 4.12
N GLY H 83 -15.64 21.22 3.88
CA GLY H 83 -14.75 22.35 3.63
C GLY H 83 -15.19 23.13 2.38
N ILE H 84 -15.64 22.42 1.35
CA ILE H 84 -16.11 23.03 0.11
C ILE H 84 -17.29 23.94 0.36
N TRP H 85 -18.16 23.55 1.26
CA TRP H 85 -19.32 24.35 1.60
C TRP H 85 -19.05 25.38 2.68
N GLY H 86 -17.81 25.47 3.16
CA GLY H 86 -17.43 26.40 4.22
C GLY H 86 -17.56 25.89 5.69
N CYS H 87 -17.91 24.61 5.89
CA CYS H 87 -18.13 23.98 7.19
C CYS H 87 -16.83 23.41 7.74
N SER H 88 -15.88 24.29 7.95
CA SER H 88 -14.63 23.83 8.46
C SER H 88 -14.72 23.77 9.97
N GLY H 89 -14.71 22.54 10.51
CA GLY H 89 -14.83 22.36 11.94
C GLY H 89 -16.22 22.56 12.51
N LYS H 90 -17.26 22.37 11.71
CA LYS H 90 -18.62 22.59 12.20
C LYS H 90 -19.54 21.40 12.07
N LEU H 91 -20.50 21.32 12.99
CA LEU H 91 -21.52 20.29 12.94
C LEU H 91 -22.80 20.87 12.35
N ILE H 92 -23.04 22.16 12.59
CA ILE H 92 -24.23 22.85 12.07
C ILE H 92 -23.80 24.11 11.32
N CYS H 93 -24.09 24.26 9.99
CA CYS H 93 -23.63 25.46 9.23
C CYS H 93 -24.74 26.22 8.58
N THR H 94 -24.70 27.52 8.77
CA THR H 94 -25.63 28.36 8.07
C THR H 94 -25.01 28.65 6.71
N THR H 95 -25.84 29.08 5.79
CA THR H 95 -25.45 29.39 4.42
C THR H 95 -26.02 30.63 3.81
N ASN H 96 -25.66 30.84 2.55
CA ASN H 96 -26.20 31.92 1.76
C ASN H 96 -27.16 31.40 0.68
N VAL H 97 -27.38 30.09 0.65
CA VAL H 97 -28.28 29.43 -0.29
C VAL H 97 -29.65 29.23 0.33
N PRO H 98 -30.74 29.79 -0.24
CA PRO H 98 -32.11 29.70 0.23
C PRO H 98 -32.67 28.33 -0.02
N TRP H 99 -33.66 27.97 0.75
CA TRP H 99 -34.39 26.73 0.56
C TRP H 99 -35.46 26.92 -0.52
N ASN H 100 -35.54 25.97 -1.45
CA ASN H 100 -36.49 25.89 -2.57
C ASN H 100 -37.72 25.08 -2.12
N SER H 101 -38.94 25.69 -2.24
CA SER H 101 -40.23 25.08 -1.82
C SER H 101 -40.59 23.85 -2.66
N THR H 102 -39.88 23.69 -3.76
CA THR H 102 -40.07 22.55 -4.63
C THR H 102 -39.38 21.34 -4.02
N TRP H 103 -38.28 21.56 -3.27
CA TRP H 103 -37.56 20.44 -2.70
C TRP H 103 -38.43 19.89 -1.62
N SER H 104 -38.99 20.79 -0.84
CA SER H 104 -39.93 20.42 0.20
C SER H 104 -40.74 21.61 0.66
N ASN H 105 -42.06 21.54 0.46
CA ASN H 105 -42.99 22.59 0.82
C ASN H 105 -43.54 22.40 2.23
N LYS H 106 -42.72 22.61 3.23
CA LYS H 106 -43.10 22.36 4.63
C LYS H 106 -42.71 23.53 5.50
N THR H 107 -43.32 23.66 6.68
CA THR H 107 -42.81 24.70 7.55
C THR H 107 -41.88 24.16 8.60
N LEU H 108 -41.28 25.07 9.36
CA LEU H 108 -40.28 24.67 10.34
C LEU H 108 -40.87 23.89 11.49
N SER H 109 -42.13 24.16 11.83
CA SER H 109 -42.82 23.50 12.92
C SER H 109 -43.24 22.08 12.54
N GLU H 110 -43.11 21.71 11.27
CA GLU H 110 -43.47 20.37 10.83
C GLU H 110 -42.21 19.54 10.64
N ILE H 111 -41.24 20.14 9.95
CA ILE H 111 -40.05 19.42 9.63
C ILE H 111 -39.13 19.22 10.84
N TRP H 112 -38.99 20.20 11.72
CA TRP H 112 -38.09 19.96 12.83
C TRP H 112 -38.74 19.23 14.01
N ASP H 113 -40.04 19.43 14.18
CA ASP H 113 -40.75 18.88 15.32
C ASP H 113 -41.50 17.57 15.13
N ASN H 114 -42.00 17.25 13.93
CA ASN H 114 -42.73 15.99 13.82
C ASN H 114 -41.91 14.91 13.13
N MET H 115 -41.19 15.30 12.10
CA MET H 115 -40.45 14.31 11.33
C MET H 115 -39.11 13.97 11.95
N THR H 116 -38.68 12.73 11.76
CA THR H 116 -37.37 12.26 12.16
C THR H 116 -36.48 12.34 10.92
N TRP H 117 -35.16 12.21 11.05
CA TRP H 117 -34.31 12.36 9.87
C TRP H 117 -34.56 11.29 8.80
N LEU H 118 -34.85 10.09 9.24
CA LEU H 118 -35.08 8.95 8.38
C LEU H 118 -36.37 9.05 7.62
N GLN H 119 -37.24 9.96 8.03
CA GLN H 119 -38.52 10.10 7.40
C GLN H 119 -38.55 11.13 6.31
N TRP H 120 -37.49 11.92 6.12
CA TRP H 120 -37.70 12.96 5.12
C TRP H 120 -36.48 12.90 4.23
N ASP H 121 -35.47 12.16 4.68
CA ASP H 121 -34.25 12.06 3.90
C ASP H 121 -34.61 11.56 2.51
N LYS H 122 -35.61 10.69 2.42
CA LYS H 122 -36.07 10.18 1.14
C LYS H 122 -36.62 11.29 0.25
N GLU H 123 -37.26 12.30 0.83
CA GLU H 123 -37.89 13.40 0.09
C GLU H 123 -36.86 14.22 -0.64
N ILE H 124 -35.67 14.28 -0.10
CA ILE H 124 -34.62 15.07 -0.70
C ILE H 124 -33.69 14.19 -1.54
N SER H 125 -34.02 12.91 -1.70
CA SER H 125 -33.12 12.04 -2.42
C SER H 125 -32.91 12.44 -3.88
N ASN H 126 -33.87 13.12 -4.50
CA ASN H 126 -33.66 13.55 -5.88
C ASN H 126 -33.28 15.02 -5.99
N TYR H 127 -32.98 15.66 -4.87
CA TYR H 127 -32.58 17.06 -4.87
C TYR H 127 -31.23 17.24 -4.24
N THR H 128 -30.65 16.17 -3.74
CA THR H 128 -29.42 16.25 -2.98
C THR H 128 -28.27 16.79 -3.79
N GLN H 129 -28.15 16.36 -5.02
CA GLN H 129 -27.05 16.80 -5.85
C GLN H 129 -27.22 18.27 -6.22
N ILE H 130 -28.47 18.70 -6.37
CA ILE H 130 -28.74 20.08 -6.70
C ILE H 130 -28.33 20.95 -5.55
N ILE H 131 -28.72 20.55 -4.34
CA ILE H 131 -28.40 21.34 -3.18
C ILE H 131 -26.91 21.39 -2.99
N TYR H 132 -26.23 20.27 -3.14
CA TYR H 132 -24.81 20.28 -2.94
C TYR H 132 -24.14 21.18 -3.95
N GLY H 133 -24.60 21.16 -5.21
CA GLY H 133 -24.02 22.04 -6.21
C GLY H 133 -24.23 23.51 -5.87
N LEU H 134 -25.41 23.85 -5.36
CA LEU H 134 -25.66 25.23 -5.00
C LEU H 134 -24.81 25.67 -3.84
N LEU H 135 -24.59 24.79 -2.87
CA LEU H 135 -23.77 25.17 -1.74
C LEU H 135 -22.34 25.42 -2.21
N GLU H 136 -21.83 24.60 -3.13
CA GLU H 136 -20.48 24.82 -3.63
C GLU H 136 -20.35 26.14 -4.36
N GLU H 137 -21.33 26.46 -5.20
CA GLU H 137 -21.24 27.70 -5.94
C GLU H 137 -21.30 28.90 -5.03
N SER H 138 -22.15 28.83 -4.01
CA SER H 138 -22.25 29.95 -3.11
C SER H 138 -20.94 30.17 -2.38
N GLN H 139 -20.29 29.07 -1.95
CA GLN H 139 -19.03 29.24 -1.23
C GLN H 139 -18.00 29.84 -2.15
N ASN H 140 -17.99 29.46 -3.43
CA ASN H 140 -16.99 30.03 -4.30
C ASN H 140 -17.18 31.53 -4.46
N GLN H 141 -18.43 31.98 -4.54
CA GLN H 141 -18.66 33.41 -4.69
C GLN H 141 -18.27 34.16 -3.43
N GLN H 142 -18.56 33.59 -2.26
CA GLN H 142 -18.18 34.26 -1.04
C GLN H 142 -16.68 34.42 -0.96
N GLU H 143 -15.95 33.37 -1.29
CA GLU H 143 -14.52 33.42 -1.20
C GLU H 143 -13.97 34.42 -2.17
N LYS H 144 -14.55 34.53 -3.35
CA LYS H 144 -14.01 35.48 -4.29
C LYS H 144 -14.13 36.89 -3.72
N ASN H 145 -15.26 37.23 -3.11
CA ASN H 145 -15.37 38.59 -2.59
C ASN H 145 -14.36 38.85 -1.49
N GLU H 146 -14.11 37.85 -0.65
CA GLU H 146 -13.15 37.97 0.43
C GLU H 146 -11.71 38.02 -0.08
N THR H 147 -11.45 37.31 -1.18
CA THR H 147 -10.15 37.24 -1.80
C THR H 147 -9.80 38.57 -2.47
N ASP H 148 -10.78 39.17 -3.15
CA ASP H 148 -10.58 40.44 -3.82
C ASP H 148 -10.45 41.60 -2.85
N ASN H 149 -11.09 41.49 -1.70
CA ASN H 149 -11.04 42.56 -0.72
C ASN H 149 -10.43 42.07 0.59
N LEU H 150 -9.11 42.14 0.69
CA LEU H 150 -8.39 41.60 1.84
C LEU H 150 -8.47 42.55 2.99
N THR H 151 -8.07 42.07 4.15
CA THR H 151 -7.94 42.95 5.30
C THR H 151 -6.43 43.00 5.56
N CYS H 152 -5.83 44.22 5.64
CA CYS H 152 -4.39 44.45 5.82
C CYS H 152 -4.11 45.28 7.06
N ASP H 153 -2.83 45.43 7.36
CA ASP H 153 -2.36 46.19 8.49
C ASP H 153 -3.10 45.74 9.72
#